data_1CWD
# 
_entry.id   1CWD 
# 
_audit_conform.dict_name       mmcif_pdbx.dic 
_audit_conform.dict_version    5.398 
_audit_conform.dict_location   http://mmcif.pdb.org/dictionaries/ascii/mmcif_pdbx.dic 
# 
loop_
_database_2.database_id 
_database_2.database_code 
_database_2.pdbx_database_accession 
_database_2.pdbx_DOI 
PDB   1CWD         pdb_00001cwd 10.2210/pdb1cwd/pdb 
WWPDB D_1000172568 ?            ?                   
# 
loop_
_pdbx_audit_revision_history.ordinal 
_pdbx_audit_revision_history.data_content_type 
_pdbx_audit_revision_history.major_revision 
_pdbx_audit_revision_history.minor_revision 
_pdbx_audit_revision_history.revision_date 
1 'Structure model' 1 0 1996-12-07 
2 'Structure model' 1 1 2008-03-24 
3 'Structure model' 1 2 2011-07-13 
4 'Structure model' 1 3 2024-06-05 
5 'Structure model' 1 4 2024-10-30 
# 
_pdbx_audit_revision_details.ordinal             1 
_pdbx_audit_revision_details.revision_ordinal    1 
_pdbx_audit_revision_details.data_content_type   'Structure model' 
_pdbx_audit_revision_details.provider            repository 
_pdbx_audit_revision_details.type                'Initial release' 
_pdbx_audit_revision_details.description         ? 
_pdbx_audit_revision_details.details             ? 
# 
loop_
_pdbx_audit_revision_group.ordinal 
_pdbx_audit_revision_group.revision_ordinal 
_pdbx_audit_revision_group.data_content_type 
_pdbx_audit_revision_group.group 
1  2 'Structure model' 'Version format compliance' 
2  3 'Structure model' 'Atomic model'              
3  3 'Structure model' 'Database references'       
4  3 'Structure model' 'Derived calculations'      
5  3 'Structure model' 'Non-polymer description'   
6  3 'Structure model' 'Structure summary'         
7  3 'Structure model' 'Version format compliance' 
8  4 'Structure model' 'Data collection'           
9  4 'Structure model' 'Database references'       
10 4 'Structure model' 'Derived calculations'      
11 4 'Structure model' Other                       
12 5 'Structure model' 'Structure summary'         
# 
loop_
_pdbx_audit_revision_category.ordinal 
_pdbx_audit_revision_category.revision_ordinal 
_pdbx_audit_revision_category.data_content_type 
_pdbx_audit_revision_category.category 
1 4 'Structure model' chem_comp_atom            
2 4 'Structure model' chem_comp_bond            
3 4 'Structure model' database_2                
4 4 'Structure model' pdbx_database_status      
5 4 'Structure model' struct_conn               
6 4 'Structure model' struct_ref_seq_dif        
7 5 'Structure model' pdbx_entry_details        
8 5 'Structure model' pdbx_modification_feature 
# 
loop_
_pdbx_audit_revision_item.ordinal 
_pdbx_audit_revision_item.revision_ordinal 
_pdbx_audit_revision_item.data_content_type 
_pdbx_audit_revision_item.item 
1 4 'Structure model' '_database_2.pdbx_DOI'                         
2 4 'Structure model' '_database_2.pdbx_database_accession'          
3 4 'Structure model' '_pdbx_database_status.process_site'           
4 4 'Structure model' '_struct_conn.pdbx_leaving_atom_flag'          
5 4 'Structure model' '_struct_ref_seq_dif.details'                  
6 5 'Structure model' '_pdbx_entry_details.has_protein_modification' 
# 
_pdbx_database_status.status_code                     REL 
_pdbx_database_status.entry_id                        1CWD 
_pdbx_database_status.recvd_initial_deposition_date   1995-09-06 
_pdbx_database_status.deposit_site                    ? 
_pdbx_database_status.process_site                    BNL 
_pdbx_database_status.SG_entry                        . 
_pdbx_database_status.pdb_format_compatible           Y 
_pdbx_database_status.status_code_mr                  ? 
_pdbx_database_status.status_code_sf                  ? 
_pdbx_database_status.status_code_cs                  ? 
_pdbx_database_status.status_code_nmr_data            ? 
_pdbx_database_status.methods_development_category    ? 
# 
_audit_author.name           'Mikol, V.' 
_audit_author.pdbx_ordinal   1 
# 
_citation.id                        primary 
_citation.title                     
'The crystal structures of the SH2 domain of p56lck complexed with two phosphopeptides suggest a gated peptide binding site.' 
_citation.journal_abbrev            J.Mol.Biol. 
_citation.journal_volume            246 
_citation.page_first                344 
_citation.page_last                 355 
_citation.year                      1995 
_citation.journal_id_ASTM           JMOBAK 
_citation.country                   UK 
_citation.journal_id_ISSN           0022-2836 
_citation.journal_id_CSD            0070 
_citation.book_publisher            ? 
_citation.pdbx_database_id_PubMed   7532720 
_citation.pdbx_database_id_DOI      10.1006/jmbi.1994.0089 
# 
loop_
_citation_author.citation_id 
_citation_author.name 
_citation_author.ordinal 
_citation_author.identifier_ORCID 
primary 'Mikol, V.'    1 ? 
primary 'Baumann, G.'  2 ? 
primary 'Keller, T.H.' 3 ? 
primary 'Manning, U.'  4 ? 
primary 'Zurini, M.G.' 5 ? 
# 
loop_
_entity.id 
_entity.type 
_entity.src_method 
_entity.pdbx_description 
_entity.formula_weight 
_entity.pdbx_number_of_molecules 
_entity.pdbx_ec 
_entity.pdbx_mutation 
_entity.pdbx_fragment 
_entity.details 
1 polymer man 'P56LCK TYROSINE KINASE'                                                                11134.396 1   ? ? 
'PHOSPHOTYROSINE RECOGNITION DOMAIN SH2' ? 
2 polymer man '(PHOSPHONOMETHYL)PHENYLALANINE-CONTAINING PEPTIDE PRO-GLU-GLY-ASP-PM3-GLU-GLU-VAL-LEU' 1128.080  1   ? ? ? ? 
3 water   nat water                                                                                   18.015    129 ? ? ? ? 
# 
loop_
_entity_poly.entity_id 
_entity_poly.type 
_entity_poly.nstd_linkage 
_entity_poly.nstd_monomer 
_entity_poly.pdbx_seq_one_letter_code 
_entity_poly.pdbx_seq_one_letter_code_can 
_entity_poly.pdbx_strand_id 
_entity_poly.pdbx_target_identifier 
1 'polypeptide(L)' no no  
;GSWFFKNLSRKDAERQLLAPGNTHGSFLIRESESTAGSFSLSVRDFDQNQGEVVKHYKIRNLDNGGFYISPRITFPGLHE
LVRHYTNASDGLCTRLSR
;
;GSWFFKNLSRKDAERQLLAPGNTHGSFLIRESESTAGSFSLSVRDFDQNQGEVVKHYKIRNLDNGGFYISPRITFPGLHE
LVRHYTNASDGLCTRLSR
;
L ? 
2 'polypeptide(L)' no yes 'PEGD(PM3)EEVL'                                                                                       
PEGDFEEVL                                                                                             P ? 
# 
_pdbx_entity_nonpoly.entity_id   3 
_pdbx_entity_nonpoly.name        water 
_pdbx_entity_nonpoly.comp_id     HOH 
# 
loop_
_entity_poly_seq.entity_id 
_entity_poly_seq.num 
_entity_poly_seq.mon_id 
_entity_poly_seq.hetero 
1 1  GLY n 
1 2  SER n 
1 3  TRP n 
1 4  PHE n 
1 5  PHE n 
1 6  LYS n 
1 7  ASN n 
1 8  LEU n 
1 9  SER n 
1 10 ARG n 
1 11 LYS n 
1 12 ASP n 
1 13 ALA n 
1 14 GLU n 
1 15 ARG n 
1 16 GLN n 
1 17 LEU n 
1 18 LEU n 
1 19 ALA n 
1 20 PRO n 
1 21 GLY n 
1 22 ASN n 
1 23 THR n 
1 24 HIS n 
1 25 GLY n 
1 26 SER n 
1 27 PHE n 
1 28 LEU n 
1 29 ILE n 
1 30 ARG n 
1 31 GLU n 
1 32 SER n 
1 33 GLU n 
1 34 SER n 
1 35 THR n 
1 36 ALA n 
1 37 GLY n 
1 38 SER n 
1 39 PHE n 
1 40 SER n 
1 41 LEU n 
1 42 SER n 
1 43 VAL n 
1 44 ARG n 
1 45 ASP n 
1 46 PHE n 
1 47 ASP n 
1 48 GLN n 
1 49 ASN n 
1 50 GLN n 
1 51 GLY n 
1 52 GLU n 
1 53 VAL n 
1 54 VAL n 
1 55 LYS n 
1 56 HIS n 
1 57 TYR n 
1 58 LYS n 
1 59 ILE n 
1 60 ARG n 
1 61 ASN n 
1 62 LEU n 
1 63 ASP n 
1 64 ASN n 
1 65 GLY n 
1 66 GLY n 
1 67 PHE n 
1 68 TYR n 
1 69 ILE n 
1 70 SER n 
1 71 PRO n 
1 72 ARG n 
1 73 ILE n 
1 74 THR n 
1 75 PHE n 
1 76 PRO n 
1 77 GLY n 
1 78 LEU n 
1 79 HIS n 
1 80 GLU n 
1 81 LEU n 
1 82 VAL n 
1 83 ARG n 
1 84 HIS n 
1 85 TYR n 
1 86 THR n 
1 87 ASN n 
1 88 ALA n 
1 89 SER n 
1 90 ASP n 
1 91 GLY n 
1 92 LEU n 
1 93 CYS n 
1 94 THR n 
1 95 ARG n 
1 96 LEU n 
1 97 SER n 
1 98 ARG n 
2 1  PRO n 
2 2  GLU n 
2 3  GLY n 
2 4  ASP n 
2 5  PM3 n 
2 6  GLU n 
2 7  GLU n 
2 8  VAL n 
2 9  LEU n 
# 
_entity_src_gen.entity_id                          1 
_entity_src_gen.pdbx_src_id                        1 
_entity_src_gen.pdbx_alt_source_flag               sample 
_entity_src_gen.pdbx_seq_type                      ? 
_entity_src_gen.pdbx_beg_seq_num                   ? 
_entity_src_gen.pdbx_end_seq_num                   ? 
_entity_src_gen.gene_src_common_name               human 
_entity_src_gen.gene_src_genus                     Homo 
_entity_src_gen.pdbx_gene_src_gene                 ? 
_entity_src_gen.gene_src_species                   ? 
_entity_src_gen.gene_src_strain                    ? 
_entity_src_gen.gene_src_tissue                    ? 
_entity_src_gen.gene_src_tissue_fraction           ? 
_entity_src_gen.gene_src_details                   ? 
_entity_src_gen.pdbx_gene_src_fragment             ? 
_entity_src_gen.pdbx_gene_src_scientific_name      'Homo sapiens' 
_entity_src_gen.pdbx_gene_src_ncbi_taxonomy_id     9606 
_entity_src_gen.pdbx_gene_src_variant              ? 
_entity_src_gen.pdbx_gene_src_cell_line            ? 
_entity_src_gen.pdbx_gene_src_atcc                 ? 
_entity_src_gen.pdbx_gene_src_organ                ? 
_entity_src_gen.pdbx_gene_src_organelle            ? 
_entity_src_gen.pdbx_gene_src_cell                 ? 
_entity_src_gen.pdbx_gene_src_cellular_location    ? 
_entity_src_gen.host_org_common_name               ? 
_entity_src_gen.pdbx_host_org_scientific_name      'Escherichia coli' 
_entity_src_gen.pdbx_host_org_ncbi_taxonomy_id     562 
_entity_src_gen.host_org_genus                     Escherichia 
_entity_src_gen.pdbx_host_org_gene                 ? 
_entity_src_gen.pdbx_host_org_organ                ? 
_entity_src_gen.host_org_species                   ? 
_entity_src_gen.pdbx_host_org_tissue               ? 
_entity_src_gen.pdbx_host_org_tissue_fraction      ? 
_entity_src_gen.pdbx_host_org_strain               ? 
_entity_src_gen.pdbx_host_org_variant              ? 
_entity_src_gen.pdbx_host_org_cell_line            ? 
_entity_src_gen.pdbx_host_org_atcc                 ? 
_entity_src_gen.pdbx_host_org_culture_collection   ? 
_entity_src_gen.pdbx_host_org_cell                 ? 
_entity_src_gen.pdbx_host_org_organelle            ? 
_entity_src_gen.pdbx_host_org_cellular_location    ? 
_entity_src_gen.pdbx_host_org_vector_type          ? 
_entity_src_gen.pdbx_host_org_vector               ? 
_entity_src_gen.host_org_details                   ? 
_entity_src_gen.expression_system_id               ? 
_entity_src_gen.plasmid_name                       ? 
_entity_src_gen.plasmid_details                    ? 
_entity_src_gen.pdbx_description                   ? 
# 
loop_
_chem_comp.id 
_chem_comp.type 
_chem_comp.mon_nstd_flag 
_chem_comp.name 
_chem_comp.pdbx_synonyms 
_chem_comp.formula 
_chem_comp.formula_weight 
ALA 'L-peptide linking' y ALANINE                                               ? 'C3 H7 N O2'     89.093  
ARG 'L-peptide linking' y ARGININE                                              ? 'C6 H15 N4 O2 1' 175.209 
ASN 'L-peptide linking' y ASPARAGINE                                            ? 'C4 H8 N2 O3'    132.118 
ASP 'L-peptide linking' y 'ASPARTIC ACID'                                       ? 'C4 H7 N O4'     133.103 
CYS 'L-peptide linking' y CYSTEINE                                              ? 'C3 H7 N O2 S'   121.158 
GLN 'L-peptide linking' y GLUTAMINE                                             ? 'C5 H10 N2 O3'   146.144 
GLU 'L-peptide linking' y 'GLUTAMIC ACID'                                       ? 'C5 H9 N O4'     147.129 
GLY 'peptide linking'   y GLYCINE                                               ? 'C2 H5 N O2'     75.067  
HIS 'L-peptide linking' y HISTIDINE                                             ? 'C6 H10 N3 O2 1' 156.162 
HOH non-polymer         . WATER                                                 ? 'H2 O'           18.015  
ILE 'L-peptide linking' y ISOLEUCINE                                            ? 'C6 H13 N O2'    131.173 
LEU 'L-peptide linking' y LEUCINE                                               ? 'C6 H13 N O2'    131.173 
LYS 'L-peptide linking' y LYSINE                                                ? 'C6 H15 N2 O2 1' 147.195 
PHE 'L-peptide linking' y PHENYLALANINE                                         ? 'C9 H11 N O2'    165.189 
PM3 'L-peptide linking' n '2-AMINO-3-(4-PHOSPHONOMETHYL-PHENYL)-PROPIONIC ACID' ? 'C10 H14 N O5 P' 259.196 
PRO 'L-peptide linking' y PROLINE                                               ? 'C5 H9 N O2'     115.130 
SER 'L-peptide linking' y SERINE                                                ? 'C3 H7 N O3'     105.093 
THR 'L-peptide linking' y THREONINE                                             ? 'C4 H9 N O3'     119.119 
TRP 'L-peptide linking' y TRYPTOPHAN                                            ? 'C11 H12 N2 O2'  204.225 
TYR 'L-peptide linking' y TYROSINE                                              ? 'C9 H11 N O3'    181.189 
VAL 'L-peptide linking' y VALINE                                                ? 'C5 H11 N O2'    117.146 
# 
loop_
_pdbx_poly_seq_scheme.asym_id 
_pdbx_poly_seq_scheme.entity_id 
_pdbx_poly_seq_scheme.seq_id 
_pdbx_poly_seq_scheme.mon_id 
_pdbx_poly_seq_scheme.ndb_seq_num 
_pdbx_poly_seq_scheme.pdb_seq_num 
_pdbx_poly_seq_scheme.auth_seq_num 
_pdbx_poly_seq_scheme.pdb_mon_id 
_pdbx_poly_seq_scheme.auth_mon_id 
_pdbx_poly_seq_scheme.pdb_strand_id 
_pdbx_poly_seq_scheme.pdb_ins_code 
_pdbx_poly_seq_scheme.hetero 
A 1 1  GLY 1  3   3   GLY GLY L . n 
A 1 2  SER 2  4   4   SER SER L . n 
A 1 3  TRP 3  5   5   TRP TRP L . n 
A 1 4  PHE 4  6   6   PHE PHE L . n 
A 1 5  PHE 5  7   7   PHE PHE L . n 
A 1 6  LYS 6  8   8   LYS LYS L . n 
A 1 7  ASN 7  9   9   ASN ASN L . n 
A 1 8  LEU 8  10  10  LEU LEU L . n 
A 1 9  SER 9  11  11  SER SER L . n 
A 1 10 ARG 10 12  12  ARG ARG L . n 
A 1 11 LYS 11 13  13  LYS LYS L . n 
A 1 12 ASP 12 14  14  ASP ASP L . n 
A 1 13 ALA 13 15  15  ALA ALA L . n 
A 1 14 GLU 14 16  16  GLU GLU L . n 
A 1 15 ARG 15 17  17  ARG ARG L . n 
A 1 16 GLN 16 18  18  GLN GLN L . n 
A 1 17 LEU 17 19  19  LEU LEU L . n 
A 1 18 LEU 18 20  20  LEU LEU L . n 
A 1 19 ALA 19 21  21  ALA ALA L . n 
A 1 20 PRO 20 22  22  PRO PRO L . n 
A 1 21 GLY 21 23  23  GLY GLY L . n 
A 1 22 ASN 22 24  24  ASN ASN L . n 
A 1 23 THR 23 25  25  THR THR L . n 
A 1 24 HIS 24 26  26  HIS HIS L . n 
A 1 25 GLY 25 27  27  GLY GLY L . n 
A 1 26 SER 26 28  28  SER SER L . n 
A 1 27 PHE 27 29  29  PHE PHE L . n 
A 1 28 LEU 28 30  30  LEU LEU L . n 
A 1 29 ILE 29 31  31  ILE ILE L . n 
A 1 30 ARG 30 32  32  ARG ARG L . n 
A 1 31 GLU 31 33  33  GLU GLU L . n 
A 1 32 SER 32 34  34  SER SER L . n 
A 1 33 GLU 33 35  35  GLU GLU L . n 
A 1 34 SER 34 36  36  SER SER L . n 
A 1 35 THR 35 37  37  THR THR L . n 
A 1 36 ALA 36 38  38  ALA ALA L . n 
A 1 37 GLY 37 39  39  GLY GLY L . n 
A 1 38 SER 38 40  40  SER SER L . n 
A 1 39 PHE 39 41  41  PHE PHE L . n 
A 1 40 SER 40 42  42  SER SER L . n 
A 1 41 LEU 41 43  43  LEU LEU L . n 
A 1 42 SER 42 44  44  SER SER L . n 
A 1 43 VAL 43 45  45  VAL VAL L . n 
A 1 44 ARG 44 46  46  ARG ARG L . n 
A 1 45 ASP 45 47  47  ASP ASP L . n 
A 1 46 PHE 46 48  48  PHE PHE L . n 
A 1 47 ASP 47 49  49  ASP ASP L . n 
A 1 48 GLN 48 50  50  GLN GLN L . n 
A 1 49 ASN 49 51  51  ASN ASN L . n 
A 1 50 GLN 50 52  52  GLN GLN L . n 
A 1 51 GLY 51 53  53  GLY GLY L . n 
A 1 52 GLU 52 54  54  GLU GLU L . n 
A 1 53 VAL 53 55  55  VAL VAL L . n 
A 1 54 VAL 54 56  56  VAL VAL L . n 
A 1 55 LYS 55 57  57  LYS LYS L . n 
A 1 56 HIS 56 58  58  HIS HIS L . n 
A 1 57 TYR 57 59  59  TYR TYR L . n 
A 1 58 LYS 58 60  60  LYS LYS L . n 
A 1 59 ILE 59 61  61  ILE ILE L . n 
A 1 60 ARG 60 62  62  ARG ARG L . n 
A 1 61 ASN 61 63  63  ASN ASN L . n 
A 1 62 LEU 62 64  64  LEU LEU L . n 
A 1 63 ASP 63 65  65  ASP ASP L . n 
A 1 64 ASN 64 66  66  ASN ASN L . n 
A 1 65 GLY 65 67  67  GLY GLY L . n 
A 1 66 GLY 66 68  68  GLY GLY L . n 
A 1 67 PHE 67 69  69  PHE PHE L . n 
A 1 68 TYR 68 70  70  TYR TYR L . n 
A 1 69 ILE 69 71  71  ILE ILE L . n 
A 1 70 SER 70 72  72  SER SER L . n 
A 1 71 PRO 71 73  73  PRO PRO L . n 
A 1 72 ARG 72 74  74  ARG ARG L . n 
A 1 73 ILE 73 75  75  ILE ILE L . n 
A 1 74 THR 74 76  76  THR THR L . n 
A 1 75 PHE 75 77  77  PHE PHE L . n 
A 1 76 PRO 76 78  78  PRO PRO L . n 
A 1 77 GLY 77 79  79  GLY GLY L . n 
A 1 78 LEU 78 80  80  LEU LEU L . n 
A 1 79 HIS 79 81  81  HIS HIS L . n 
A 1 80 GLU 80 82  82  GLU GLU L . n 
A 1 81 LEU 81 83  83  LEU LEU L . n 
A 1 82 VAL 82 84  84  VAL VAL L . n 
A 1 83 ARG 83 85  85  ARG ARG L . n 
A 1 84 HIS 84 86  86  HIS HIS L . n 
A 1 85 TYR 85 87  87  TYR TYR L . n 
A 1 86 THR 86 88  88  THR THR L . n 
A 1 87 ASN 87 89  89  ASN ASN L . n 
A 1 88 ALA 88 90  90  ALA ALA L . n 
A 1 89 SER 89 91  91  SER SER L . n 
A 1 90 ASP 90 92  92  ASP ASP L . n 
A 1 91 GLY 91 93  93  GLY GLY L . n 
A 1 92 LEU 92 94  94  LEU LEU L . n 
A 1 93 CYS 93 95  95  CYS CYS L . n 
A 1 94 THR 94 96  96  THR THR L . n 
A 1 95 ARG 95 97  97  ARG ARG L . n 
A 1 96 LEU 96 98  98  LEU LEU L . n 
A 1 97 SER 97 99  99  SER SER L . n 
A 1 98 ARG 98 100 100 ARG ARG L . n 
B 2 1  PRO 1  1   ?   ?   ?   P . n 
B 2 2  GLU 2  2   2   GLU GLU P . n 
B 2 3  GLY 3  3   3   GLY GLY P . n 
B 2 4  ASP 4  4   4   ASP ASP P . n 
B 2 5  PM3 5  5   5   PM3 PHE P . n 
B 2 6  GLU 6  6   6   GLU GLU P . n 
B 2 7  GLU 7  7   7   GLU GLU P . n 
B 2 8  VAL 8  8   8   VAL VAL P . n 
B 2 9  LEU 9  9   9   LEU LEU P . n 
# 
loop_
_pdbx_nonpoly_scheme.asym_id 
_pdbx_nonpoly_scheme.entity_id 
_pdbx_nonpoly_scheme.mon_id 
_pdbx_nonpoly_scheme.ndb_seq_num 
_pdbx_nonpoly_scheme.pdb_seq_num 
_pdbx_nonpoly_scheme.auth_seq_num 
_pdbx_nonpoly_scheme.pdb_mon_id 
_pdbx_nonpoly_scheme.auth_mon_id 
_pdbx_nonpoly_scheme.pdb_strand_id 
_pdbx_nonpoly_scheme.pdb_ins_code 
C 3 HOH 1   101 1   HOH HOH L . 
C 3 HOH 2   102 2   HOH HOH L . 
C 3 HOH 3   103 4   HOH HOH L . 
C 3 HOH 4   104 5   HOH HOH L . 
C 3 HOH 5   105 6   HOH HOH L . 
C 3 HOH 6   106 7   HOH HOH L . 
C 3 HOH 7   107 8   HOH HOH L . 
C 3 HOH 8   108 9   HOH HOH L . 
C 3 HOH 9   109 10  HOH HOH L . 
C 3 HOH 10  110 11  HOH HOH L . 
C 3 HOH 11  111 12  HOH HOH L . 
C 3 HOH 12  112 14  HOH HOH L . 
C 3 HOH 13  113 16  HOH HOH L . 
C 3 HOH 14  114 17  HOH HOH L . 
C 3 HOH 15  115 21  HOH HOH L . 
C 3 HOH 16  116 22  HOH HOH L . 
C 3 HOH 17  117 23  HOH HOH L . 
C 3 HOH 18  118 24  HOH HOH L . 
C 3 HOH 19  119 25  HOH HOH L . 
C 3 HOH 20  120 26  HOH HOH L . 
C 3 HOH 21  121 28  HOH HOH L . 
C 3 HOH 22  122 29  HOH HOH L . 
C 3 HOH 23  123 30  HOH HOH L . 
C 3 HOH 24  124 31  HOH HOH L . 
C 3 HOH 25  125 32  HOH HOH L . 
C 3 HOH 26  126 33  HOH HOH L . 
C 3 HOH 27  127 34  HOH HOH L . 
C 3 HOH 28  128 35  HOH HOH L . 
C 3 HOH 29  129 37  HOH HOH L . 
C 3 HOH 30  130 38  HOH HOH L . 
C 3 HOH 31  131 39  HOH HOH L . 
C 3 HOH 32  132 40  HOH HOH L . 
C 3 HOH 33  133 41  HOH HOH L . 
C 3 HOH 34  134 42  HOH HOH L . 
C 3 HOH 35  135 43  HOH HOH L . 
C 3 HOH 36  136 44  HOH HOH L . 
C 3 HOH 37  137 45  HOH HOH L . 
C 3 HOH 38  138 46  HOH HOH L . 
C 3 HOH 39  139 47  HOH HOH L . 
C 3 HOH 40  140 48  HOH HOH L . 
C 3 HOH 41  141 49  HOH HOH L . 
C 3 HOH 42  142 50  HOH HOH L . 
C 3 HOH 43  143 52  HOH HOH L . 
C 3 HOH 44  144 53  HOH HOH L . 
C 3 HOH 45  145 54  HOH HOH L . 
C 3 HOH 46  146 55  HOH HOH L . 
C 3 HOH 47  147 56  HOH HOH L . 
C 3 HOH 48  148 57  HOH HOH L . 
C 3 HOH 49  149 59  HOH HOH L . 
C 3 HOH 50  150 60  HOH HOH L . 
C 3 HOH 51  151 61  HOH HOH L . 
C 3 HOH 52  152 62  HOH HOH L . 
C 3 HOH 53  153 63  HOH HOH L . 
C 3 HOH 54  154 64  HOH HOH L . 
C 3 HOH 55  155 65  HOH HOH L . 
C 3 HOH 56  156 66  HOH HOH L . 
C 3 HOH 57  157 67  HOH HOH L . 
C 3 HOH 58  158 68  HOH HOH L . 
C 3 HOH 59  159 69  HOH HOH L . 
C 3 HOH 60  160 70  HOH HOH L . 
C 3 HOH 61  161 71  HOH HOH L . 
C 3 HOH 62  162 72  HOH HOH L . 
C 3 HOH 63  163 73  HOH HOH L . 
C 3 HOH 64  164 74  HOH HOH L . 
C 3 HOH 65  165 75  HOH HOH L . 
C 3 HOH 66  166 76  HOH HOH L . 
C 3 HOH 67  167 77  HOH HOH L . 
C 3 HOH 68  168 78  HOH HOH L . 
C 3 HOH 69  169 79  HOH HOH L . 
C 3 HOH 70  170 80  HOH HOH L . 
C 3 HOH 71  171 81  HOH HOH L . 
C 3 HOH 72  172 82  HOH HOH L . 
C 3 HOH 73  173 83  HOH HOH L . 
C 3 HOH 74  174 85  HOH HOH L . 
C 3 HOH 75  175 86  HOH HOH L . 
C 3 HOH 76  176 87  HOH HOH L . 
C 3 HOH 77  177 88  HOH HOH L . 
C 3 HOH 78  178 89  HOH HOH L . 
C 3 HOH 79  179 90  HOH HOH L . 
C 3 HOH 80  180 91  HOH HOH L . 
C 3 HOH 81  181 92  HOH HOH L . 
C 3 HOH 82  182 93  HOH HOH L . 
C 3 HOH 83  183 94  HOH HOH L . 
C 3 HOH 84  184 95  HOH HOH L . 
C 3 HOH 85  185 96  HOH HOH L . 
C 3 HOH 86  186 97  HOH HOH L . 
C 3 HOH 87  187 98  HOH HOH L . 
C 3 HOH 88  188 99  HOH HOH L . 
C 3 HOH 89  189 100 HOH HOH L . 
C 3 HOH 90  190 101 HOH HOH L . 
C 3 HOH 91  191 102 HOH HOH L . 
C 3 HOH 92  192 103 HOH HOH L . 
C 3 HOH 93  193 104 HOH HOH L . 
C 3 HOH 94  194 105 HOH HOH L . 
C 3 HOH 95  195 106 HOH HOH L . 
C 3 HOH 96  196 107 HOH HOH L . 
C 3 HOH 97  197 110 HOH HOH L . 
C 3 HOH 98  198 112 HOH HOH L . 
C 3 HOH 99  199 113 HOH HOH L . 
C 3 HOH 100 200 114 HOH HOH L . 
C 3 HOH 101 201 115 HOH HOH L . 
C 3 HOH 102 202 116 HOH HOH L . 
C 3 HOH 103 203 117 HOH HOH L . 
C 3 HOH 104 204 118 HOH HOH L . 
C 3 HOH 105 205 119 HOH HOH L . 
C 3 HOH 106 206 120 HOH HOH L . 
C 3 HOH 107 207 121 HOH HOH L . 
C 3 HOH 108 208 122 HOH HOH L . 
C 3 HOH 109 209 123 HOH HOH L . 
C 3 HOH 110 210 124 HOH HOH L . 
C 3 HOH 111 211 125 HOH HOH L . 
C 3 HOH 112 212 126 HOH HOH L . 
C 3 HOH 113 213 127 HOH HOH L . 
C 3 HOH 114 214 128 HOH HOH L . 
C 3 HOH 115 215 129 HOH HOH L . 
D 3 HOH 1   10  3   HOH HOH P . 
D 3 HOH 2   11  13  HOH HOH P . 
D 3 HOH 3   12  15  HOH HOH P . 
D 3 HOH 4   13  18  HOH HOH P . 
D 3 HOH 5   14  19  HOH HOH P . 
D 3 HOH 6   15  20  HOH HOH P . 
D 3 HOH 7   16  27  HOH HOH P . 
D 3 HOH 8   17  36  HOH HOH P . 
D 3 HOH 9   18  51  HOH HOH P . 
D 3 HOH 10  19  58  HOH HOH P . 
D 3 HOH 11  20  84  HOH HOH P . 
D 3 HOH 12  21  108 HOH HOH P . 
D 3 HOH 13  22  109 HOH HOH P . 
D 3 HOH 14  23  111 HOH HOH P . 
# 
loop_
_pdbx_unobs_or_zero_occ_atoms.id 
_pdbx_unobs_or_zero_occ_atoms.PDB_model_num 
_pdbx_unobs_or_zero_occ_atoms.polymer_flag 
_pdbx_unobs_or_zero_occ_atoms.occupancy_flag 
_pdbx_unobs_or_zero_occ_atoms.auth_asym_id 
_pdbx_unobs_or_zero_occ_atoms.auth_comp_id 
_pdbx_unobs_or_zero_occ_atoms.auth_seq_id 
_pdbx_unobs_or_zero_occ_atoms.PDB_ins_code 
_pdbx_unobs_or_zero_occ_atoms.auth_atom_id 
_pdbx_unobs_or_zero_occ_atoms.label_alt_id 
_pdbx_unobs_or_zero_occ_atoms.label_asym_id 
_pdbx_unobs_or_zero_occ_atoms.label_comp_id 
_pdbx_unobs_or_zero_occ_atoms.label_seq_id 
_pdbx_unobs_or_zero_occ_atoms.label_atom_id 
1 1 Y 1 L ARG 100 ? CG  ? A ARG 98 CG  
2 1 Y 1 L ARG 100 ? CD  ? A ARG 98 CD  
3 1 Y 1 L ARG 100 ? NE  ? A ARG 98 NE  
4 1 Y 1 L ARG 100 ? CZ  ? A ARG 98 CZ  
5 1 Y 1 L ARG 100 ? NH1 ? A ARG 98 NH1 
6 1 Y 1 L ARG 100 ? NH2 ? A ARG 98 NH2 
# 
_software.name             X-PLOR 
_software.classification   refinement 
_software.version          . 
_software.citation_id      ? 
_software.pdbx_ordinal     1 
# 
_cell.entry_id           1CWD 
_cell.length_a           44.660 
_cell.length_b           46.660 
_cell.length_c           58.298 
_cell.angle_alpha        90.00 
_cell.angle_beta         90.00 
_cell.angle_gamma        90.00 
_cell.Z_PDB              4 
_cell.pdbx_unique_axis   ? 
# 
_symmetry.entry_id                         1CWD 
_symmetry.space_group_name_H-M             'P 21 21 21' 
_symmetry.pdbx_full_space_group_name_H-M   ? 
_symmetry.cell_setting                     ? 
_symmetry.Int_Tables_number                19 
# 
_exptl.entry_id          1CWD 
_exptl.method            'X-RAY DIFFRACTION' 
_exptl.crystals_number   ? 
# 
_exptl_crystal.id                    1 
_exptl_crystal.density_meas          ? 
_exptl_crystal.density_Matthews      2.48 
_exptl_crystal.density_percent_sol   50.32 
_exptl_crystal.description           ? 
# 
_diffrn.id                     1 
_diffrn.ambient_temp           ? 
_diffrn.ambient_temp_details   ? 
_diffrn.crystal_id             1 
# 
_diffrn_radiation.diffrn_id                        1 
_diffrn_radiation.wavelength_id                    1 
_diffrn_radiation.pdbx_monochromatic_or_laue_m_l   ? 
_diffrn_radiation.monochromator                    ? 
_diffrn_radiation.pdbx_diffrn_protocol             ? 
_diffrn_radiation.pdbx_scattering_type             x-ray 
# 
_diffrn_radiation_wavelength.id           1 
_diffrn_radiation_wavelength.wavelength   . 
_diffrn_radiation_wavelength.wt           1.0 
# 
_reflns.entry_id                     1CWD 
_reflns.observed_criterion_sigma_I   ? 
_reflns.observed_criterion_sigma_F   ? 
_reflns.d_resolution_low             8.0 
_reflns.d_resolution_high            2.25 
_reflns.number_obs                   5815 
_reflns.number_all                   ? 
_reflns.percent_possible_obs         95.6 
_reflns.pdbx_Rmerge_I_obs            ? 
_reflns.pdbx_Rsym_value              ? 
_reflns.pdbx_netI_over_sigmaI        ? 
_reflns.B_iso_Wilson_estimate        ? 
_reflns.pdbx_redundancy              ? 
_reflns.pdbx_ordinal                 1 
_reflns.pdbx_diffrn_id               1 
# 
_refine.entry_id                                 1CWD 
_refine.ls_number_reflns_obs                     ? 
_refine.ls_number_reflns_all                     ? 
_refine.pdbx_ls_sigma_I                          ? 
_refine.pdbx_ls_sigma_F                          2.0 
_refine.pdbx_data_cutoff_high_absF               ? 
_refine.pdbx_data_cutoff_low_absF                ? 
_refine.pdbx_data_cutoff_high_rms_absF           ? 
_refine.ls_d_res_low                             8.0 
_refine.ls_d_res_high                            2.25 
_refine.ls_percent_reflns_obs                    ? 
_refine.ls_R_factor_obs                          0.185 
_refine.ls_R_factor_all                          ? 
_refine.ls_R_factor_R_work                       0.185 
_refine.ls_R_factor_R_free                       ? 
_refine.ls_R_factor_R_free_error                 ? 
_refine.ls_R_factor_R_free_error_details         ? 
_refine.ls_percent_reflns_R_free                 ? 
_refine.ls_number_reflns_R_free                  ? 
_refine.ls_number_parameters                     ? 
_refine.ls_number_restraints                     ? 
_refine.occupancy_min                            ? 
_refine.occupancy_max                            ? 
_refine.B_iso_mean                               ? 
_refine.aniso_B[1][1]                            ? 
_refine.aniso_B[2][2]                            ? 
_refine.aniso_B[3][3]                            ? 
_refine.aniso_B[1][2]                            ? 
_refine.aniso_B[1][3]                            ? 
_refine.aniso_B[2][3]                            ? 
_refine.solvent_model_details                    ? 
_refine.solvent_model_param_ksol                 ? 
_refine.solvent_model_param_bsol                 ? 
_refine.pdbx_ls_cross_valid_method               ? 
_refine.details                                  ? 
_refine.pdbx_starting_model                      ? 
_refine.pdbx_method_to_determine_struct          ? 
_refine.pdbx_isotropic_thermal_model             ? 
_refine.pdbx_stereochemistry_target_values       ? 
_refine.pdbx_stereochem_target_val_spec_case     ? 
_refine.pdbx_R_Free_selection_details            ? 
_refine.pdbx_overall_ESU_R                       ? 
_refine.pdbx_overall_ESU_R_Free                  ? 
_refine.overall_SU_ML                            ? 
_refine.overall_SU_B                             ? 
_refine.pdbx_refine_id                           'X-RAY DIFFRACTION' 
_refine.pdbx_diffrn_id                           1 
_refine.pdbx_TLS_residual_ADP_flag               ? 
_refine.correlation_coeff_Fo_to_Fc               ? 
_refine.correlation_coeff_Fo_to_Fc_free          ? 
_refine.pdbx_solvent_vdw_probe_radii             ? 
_refine.pdbx_solvent_ion_probe_radii             ? 
_refine.pdbx_solvent_shrinkage_radii             ? 
_refine.pdbx_overall_phase_error                 ? 
_refine.overall_SU_R_Cruickshank_DPI             ? 
_refine.pdbx_overall_SU_R_free_Cruickshank_DPI   ? 
_refine.pdbx_overall_SU_R_Blow_DPI               ? 
_refine.pdbx_overall_SU_R_free_Blow_DPI          ? 
# 
_refine_hist.pdbx_refine_id                   'X-RAY DIFFRACTION' 
_refine_hist.cycle_id                         LAST 
_refine_hist.pdbx_number_atoms_protein        851 
_refine_hist.pdbx_number_atoms_nucleic_acid   0 
_refine_hist.pdbx_number_atoms_ligand         0 
_refine_hist.number_atoms_solvent             129 
_refine_hist.number_atoms_total               980 
_refine_hist.d_res_high                       2.25 
_refine_hist.d_res_low                        8.0 
# 
loop_
_refine_ls_restr.type 
_refine_ls_restr.dev_ideal 
_refine_ls_restr.dev_ideal_target 
_refine_ls_restr.weight 
_refine_ls_restr.number 
_refine_ls_restr.pdbx_refine_id 
_refine_ls_restr.pdbx_restraint_function 
x_bond_d                0.015 ? ? ? 'X-RAY DIFFRACTION' ? 
x_bond_d_na             ?     ? ? ? 'X-RAY DIFFRACTION' ? 
x_bond_d_prot           ?     ? ? ? 'X-RAY DIFFRACTION' ? 
x_angle_d               ?     ? ? ? 'X-RAY DIFFRACTION' ? 
x_angle_d_na            ?     ? ? ? 'X-RAY DIFFRACTION' ? 
x_angle_d_prot          ?     ? ? ? 'X-RAY DIFFRACTION' ? 
x_angle_deg             1.85  ? ? ? 'X-RAY DIFFRACTION' ? 
x_angle_deg_na          ?     ? ? ? 'X-RAY DIFFRACTION' ? 
x_angle_deg_prot        ?     ? ? ? 'X-RAY DIFFRACTION' ? 
x_dihedral_angle_d      ?     ? ? ? 'X-RAY DIFFRACTION' ? 
x_dihedral_angle_d_na   ?     ? ? ? 'X-RAY DIFFRACTION' ? 
x_dihedral_angle_d_prot ?     ? ? ? 'X-RAY DIFFRACTION' ? 
x_improper_angle_d      ?     ? ? ? 'X-RAY DIFFRACTION' ? 
x_improper_angle_d_na   ?     ? ? ? 'X-RAY DIFFRACTION' ? 
x_improper_angle_d_prot ?     ? ? ? 'X-RAY DIFFRACTION' ? 
x_mcbond_it             ?     ? ? ? 'X-RAY DIFFRACTION' ? 
x_mcangle_it            ?     ? ? ? 'X-RAY DIFFRACTION' ? 
x_scbond_it             ?     ? ? ? 'X-RAY DIFFRACTION' ? 
x_scangle_it            ?     ? ? ? 'X-RAY DIFFRACTION' ? 
# 
_struct.entry_id                  1CWD 
_struct.title                     'HUMAN P56LCK TYROSINE KINASE COMPLEXED WITH PHOSPHOPEPTIDE' 
_struct.pdbx_model_details        ? 
_struct.pdbx_CASP_flag            ? 
_struct.pdbx_model_type_details   ? 
# 
_struct_keywords.entry_id        1CWD 
_struct_keywords.pdbx_keywords   'PHOSPHOTRANSFERASE/TRANSFERASE INHIBITOR' 
_struct_keywords.text            
'PHOSPHOTRANSFERASE, COMPLEX (PHOSPHOTRANSFERASE-PEPTIDE), PHOSPHOTRANSFERASE-TRANSFERASE INHIBITOR COMPLEX' 
# 
loop_
_struct_asym.id 
_struct_asym.pdbx_blank_PDB_chainid_flag 
_struct_asym.pdbx_modified 
_struct_asym.entity_id 
_struct_asym.details 
A N N 1 ? 
B N N 2 ? 
C N N 3 ? 
D N N 3 ? 
# 
loop_
_struct_ref.id 
_struct_ref.db_name 
_struct_ref.db_code 
_struct_ref.entity_id 
_struct_ref.pdbx_db_accession 
_struct_ref.pdbx_align_begin 
_struct_ref.pdbx_seq_one_letter_code 
_struct_ref.pdbx_db_isoform 
1 UNP LCK_HUMAN 1 P06239 1 
;GCGCSSHPEDDWMENIDVCENCHYPIVPLDGKGTLLIRNGSEVRDPLVTYEGSNPPASPLQDNLVIALHSYEPSHDGDLG
FEKGEQLRILEQSGEWWKAQSLTTGQEGFIPFNFVAKANSLEPEPWFFKNLSRKDAERQLLAPGNTHGSFLIRESESTAG
SFSLSVRDFDQNQGEVVKHYKIRNLDNGGFYISPRITFPGLHELVRHYTNASDGLCTRLSRPCQTQKPQKPWWEDEWEVP
RETLKLVERLGAGQFGEVWMGYYNGHTKVAVKSLKQGSMSPDAFLAEANLMKQLQHQRLVRLYAVVTQEPIYIITEYMEN
GSLVDFLKTPSGIKLTINKLLDMAAQIAEGMAFIEERNYIHRDLRAANILVSDTLSCKIADFGLARLIEDNEYTAREGAK
FPIKWTAPEAINYGTFTIKSDVWSFGILLTEIVTHGRIPYPGMTNPEVIQNLERGYRMVRPDNCPEELYQLMRLCWKERP
EDRPTFDYLRSVLEDFFTATEGQYQPQP
;
? 
2 PDB 1CWD      2 1CWD   1 PEGDFEEVL ? 
# 
loop_
_struct_ref_seq.align_id 
_struct_ref_seq.ref_id 
_struct_ref_seq.pdbx_PDB_id_code 
_struct_ref_seq.pdbx_strand_id 
_struct_ref_seq.seq_align_beg 
_struct_ref_seq.pdbx_seq_align_beg_ins_code 
_struct_ref_seq.seq_align_end 
_struct_ref_seq.pdbx_seq_align_end_ins_code 
_struct_ref_seq.pdbx_db_accession 
_struct_ref_seq.db_align_beg 
_struct_ref_seq.pdbx_db_align_beg_ins_code 
_struct_ref_seq.db_align_end 
_struct_ref_seq.pdbx_db_align_end_ins_code 
_struct_ref_seq.pdbx_auth_seq_align_beg 
_struct_ref_seq.pdbx_auth_seq_align_end 
1 1 1CWD L 1 ? 98 ? P06239 52 ? 221 ? 3 100 
2 2 1CWD P 1 ? 9  ? 1CWD   1  ? 9   ? 1 9   
# 
loop_
_struct_ref_seq_dif.align_id 
_struct_ref_seq_dif.pdbx_pdb_id_code 
_struct_ref_seq_dif.mon_id 
_struct_ref_seq_dif.pdbx_pdb_strand_id 
_struct_ref_seq_dif.seq_num 
_struct_ref_seq_dif.pdbx_pdb_ins_code 
_struct_ref_seq_dif.pdbx_seq_db_name 
_struct_ref_seq_dif.pdbx_seq_db_accession_code 
_struct_ref_seq_dif.db_mon_id 
_struct_ref_seq_dif.pdbx_seq_db_seq_num 
_struct_ref_seq_dif.details 
_struct_ref_seq_dif.pdbx_auth_seq_num 
_struct_ref_seq_dif.pdbx_ordinal 
1 1CWD ? L ? ? UNP P06239 ASN 54  deletion ? 1  
1 1CWD ? L ? ? UNP P06239 PRO 55  deletion ? 2  
1 1CWD ? L ? ? UNP P06239 PRO 56  deletion ? 3  
1 1CWD ? L ? ? UNP P06239 ALA 57  deletion ? 4  
1 1CWD ? L ? ? UNP P06239 SER 58  deletion ? 5  
1 1CWD ? L ? ? UNP P06239 PRO 59  deletion ? 6  
1 1CWD ? L ? ? UNP P06239 LEU 60  deletion ? 7  
1 1CWD ? L ? ? UNP P06239 GLN 61  deletion ? 8  
1 1CWD ? L ? ? UNP P06239 ASP 62  deletion ? 9  
1 1CWD ? L ? ? UNP P06239 ASN 63  deletion ? 10 
1 1CWD ? L ? ? UNP P06239 LEU 64  deletion ? 11 
1 1CWD ? L ? ? UNP P06239 VAL 65  deletion ? 12 
1 1CWD ? L ? ? UNP P06239 ILE 66  deletion ? 13 
1 1CWD ? L ? ? UNP P06239 ALA 67  deletion ? 14 
1 1CWD ? L ? ? UNP P06239 LEU 68  deletion ? 15 
1 1CWD ? L ? ? UNP P06239 HIS 69  deletion ? 16 
1 1CWD ? L ? ? UNP P06239 SER 70  deletion ? 17 
1 1CWD ? L ? ? UNP P06239 TYR 71  deletion ? 18 
1 1CWD ? L ? ? UNP P06239 GLU 72  deletion ? 19 
1 1CWD ? L ? ? UNP P06239 PRO 73  deletion ? 20 
1 1CWD ? L ? ? UNP P06239 SER 74  deletion ? 21 
1 1CWD ? L ? ? UNP P06239 HIS 75  deletion ? 22 
1 1CWD ? L ? ? UNP P06239 ASP 76  deletion ? 23 
1 1CWD ? L ? ? UNP P06239 GLY 77  deletion ? 24 
1 1CWD ? L ? ? UNP P06239 ASP 78  deletion ? 25 
1 1CWD ? L ? ? UNP P06239 LEU 79  deletion ? 26 
1 1CWD ? L ? ? UNP P06239 GLY 80  deletion ? 27 
1 1CWD ? L ? ? UNP P06239 PHE 81  deletion ? 28 
1 1CWD ? L ? ? UNP P06239 GLU 82  deletion ? 29 
1 1CWD ? L ? ? UNP P06239 LYS 83  deletion ? 30 
1 1CWD ? L ? ? UNP P06239 GLY 84  deletion ? 31 
1 1CWD ? L ? ? UNP P06239 GLU 85  deletion ? 32 
1 1CWD ? L ? ? UNP P06239 GLN 86  deletion ? 33 
1 1CWD ? L ? ? UNP P06239 LEU 87  deletion ? 34 
1 1CWD ? L ? ? UNP P06239 ARG 88  deletion ? 35 
1 1CWD ? L ? ? UNP P06239 ILE 89  deletion ? 36 
1 1CWD ? L ? ? UNP P06239 LEU 90  deletion ? 37 
1 1CWD ? L ? ? UNP P06239 GLU 91  deletion ? 38 
1 1CWD ? L ? ? UNP P06239 GLN 92  deletion ? 39 
1 1CWD ? L ? ? UNP P06239 SER 93  deletion ? 40 
1 1CWD ? L ? ? UNP P06239 GLY 94  deletion ? 41 
1 1CWD ? L ? ? UNP P06239 GLU 95  deletion ? 42 
1 1CWD ? L ? ? UNP P06239 TRP 96  deletion ? 43 
1 1CWD ? L ? ? UNP P06239 TRP 97  deletion ? 44 
1 1CWD ? L ? ? UNP P06239 LYS 98  deletion ? 45 
1 1CWD ? L ? ? UNP P06239 ALA 99  deletion ? 46 
1 1CWD ? L ? ? UNP P06239 GLN 100 deletion ? 47 
1 1CWD ? L ? ? UNP P06239 SER 101 deletion ? 48 
1 1CWD ? L ? ? UNP P06239 LEU 102 deletion ? 49 
1 1CWD ? L ? ? UNP P06239 THR 103 deletion ? 50 
1 1CWD ? L ? ? UNP P06239 THR 104 deletion ? 51 
1 1CWD ? L ? ? UNP P06239 GLY 105 deletion ? 52 
1 1CWD ? L ? ? UNP P06239 GLN 106 deletion ? 53 
1 1CWD ? L ? ? UNP P06239 GLU 107 deletion ? 54 
1 1CWD ? L ? ? UNP P06239 GLY 108 deletion ? 55 
1 1CWD ? L ? ? UNP P06239 PHE 109 deletion ? 56 
1 1CWD ? L ? ? UNP P06239 ILE 110 deletion ? 57 
1 1CWD ? L ? ? UNP P06239 PRO 111 deletion ? 58 
1 1CWD ? L ? ? UNP P06239 PHE 112 deletion ? 59 
1 1CWD ? L ? ? UNP P06239 ASN 113 deletion ? 60 
1 1CWD ? L ? ? UNP P06239 PHE 114 deletion ? 61 
1 1CWD ? L ? ? UNP P06239 VAL 115 deletion ? 62 
1 1CWD ? L ? ? UNP P06239 ALA 116 deletion ? 63 
1 1CWD ? L ? ? UNP P06239 LYS 117 deletion ? 64 
1 1CWD ? L ? ? UNP P06239 ALA 118 deletion ? 65 
1 1CWD ? L ? ? UNP P06239 ASN 119 deletion ? 66 
1 1CWD ? L ? ? UNP P06239 SER 120 deletion ? 67 
1 1CWD ? L ? ? UNP P06239 LEU 121 deletion ? 68 
1 1CWD ? L ? ? UNP P06239 GLU 122 deletion ? 69 
1 1CWD ? L ? ? UNP P06239 PRO 123 deletion ? 70 
1 1CWD ? L ? ? UNP P06239 GLU 124 deletion ? 71 
1 1CWD ? L ? ? UNP P06239 PRO 125 deletion ? 72 
# 
_pdbx_struct_assembly.id                   1 
_pdbx_struct_assembly.details              author_defined_assembly 
_pdbx_struct_assembly.method_details       ? 
_pdbx_struct_assembly.oligomeric_details   dimeric 
_pdbx_struct_assembly.oligomeric_count     2 
# 
_pdbx_struct_assembly_gen.assembly_id       1 
_pdbx_struct_assembly_gen.oper_expression   1 
_pdbx_struct_assembly_gen.asym_id_list      A,B,C,D 
# 
_pdbx_struct_oper_list.id                   1 
_pdbx_struct_oper_list.type                 'identity operation' 
_pdbx_struct_oper_list.name                 1_555 
_pdbx_struct_oper_list.symmetry_operation   x,y,z 
_pdbx_struct_oper_list.matrix[1][1]         1.0000000000 
_pdbx_struct_oper_list.matrix[1][2]         0.0000000000 
_pdbx_struct_oper_list.matrix[1][3]         0.0000000000 
_pdbx_struct_oper_list.vector[1]            0.0000000000 
_pdbx_struct_oper_list.matrix[2][1]         0.0000000000 
_pdbx_struct_oper_list.matrix[2][2]         1.0000000000 
_pdbx_struct_oper_list.matrix[2][3]         0.0000000000 
_pdbx_struct_oper_list.vector[2]            0.0000000000 
_pdbx_struct_oper_list.matrix[3][1]         0.0000000000 
_pdbx_struct_oper_list.matrix[3][2]         0.0000000000 
_pdbx_struct_oper_list.matrix[3][3]         1.0000000000 
_pdbx_struct_oper_list.vector[3]            0.0000000000 
# 
_struct_biol.id   1 
# 
loop_
_struct_conf.conf_type_id 
_struct_conf.id 
_struct_conf.pdbx_PDB_helix_id 
_struct_conf.beg_label_comp_id 
_struct_conf.beg_label_asym_id 
_struct_conf.beg_label_seq_id 
_struct_conf.pdbx_beg_PDB_ins_code 
_struct_conf.end_label_comp_id 
_struct_conf.end_label_asym_id 
_struct_conf.end_label_seq_id 
_struct_conf.pdbx_end_PDB_ins_code 
_struct_conf.beg_auth_comp_id 
_struct_conf.beg_auth_asym_id 
_struct_conf.beg_auth_seq_id 
_struct_conf.end_auth_comp_id 
_struct_conf.end_auth_asym_id 
_struct_conf.end_auth_seq_id 
_struct_conf.pdbx_PDB_helix_class 
_struct_conf.details 
_struct_conf.pdbx_PDB_helix_length 
HELX_P HELX_P1 1 ARG A 10 ? LEU A 17 ? ARG L 12 LEU L 19 1 ? 8  
HELX_P HELX_P2 2 LEU A 78 ? ASN A 87 ? LEU L 80 ASN L 89 1 ? 10 
# 
_struct_conf_type.id          HELX_P 
_struct_conf_type.criteria    ? 
_struct_conf_type.reference   ? 
# 
loop_
_struct_conn.id 
_struct_conn.conn_type_id 
_struct_conn.pdbx_leaving_atom_flag 
_struct_conn.pdbx_PDB_id 
_struct_conn.ptnr1_label_asym_id 
_struct_conn.ptnr1_label_comp_id 
_struct_conn.ptnr1_label_seq_id 
_struct_conn.ptnr1_label_atom_id 
_struct_conn.pdbx_ptnr1_label_alt_id 
_struct_conn.pdbx_ptnr1_PDB_ins_code 
_struct_conn.pdbx_ptnr1_standard_comp_id 
_struct_conn.ptnr1_symmetry 
_struct_conn.ptnr2_label_asym_id 
_struct_conn.ptnr2_label_comp_id 
_struct_conn.ptnr2_label_seq_id 
_struct_conn.ptnr2_label_atom_id 
_struct_conn.pdbx_ptnr2_label_alt_id 
_struct_conn.pdbx_ptnr2_PDB_ins_code 
_struct_conn.ptnr1_auth_asym_id 
_struct_conn.ptnr1_auth_comp_id 
_struct_conn.ptnr1_auth_seq_id 
_struct_conn.ptnr2_auth_asym_id 
_struct_conn.ptnr2_auth_comp_id 
_struct_conn.ptnr2_auth_seq_id 
_struct_conn.ptnr2_symmetry 
_struct_conn.pdbx_ptnr3_label_atom_id 
_struct_conn.pdbx_ptnr3_label_seq_id 
_struct_conn.pdbx_ptnr3_label_comp_id 
_struct_conn.pdbx_ptnr3_label_asym_id 
_struct_conn.pdbx_ptnr3_label_alt_id 
_struct_conn.pdbx_ptnr3_PDB_ins_code 
_struct_conn.details 
_struct_conn.pdbx_dist_value 
_struct_conn.pdbx_value_order 
_struct_conn.pdbx_role 
covale1 covale both ? B ASP 4 C ? ? ? 1_555 B PM3 5 N ? ? P ASP 4 P PM3 5 1_555 ? ? ? ? ? ? ? 1.314 ? ? 
covale2 covale both ? B PM3 5 C ? ? ? 1_555 B GLU 6 N ? ? P PM3 5 P GLU 6 1_555 ? ? ? ? ? ? ? 1.314 ? ? 
# 
_struct_conn_type.id          covale 
_struct_conn_type.criteria    ? 
_struct_conn_type.reference   ? 
# 
_pdbx_modification_feature.ordinal                            1 
_pdbx_modification_feature.label_comp_id                      PM3 
_pdbx_modification_feature.label_asym_id                      B 
_pdbx_modification_feature.label_seq_id                       5 
_pdbx_modification_feature.label_alt_id                       ? 
_pdbx_modification_feature.modified_residue_label_comp_id     . 
_pdbx_modification_feature.modified_residue_label_asym_id     . 
_pdbx_modification_feature.modified_residue_label_seq_id      . 
_pdbx_modification_feature.modified_residue_label_alt_id      . 
_pdbx_modification_feature.auth_comp_id                       PM3 
_pdbx_modification_feature.auth_asym_id                       P 
_pdbx_modification_feature.auth_seq_id                        5 
_pdbx_modification_feature.PDB_ins_code                       ? 
_pdbx_modification_feature.symmetry                           1_555 
_pdbx_modification_feature.modified_residue_auth_comp_id      . 
_pdbx_modification_feature.modified_residue_auth_asym_id      . 
_pdbx_modification_feature.modified_residue_auth_seq_id       . 
_pdbx_modification_feature.modified_residue_PDB_ins_code      . 
_pdbx_modification_feature.modified_residue_symmetry          . 
_pdbx_modification_feature.comp_id_linking_atom               . 
_pdbx_modification_feature.modified_residue_id_linking_atom   . 
_pdbx_modification_feature.modified_residue_id                PHE 
_pdbx_modification_feature.ref_pcm_id                         1 
_pdbx_modification_feature.ref_comp_id                        PM3 
_pdbx_modification_feature.type                               None 
_pdbx_modification_feature.category                           'Non-standard residue' 
# 
_struct_sheet.id               A 
_struct_sheet.type             ? 
_struct_sheet.number_strands   4 
_struct_sheet.details          ? 
# 
loop_
_struct_sheet_order.sheet_id 
_struct_sheet_order.range_id_1 
_struct_sheet_order.range_id_2 
_struct_sheet_order.offset 
_struct_sheet_order.sense 
A 1 2 ? parallel      
A 2 3 ? anti-parallel 
A 3 4 ? anti-parallel 
# 
loop_
_struct_sheet_range.sheet_id 
_struct_sheet_range.id 
_struct_sheet_range.beg_label_comp_id 
_struct_sheet_range.beg_label_asym_id 
_struct_sheet_range.beg_label_seq_id 
_struct_sheet_range.pdbx_beg_PDB_ins_code 
_struct_sheet_range.end_label_comp_id 
_struct_sheet_range.end_label_asym_id 
_struct_sheet_range.end_label_seq_id 
_struct_sheet_range.pdbx_end_PDB_ins_code 
_struct_sheet_range.beg_auth_comp_id 
_struct_sheet_range.beg_auth_asym_id 
_struct_sheet_range.beg_auth_seq_id 
_struct_sheet_range.end_auth_comp_id 
_struct_sheet_range.end_auth_asym_id 
_struct_sheet_range.end_auth_seq_id 
A 1 PHE A 4  ? LYS A 6  ? PHE L 6  LYS L 8  
A 2 PHE A 27 ? GLU A 31 ? PHE L 29 GLU L 33 
A 3 PHE A 39 ? ASP A 47 ? PHE L 41 ASP L 49 
A 4 GLY A 51 ? ILE A 59 ? GLY L 53 ILE L 61 
# 
loop_
_pdbx_struct_sheet_hbond.sheet_id 
_pdbx_struct_sheet_hbond.range_id_1 
_pdbx_struct_sheet_hbond.range_id_2 
_pdbx_struct_sheet_hbond.range_1_label_atom_id 
_pdbx_struct_sheet_hbond.range_1_label_comp_id 
_pdbx_struct_sheet_hbond.range_1_label_asym_id 
_pdbx_struct_sheet_hbond.range_1_label_seq_id 
_pdbx_struct_sheet_hbond.range_1_PDB_ins_code 
_pdbx_struct_sheet_hbond.range_1_auth_atom_id 
_pdbx_struct_sheet_hbond.range_1_auth_comp_id 
_pdbx_struct_sheet_hbond.range_1_auth_asym_id 
_pdbx_struct_sheet_hbond.range_1_auth_seq_id 
_pdbx_struct_sheet_hbond.range_2_label_atom_id 
_pdbx_struct_sheet_hbond.range_2_label_comp_id 
_pdbx_struct_sheet_hbond.range_2_label_asym_id 
_pdbx_struct_sheet_hbond.range_2_label_seq_id 
_pdbx_struct_sheet_hbond.range_2_PDB_ins_code 
_pdbx_struct_sheet_hbond.range_2_auth_atom_id 
_pdbx_struct_sheet_hbond.range_2_auth_comp_id 
_pdbx_struct_sheet_hbond.range_2_auth_asym_id 
_pdbx_struct_sheet_hbond.range_2_auth_seq_id 
A 1 2 O PHE A 5  ? O PHE L 7  N ILE A 29 ? N ILE L 31 
A 2 3 O LEU A 28 ? O LEU L 30 N SER A 42 ? N SER L 44 
A 3 4 O PHE A 39 ? O PHE L 41 N ILE A 59 ? N ILE L 61 
# 
_struct_site.id                   AC1 
_struct_site.pdbx_evidence_code   Software 
_struct_site.pdbx_auth_asym_id    ? 
_struct_site.pdbx_auth_comp_id    ? 
_struct_site.pdbx_auth_seq_id     ? 
_struct_site.pdbx_auth_ins_code   ? 
_struct_site.pdbx_num_residues    19 
_struct_site.details              
'BINDING SITE FOR CHAIN P OF (PHOSPHONOMETHYL)PHENYLALANINE-CONTAINING PEPTIDE PRO-GLU- GLY-ASP-PM3-GLU-GLU-VAL-LEU' 
# 
loop_
_struct_site_gen.id 
_struct_site_gen.site_id 
_struct_site_gen.pdbx_num_res 
_struct_site_gen.label_comp_id 
_struct_site_gen.label_asym_id 
_struct_site_gen.label_seq_id 
_struct_site_gen.pdbx_auth_ins_code 
_struct_site_gen.auth_comp_id 
_struct_site_gen.auth_asym_id 
_struct_site_gen.auth_seq_id 
_struct_site_gen.label_atom_id 
_struct_site_gen.label_alt_id 
_struct_site_gen.symmetry 
_struct_site_gen.details 
1  AC1 19 ARG A 10 ? ARG L 12  . ? 1_555 ? 
2  AC1 19 ARG A 30 ? ARG L 32  . ? 1_555 ? 
3  AC1 19 SER A 40 ? SER L 42  . ? 1_555 ? 
4  AC1 19 LYS A 55 ? LYS L 57  . ? 1_555 ? 
5  AC1 19 HIS A 56 ? HIS L 58  . ? 1_555 ? 
6  AC1 19 TYR A 57 ? TYR L 59  . ? 1_555 ? 
7  AC1 19 LYS A 58 ? LYS L 60  . ? 1_555 ? 
8  AC1 19 ASP A 63 ? ASP L 65  . ? 4_555 ? 
9  AC1 19 SER A 70 ? SER L 72  . ? 1_555 ? 
10 AC1 19 ARG A 72 ? ARG L 74  . ? 1_555 ? 
11 AC1 19 HIS A 84 ? HIS L 86  . ? 3_554 ? 
12 AC1 19 ASN A 87 ? ASN L 89  . ? 3_554 ? 
13 AC1 19 GLY A 91 ? GLY L 93  . ? 1_555 ? 
14 AC1 19 HOH C .  ? HOH L 102 . ? 1_555 ? 
15 AC1 19 HOH C .  ? HOH L 111 . ? 1_555 ? 
16 AC1 19 HOH D .  ? HOH P 10  . ? 1_555 ? 
17 AC1 19 HOH D .  ? HOH P 12  . ? 1_555 ? 
18 AC1 19 HOH D .  ? HOH P 15  . ? 1_555 ? 
19 AC1 19 HOH D .  ? HOH P 21  . ? 1_555 ? 
# 
_pdbx_entry_details.entry_id                   1CWD 
_pdbx_entry_details.compound_details           ? 
_pdbx_entry_details.source_details             ? 
_pdbx_entry_details.nonpolymer_details         ? 
_pdbx_entry_details.sequence_details           
;THE REGION BETWEEN RESIDUES 3 AND 100 CORRESPONDS TO THE
REGION OF THE P56 LCK TYROSINE KINASE BETWEEN RESIDUES 124
AND 224 AND HAS BEEN ASSIGNED CHAIN IDENTIFIER "L" IN THIS
ENTRY.  THE PHOSPHOPEPTIDE HAS CHAIN IDENTIFIER "P".
;
_pdbx_entry_details.has_ligand_of_interest     ? 
_pdbx_entry_details.has_protein_modification   Y 
# 
loop_
_pdbx_validate_torsion.id 
_pdbx_validate_torsion.PDB_model_num 
_pdbx_validate_torsion.auth_comp_id 
_pdbx_validate_torsion.auth_asym_id 
_pdbx_validate_torsion.auth_seq_id 
_pdbx_validate_torsion.PDB_ins_code 
_pdbx_validate_torsion.label_alt_id 
_pdbx_validate_torsion.phi 
_pdbx_validate_torsion.psi 
1 1 TYR L 70 ? ? -170.43 146.05 
2 1 ASP L 92 ? ? 29.72   62.69  
3 1 ASP P 4  ? ? 99.94   77.68  
# 
_pdbx_struct_mod_residue.id               1 
_pdbx_struct_mod_residue.label_asym_id    B 
_pdbx_struct_mod_residue.label_comp_id    PM3 
_pdbx_struct_mod_residue.label_seq_id     5 
_pdbx_struct_mod_residue.auth_asym_id     P 
_pdbx_struct_mod_residue.auth_comp_id     PM3 
_pdbx_struct_mod_residue.auth_seq_id      5 
_pdbx_struct_mod_residue.PDB_ins_code     ? 
_pdbx_struct_mod_residue.parent_comp_id   PHE 
_pdbx_struct_mod_residue.details          ? 
# 
_pdbx_unobs_or_zero_occ_residues.id               1 
_pdbx_unobs_or_zero_occ_residues.PDB_model_num    1 
_pdbx_unobs_or_zero_occ_residues.polymer_flag     Y 
_pdbx_unobs_or_zero_occ_residues.occupancy_flag   1 
_pdbx_unobs_or_zero_occ_residues.auth_asym_id     P 
_pdbx_unobs_or_zero_occ_residues.auth_comp_id     PRO 
_pdbx_unobs_or_zero_occ_residues.auth_seq_id      1 
_pdbx_unobs_or_zero_occ_residues.PDB_ins_code     ? 
_pdbx_unobs_or_zero_occ_residues.label_asym_id    B 
_pdbx_unobs_or_zero_occ_residues.label_comp_id    PRO 
_pdbx_unobs_or_zero_occ_residues.label_seq_id     1 
# 
loop_
_chem_comp_atom.comp_id 
_chem_comp_atom.atom_id 
_chem_comp_atom.type_symbol 
_chem_comp_atom.pdbx_aromatic_flag 
_chem_comp_atom.pdbx_stereo_config 
_chem_comp_atom.pdbx_ordinal 
ALA N    N N N 1   
ALA CA   C N S 2   
ALA C    C N N 3   
ALA O    O N N 4   
ALA CB   C N N 5   
ALA OXT  O N N 6   
ALA H    H N N 7   
ALA H2   H N N 8   
ALA HA   H N N 9   
ALA HB1  H N N 10  
ALA HB2  H N N 11  
ALA HB3  H N N 12  
ALA HXT  H N N 13  
ARG N    N N N 14  
ARG CA   C N S 15  
ARG C    C N N 16  
ARG O    O N N 17  
ARG CB   C N N 18  
ARG CG   C N N 19  
ARG CD   C N N 20  
ARG NE   N N N 21  
ARG CZ   C N N 22  
ARG NH1  N N N 23  
ARG NH2  N N N 24  
ARG OXT  O N N 25  
ARG H    H N N 26  
ARG H2   H N N 27  
ARG HA   H N N 28  
ARG HB2  H N N 29  
ARG HB3  H N N 30  
ARG HG2  H N N 31  
ARG HG3  H N N 32  
ARG HD2  H N N 33  
ARG HD3  H N N 34  
ARG HE   H N N 35  
ARG HH11 H N N 36  
ARG HH12 H N N 37  
ARG HH21 H N N 38  
ARG HH22 H N N 39  
ARG HXT  H N N 40  
ASN N    N N N 41  
ASN CA   C N S 42  
ASN C    C N N 43  
ASN O    O N N 44  
ASN CB   C N N 45  
ASN CG   C N N 46  
ASN OD1  O N N 47  
ASN ND2  N N N 48  
ASN OXT  O N N 49  
ASN H    H N N 50  
ASN H2   H N N 51  
ASN HA   H N N 52  
ASN HB2  H N N 53  
ASN HB3  H N N 54  
ASN HD21 H N N 55  
ASN HD22 H N N 56  
ASN HXT  H N N 57  
ASP N    N N N 58  
ASP CA   C N S 59  
ASP C    C N N 60  
ASP O    O N N 61  
ASP CB   C N N 62  
ASP CG   C N N 63  
ASP OD1  O N N 64  
ASP OD2  O N N 65  
ASP OXT  O N N 66  
ASP H    H N N 67  
ASP H2   H N N 68  
ASP HA   H N N 69  
ASP HB2  H N N 70  
ASP HB3  H N N 71  
ASP HD2  H N N 72  
ASP HXT  H N N 73  
CYS N    N N N 74  
CYS CA   C N R 75  
CYS C    C N N 76  
CYS O    O N N 77  
CYS CB   C N N 78  
CYS SG   S N N 79  
CYS OXT  O N N 80  
CYS H    H N N 81  
CYS H2   H N N 82  
CYS HA   H N N 83  
CYS HB2  H N N 84  
CYS HB3  H N N 85  
CYS HG   H N N 86  
CYS HXT  H N N 87  
GLN N    N N N 88  
GLN CA   C N S 89  
GLN C    C N N 90  
GLN O    O N N 91  
GLN CB   C N N 92  
GLN CG   C N N 93  
GLN CD   C N N 94  
GLN OE1  O N N 95  
GLN NE2  N N N 96  
GLN OXT  O N N 97  
GLN H    H N N 98  
GLN H2   H N N 99  
GLN HA   H N N 100 
GLN HB2  H N N 101 
GLN HB3  H N N 102 
GLN HG2  H N N 103 
GLN HG3  H N N 104 
GLN HE21 H N N 105 
GLN HE22 H N N 106 
GLN HXT  H N N 107 
GLU N    N N N 108 
GLU CA   C N S 109 
GLU C    C N N 110 
GLU O    O N N 111 
GLU CB   C N N 112 
GLU CG   C N N 113 
GLU CD   C N N 114 
GLU OE1  O N N 115 
GLU OE2  O N N 116 
GLU OXT  O N N 117 
GLU H    H N N 118 
GLU H2   H N N 119 
GLU HA   H N N 120 
GLU HB2  H N N 121 
GLU HB3  H N N 122 
GLU HG2  H N N 123 
GLU HG3  H N N 124 
GLU HE2  H N N 125 
GLU HXT  H N N 126 
GLY N    N N N 127 
GLY CA   C N N 128 
GLY C    C N N 129 
GLY O    O N N 130 
GLY OXT  O N N 131 
GLY H    H N N 132 
GLY H2   H N N 133 
GLY HA2  H N N 134 
GLY HA3  H N N 135 
GLY HXT  H N N 136 
HIS N    N N N 137 
HIS CA   C N S 138 
HIS C    C N N 139 
HIS O    O N N 140 
HIS CB   C N N 141 
HIS CG   C Y N 142 
HIS ND1  N Y N 143 
HIS CD2  C Y N 144 
HIS CE1  C Y N 145 
HIS NE2  N Y N 146 
HIS OXT  O N N 147 
HIS H    H N N 148 
HIS H2   H N N 149 
HIS HA   H N N 150 
HIS HB2  H N N 151 
HIS HB3  H N N 152 
HIS HD1  H N N 153 
HIS HD2  H N N 154 
HIS HE1  H N N 155 
HIS HE2  H N N 156 
HIS HXT  H N N 157 
HOH O    O N N 158 
HOH H1   H N N 159 
HOH H2   H N N 160 
ILE N    N N N 161 
ILE CA   C N S 162 
ILE C    C N N 163 
ILE O    O N N 164 
ILE CB   C N S 165 
ILE CG1  C N N 166 
ILE CG2  C N N 167 
ILE CD1  C N N 168 
ILE OXT  O N N 169 
ILE H    H N N 170 
ILE H2   H N N 171 
ILE HA   H N N 172 
ILE HB   H N N 173 
ILE HG12 H N N 174 
ILE HG13 H N N 175 
ILE HG21 H N N 176 
ILE HG22 H N N 177 
ILE HG23 H N N 178 
ILE HD11 H N N 179 
ILE HD12 H N N 180 
ILE HD13 H N N 181 
ILE HXT  H N N 182 
LEU N    N N N 183 
LEU CA   C N S 184 
LEU C    C N N 185 
LEU O    O N N 186 
LEU CB   C N N 187 
LEU CG   C N N 188 
LEU CD1  C N N 189 
LEU CD2  C N N 190 
LEU OXT  O N N 191 
LEU H    H N N 192 
LEU H2   H N N 193 
LEU HA   H N N 194 
LEU HB2  H N N 195 
LEU HB3  H N N 196 
LEU HG   H N N 197 
LEU HD11 H N N 198 
LEU HD12 H N N 199 
LEU HD13 H N N 200 
LEU HD21 H N N 201 
LEU HD22 H N N 202 
LEU HD23 H N N 203 
LEU HXT  H N N 204 
LYS N    N N N 205 
LYS CA   C N S 206 
LYS C    C N N 207 
LYS O    O N N 208 
LYS CB   C N N 209 
LYS CG   C N N 210 
LYS CD   C N N 211 
LYS CE   C N N 212 
LYS NZ   N N N 213 
LYS OXT  O N N 214 
LYS H    H N N 215 
LYS H2   H N N 216 
LYS HA   H N N 217 
LYS HB2  H N N 218 
LYS HB3  H N N 219 
LYS HG2  H N N 220 
LYS HG3  H N N 221 
LYS HD2  H N N 222 
LYS HD3  H N N 223 
LYS HE2  H N N 224 
LYS HE3  H N N 225 
LYS HZ1  H N N 226 
LYS HZ2  H N N 227 
LYS HZ3  H N N 228 
LYS HXT  H N N 229 
PHE N    N N N 230 
PHE CA   C N S 231 
PHE C    C N N 232 
PHE O    O N N 233 
PHE CB   C N N 234 
PHE CG   C Y N 235 
PHE CD1  C Y N 236 
PHE CD2  C Y N 237 
PHE CE1  C Y N 238 
PHE CE2  C Y N 239 
PHE CZ   C Y N 240 
PHE OXT  O N N 241 
PHE H    H N N 242 
PHE H2   H N N 243 
PHE HA   H N N 244 
PHE HB2  H N N 245 
PHE HB3  H N N 246 
PHE HD1  H N N 247 
PHE HD2  H N N 248 
PHE HE1  H N N 249 
PHE HE2  H N N 250 
PHE HZ   H N N 251 
PHE HXT  H N N 252 
PM3 N    N N N 253 
PM3 CA   C N S 254 
PM3 CB   C N N 255 
PM3 CG   C Y N 256 
PM3 CD1  C Y N 257 
PM3 CE1  C Y N 258 
PM3 CD2  C Y N 259 
PM3 CE2  C Y N 260 
PM3 CZ   C Y N 261 
PM3 CH4  C N N 262 
PM3 P    P N N 263 
PM3 O1   O N N 264 
PM3 O2   O N N 265 
PM3 O3   O N N 266 
PM3 C    C N N 267 
PM3 OXT  O N N 268 
PM3 O    O N N 269 
PM3 H    H N N 270 
PM3 H2   H N N 271 
PM3 HA   H N N 272 
PM3 HB2  H N N 273 
PM3 HB3  H N N 274 
PM3 HD1  H N N 275 
PM3 HE1  H N N 276 
PM3 HD2  H N N 277 
PM3 HE2  H N N 278 
PM3 HH42 H N N 279 
PM3 HH43 H N N 280 
PM3 HO1  H N N 281 
PM3 HO3  H N N 282 
PM3 HXT  H N N 283 
PRO N    N N N 284 
PRO CA   C N S 285 
PRO C    C N N 286 
PRO O    O N N 287 
PRO CB   C N N 288 
PRO CG   C N N 289 
PRO CD   C N N 290 
PRO OXT  O N N 291 
PRO H    H N N 292 
PRO HA   H N N 293 
PRO HB2  H N N 294 
PRO HB3  H N N 295 
PRO HG2  H N N 296 
PRO HG3  H N N 297 
PRO HD2  H N N 298 
PRO HD3  H N N 299 
PRO HXT  H N N 300 
SER N    N N N 301 
SER CA   C N S 302 
SER C    C N N 303 
SER O    O N N 304 
SER CB   C N N 305 
SER OG   O N N 306 
SER OXT  O N N 307 
SER H    H N N 308 
SER H2   H N N 309 
SER HA   H N N 310 
SER HB2  H N N 311 
SER HB3  H N N 312 
SER HG   H N N 313 
SER HXT  H N N 314 
THR N    N N N 315 
THR CA   C N S 316 
THR C    C N N 317 
THR O    O N N 318 
THR CB   C N R 319 
THR OG1  O N N 320 
THR CG2  C N N 321 
THR OXT  O N N 322 
THR H    H N N 323 
THR H2   H N N 324 
THR HA   H N N 325 
THR HB   H N N 326 
THR HG1  H N N 327 
THR HG21 H N N 328 
THR HG22 H N N 329 
THR HG23 H N N 330 
THR HXT  H N N 331 
TRP N    N N N 332 
TRP CA   C N S 333 
TRP C    C N N 334 
TRP O    O N N 335 
TRP CB   C N N 336 
TRP CG   C Y N 337 
TRP CD1  C Y N 338 
TRP CD2  C Y N 339 
TRP NE1  N Y N 340 
TRP CE2  C Y N 341 
TRP CE3  C Y N 342 
TRP CZ2  C Y N 343 
TRP CZ3  C Y N 344 
TRP CH2  C Y N 345 
TRP OXT  O N N 346 
TRP H    H N N 347 
TRP H2   H N N 348 
TRP HA   H N N 349 
TRP HB2  H N N 350 
TRP HB3  H N N 351 
TRP HD1  H N N 352 
TRP HE1  H N N 353 
TRP HE3  H N N 354 
TRP HZ2  H N N 355 
TRP HZ3  H N N 356 
TRP HH2  H N N 357 
TRP HXT  H N N 358 
TYR N    N N N 359 
TYR CA   C N S 360 
TYR C    C N N 361 
TYR O    O N N 362 
TYR CB   C N N 363 
TYR CG   C Y N 364 
TYR CD1  C Y N 365 
TYR CD2  C Y N 366 
TYR CE1  C Y N 367 
TYR CE2  C Y N 368 
TYR CZ   C Y N 369 
TYR OH   O N N 370 
TYR OXT  O N N 371 
TYR H    H N N 372 
TYR H2   H N N 373 
TYR HA   H N N 374 
TYR HB2  H N N 375 
TYR HB3  H N N 376 
TYR HD1  H N N 377 
TYR HD2  H N N 378 
TYR HE1  H N N 379 
TYR HE2  H N N 380 
TYR HH   H N N 381 
TYR HXT  H N N 382 
VAL N    N N N 383 
VAL CA   C N S 384 
VAL C    C N N 385 
VAL O    O N N 386 
VAL CB   C N N 387 
VAL CG1  C N N 388 
VAL CG2  C N N 389 
VAL OXT  O N N 390 
VAL H    H N N 391 
VAL H2   H N N 392 
VAL HA   H N N 393 
VAL HB   H N N 394 
VAL HG11 H N N 395 
VAL HG12 H N N 396 
VAL HG13 H N N 397 
VAL HG21 H N N 398 
VAL HG22 H N N 399 
VAL HG23 H N N 400 
VAL HXT  H N N 401 
# 
loop_
_chem_comp_bond.comp_id 
_chem_comp_bond.atom_id_1 
_chem_comp_bond.atom_id_2 
_chem_comp_bond.value_order 
_chem_comp_bond.pdbx_aromatic_flag 
_chem_comp_bond.pdbx_stereo_config 
_chem_comp_bond.pdbx_ordinal 
ALA N   CA   sing N N 1   
ALA N   H    sing N N 2   
ALA N   H2   sing N N 3   
ALA CA  C    sing N N 4   
ALA CA  CB   sing N N 5   
ALA CA  HA   sing N N 6   
ALA C   O    doub N N 7   
ALA C   OXT  sing N N 8   
ALA CB  HB1  sing N N 9   
ALA CB  HB2  sing N N 10  
ALA CB  HB3  sing N N 11  
ALA OXT HXT  sing N N 12  
ARG N   CA   sing N N 13  
ARG N   H    sing N N 14  
ARG N   H2   sing N N 15  
ARG CA  C    sing N N 16  
ARG CA  CB   sing N N 17  
ARG CA  HA   sing N N 18  
ARG C   O    doub N N 19  
ARG C   OXT  sing N N 20  
ARG CB  CG   sing N N 21  
ARG CB  HB2  sing N N 22  
ARG CB  HB3  sing N N 23  
ARG CG  CD   sing N N 24  
ARG CG  HG2  sing N N 25  
ARG CG  HG3  sing N N 26  
ARG CD  NE   sing N N 27  
ARG CD  HD2  sing N N 28  
ARG CD  HD3  sing N N 29  
ARG NE  CZ   sing N N 30  
ARG NE  HE   sing N N 31  
ARG CZ  NH1  sing N N 32  
ARG CZ  NH2  doub N N 33  
ARG NH1 HH11 sing N N 34  
ARG NH1 HH12 sing N N 35  
ARG NH2 HH21 sing N N 36  
ARG NH2 HH22 sing N N 37  
ARG OXT HXT  sing N N 38  
ASN N   CA   sing N N 39  
ASN N   H    sing N N 40  
ASN N   H2   sing N N 41  
ASN CA  C    sing N N 42  
ASN CA  CB   sing N N 43  
ASN CA  HA   sing N N 44  
ASN C   O    doub N N 45  
ASN C   OXT  sing N N 46  
ASN CB  CG   sing N N 47  
ASN CB  HB2  sing N N 48  
ASN CB  HB3  sing N N 49  
ASN CG  OD1  doub N N 50  
ASN CG  ND2  sing N N 51  
ASN ND2 HD21 sing N N 52  
ASN ND2 HD22 sing N N 53  
ASN OXT HXT  sing N N 54  
ASP N   CA   sing N N 55  
ASP N   H    sing N N 56  
ASP N   H2   sing N N 57  
ASP CA  C    sing N N 58  
ASP CA  CB   sing N N 59  
ASP CA  HA   sing N N 60  
ASP C   O    doub N N 61  
ASP C   OXT  sing N N 62  
ASP CB  CG   sing N N 63  
ASP CB  HB2  sing N N 64  
ASP CB  HB3  sing N N 65  
ASP CG  OD1  doub N N 66  
ASP CG  OD2  sing N N 67  
ASP OD2 HD2  sing N N 68  
ASP OXT HXT  sing N N 69  
CYS N   CA   sing N N 70  
CYS N   H    sing N N 71  
CYS N   H2   sing N N 72  
CYS CA  C    sing N N 73  
CYS CA  CB   sing N N 74  
CYS CA  HA   sing N N 75  
CYS C   O    doub N N 76  
CYS C   OXT  sing N N 77  
CYS CB  SG   sing N N 78  
CYS CB  HB2  sing N N 79  
CYS CB  HB3  sing N N 80  
CYS SG  HG   sing N N 81  
CYS OXT HXT  sing N N 82  
GLN N   CA   sing N N 83  
GLN N   H    sing N N 84  
GLN N   H2   sing N N 85  
GLN CA  C    sing N N 86  
GLN CA  CB   sing N N 87  
GLN CA  HA   sing N N 88  
GLN C   O    doub N N 89  
GLN C   OXT  sing N N 90  
GLN CB  CG   sing N N 91  
GLN CB  HB2  sing N N 92  
GLN CB  HB3  sing N N 93  
GLN CG  CD   sing N N 94  
GLN CG  HG2  sing N N 95  
GLN CG  HG3  sing N N 96  
GLN CD  OE1  doub N N 97  
GLN CD  NE2  sing N N 98  
GLN NE2 HE21 sing N N 99  
GLN NE2 HE22 sing N N 100 
GLN OXT HXT  sing N N 101 
GLU N   CA   sing N N 102 
GLU N   H    sing N N 103 
GLU N   H2   sing N N 104 
GLU CA  C    sing N N 105 
GLU CA  CB   sing N N 106 
GLU CA  HA   sing N N 107 
GLU C   O    doub N N 108 
GLU C   OXT  sing N N 109 
GLU CB  CG   sing N N 110 
GLU CB  HB2  sing N N 111 
GLU CB  HB3  sing N N 112 
GLU CG  CD   sing N N 113 
GLU CG  HG2  sing N N 114 
GLU CG  HG3  sing N N 115 
GLU CD  OE1  doub N N 116 
GLU CD  OE2  sing N N 117 
GLU OE2 HE2  sing N N 118 
GLU OXT HXT  sing N N 119 
GLY N   CA   sing N N 120 
GLY N   H    sing N N 121 
GLY N   H2   sing N N 122 
GLY CA  C    sing N N 123 
GLY CA  HA2  sing N N 124 
GLY CA  HA3  sing N N 125 
GLY C   O    doub N N 126 
GLY C   OXT  sing N N 127 
GLY OXT HXT  sing N N 128 
HIS N   CA   sing N N 129 
HIS N   H    sing N N 130 
HIS N   H2   sing N N 131 
HIS CA  C    sing N N 132 
HIS CA  CB   sing N N 133 
HIS CA  HA   sing N N 134 
HIS C   O    doub N N 135 
HIS C   OXT  sing N N 136 
HIS CB  CG   sing N N 137 
HIS CB  HB2  sing N N 138 
HIS CB  HB3  sing N N 139 
HIS CG  ND1  sing Y N 140 
HIS CG  CD2  doub Y N 141 
HIS ND1 CE1  doub Y N 142 
HIS ND1 HD1  sing N N 143 
HIS CD2 NE2  sing Y N 144 
HIS CD2 HD2  sing N N 145 
HIS CE1 NE2  sing Y N 146 
HIS CE1 HE1  sing N N 147 
HIS NE2 HE2  sing N N 148 
HIS OXT HXT  sing N N 149 
HOH O   H1   sing N N 150 
HOH O   H2   sing N N 151 
ILE N   CA   sing N N 152 
ILE N   H    sing N N 153 
ILE N   H2   sing N N 154 
ILE CA  C    sing N N 155 
ILE CA  CB   sing N N 156 
ILE CA  HA   sing N N 157 
ILE C   O    doub N N 158 
ILE C   OXT  sing N N 159 
ILE CB  CG1  sing N N 160 
ILE CB  CG2  sing N N 161 
ILE CB  HB   sing N N 162 
ILE CG1 CD1  sing N N 163 
ILE CG1 HG12 sing N N 164 
ILE CG1 HG13 sing N N 165 
ILE CG2 HG21 sing N N 166 
ILE CG2 HG22 sing N N 167 
ILE CG2 HG23 sing N N 168 
ILE CD1 HD11 sing N N 169 
ILE CD1 HD12 sing N N 170 
ILE CD1 HD13 sing N N 171 
ILE OXT HXT  sing N N 172 
LEU N   CA   sing N N 173 
LEU N   H    sing N N 174 
LEU N   H2   sing N N 175 
LEU CA  C    sing N N 176 
LEU CA  CB   sing N N 177 
LEU CA  HA   sing N N 178 
LEU C   O    doub N N 179 
LEU C   OXT  sing N N 180 
LEU CB  CG   sing N N 181 
LEU CB  HB2  sing N N 182 
LEU CB  HB3  sing N N 183 
LEU CG  CD1  sing N N 184 
LEU CG  CD2  sing N N 185 
LEU CG  HG   sing N N 186 
LEU CD1 HD11 sing N N 187 
LEU CD1 HD12 sing N N 188 
LEU CD1 HD13 sing N N 189 
LEU CD2 HD21 sing N N 190 
LEU CD2 HD22 sing N N 191 
LEU CD2 HD23 sing N N 192 
LEU OXT HXT  sing N N 193 
LYS N   CA   sing N N 194 
LYS N   H    sing N N 195 
LYS N   H2   sing N N 196 
LYS CA  C    sing N N 197 
LYS CA  CB   sing N N 198 
LYS CA  HA   sing N N 199 
LYS C   O    doub N N 200 
LYS C   OXT  sing N N 201 
LYS CB  CG   sing N N 202 
LYS CB  HB2  sing N N 203 
LYS CB  HB3  sing N N 204 
LYS CG  CD   sing N N 205 
LYS CG  HG2  sing N N 206 
LYS CG  HG3  sing N N 207 
LYS CD  CE   sing N N 208 
LYS CD  HD2  sing N N 209 
LYS CD  HD3  sing N N 210 
LYS CE  NZ   sing N N 211 
LYS CE  HE2  sing N N 212 
LYS CE  HE3  sing N N 213 
LYS NZ  HZ1  sing N N 214 
LYS NZ  HZ2  sing N N 215 
LYS NZ  HZ3  sing N N 216 
LYS OXT HXT  sing N N 217 
PHE N   CA   sing N N 218 
PHE N   H    sing N N 219 
PHE N   H2   sing N N 220 
PHE CA  C    sing N N 221 
PHE CA  CB   sing N N 222 
PHE CA  HA   sing N N 223 
PHE C   O    doub N N 224 
PHE C   OXT  sing N N 225 
PHE CB  CG   sing N N 226 
PHE CB  HB2  sing N N 227 
PHE CB  HB3  sing N N 228 
PHE CG  CD1  doub Y N 229 
PHE CG  CD2  sing Y N 230 
PHE CD1 CE1  sing Y N 231 
PHE CD1 HD1  sing N N 232 
PHE CD2 CE2  doub Y N 233 
PHE CD2 HD2  sing N N 234 
PHE CE1 CZ   doub Y N 235 
PHE CE1 HE1  sing N N 236 
PHE CE2 CZ   sing Y N 237 
PHE CE2 HE2  sing N N 238 
PHE CZ  HZ   sing N N 239 
PHE OXT HXT  sing N N 240 
PM3 N   CA   sing N N 241 
PM3 N   H    sing N N 242 
PM3 N   H2   sing N N 243 
PM3 CA  CB   sing N N 244 
PM3 CA  C    sing N N 245 
PM3 CA  HA   sing N N 246 
PM3 CB  CG   sing N N 247 
PM3 CB  HB2  sing N N 248 
PM3 CB  HB3  sing N N 249 
PM3 CG  CD1  sing Y N 250 
PM3 CG  CD2  doub Y N 251 
PM3 CD1 CE1  doub Y N 252 
PM3 CD1 HD1  sing N N 253 
PM3 CE1 CZ   sing Y N 254 
PM3 CE1 HE1  sing N N 255 
PM3 CD2 CE2  sing Y N 256 
PM3 CD2 HD2  sing N N 257 
PM3 CE2 CZ   doub Y N 258 
PM3 CE2 HE2  sing N N 259 
PM3 CZ  CH4  sing N N 260 
PM3 CH4 P    sing N N 261 
PM3 CH4 HH42 sing N N 262 
PM3 CH4 HH43 sing N N 263 
PM3 P   O1   sing N N 264 
PM3 P   O2   doub N N 265 
PM3 P   O3   sing N N 266 
PM3 O1  HO1  sing N N 267 
PM3 O3  HO3  sing N N 268 
PM3 C   OXT  sing N N 269 
PM3 C   O    doub N N 270 
PM3 OXT HXT  sing N N 271 
PRO N   CA   sing N N 272 
PRO N   CD   sing N N 273 
PRO N   H    sing N N 274 
PRO CA  C    sing N N 275 
PRO CA  CB   sing N N 276 
PRO CA  HA   sing N N 277 
PRO C   O    doub N N 278 
PRO C   OXT  sing N N 279 
PRO CB  CG   sing N N 280 
PRO CB  HB2  sing N N 281 
PRO CB  HB3  sing N N 282 
PRO CG  CD   sing N N 283 
PRO CG  HG2  sing N N 284 
PRO CG  HG3  sing N N 285 
PRO CD  HD2  sing N N 286 
PRO CD  HD3  sing N N 287 
PRO OXT HXT  sing N N 288 
SER N   CA   sing N N 289 
SER N   H    sing N N 290 
SER N   H2   sing N N 291 
SER CA  C    sing N N 292 
SER CA  CB   sing N N 293 
SER CA  HA   sing N N 294 
SER C   O    doub N N 295 
SER C   OXT  sing N N 296 
SER CB  OG   sing N N 297 
SER CB  HB2  sing N N 298 
SER CB  HB3  sing N N 299 
SER OG  HG   sing N N 300 
SER OXT HXT  sing N N 301 
THR N   CA   sing N N 302 
THR N   H    sing N N 303 
THR N   H2   sing N N 304 
THR CA  C    sing N N 305 
THR CA  CB   sing N N 306 
THR CA  HA   sing N N 307 
THR C   O    doub N N 308 
THR C   OXT  sing N N 309 
THR CB  OG1  sing N N 310 
THR CB  CG2  sing N N 311 
THR CB  HB   sing N N 312 
THR OG1 HG1  sing N N 313 
THR CG2 HG21 sing N N 314 
THR CG2 HG22 sing N N 315 
THR CG2 HG23 sing N N 316 
THR OXT HXT  sing N N 317 
TRP N   CA   sing N N 318 
TRP N   H    sing N N 319 
TRP N   H2   sing N N 320 
TRP CA  C    sing N N 321 
TRP CA  CB   sing N N 322 
TRP CA  HA   sing N N 323 
TRP C   O    doub N N 324 
TRP C   OXT  sing N N 325 
TRP CB  CG   sing N N 326 
TRP CB  HB2  sing N N 327 
TRP CB  HB3  sing N N 328 
TRP CG  CD1  doub Y N 329 
TRP CG  CD2  sing Y N 330 
TRP CD1 NE1  sing Y N 331 
TRP CD1 HD1  sing N N 332 
TRP CD2 CE2  doub Y N 333 
TRP CD2 CE3  sing Y N 334 
TRP NE1 CE2  sing Y N 335 
TRP NE1 HE1  sing N N 336 
TRP CE2 CZ2  sing Y N 337 
TRP CE3 CZ3  doub Y N 338 
TRP CE3 HE3  sing N N 339 
TRP CZ2 CH2  doub Y N 340 
TRP CZ2 HZ2  sing N N 341 
TRP CZ3 CH2  sing Y N 342 
TRP CZ3 HZ3  sing N N 343 
TRP CH2 HH2  sing N N 344 
TRP OXT HXT  sing N N 345 
TYR N   CA   sing N N 346 
TYR N   H    sing N N 347 
TYR N   H2   sing N N 348 
TYR CA  C    sing N N 349 
TYR CA  CB   sing N N 350 
TYR CA  HA   sing N N 351 
TYR C   O    doub N N 352 
TYR C   OXT  sing N N 353 
TYR CB  CG   sing N N 354 
TYR CB  HB2  sing N N 355 
TYR CB  HB3  sing N N 356 
TYR CG  CD1  doub Y N 357 
TYR CG  CD2  sing Y N 358 
TYR CD1 CE1  sing Y N 359 
TYR CD1 HD1  sing N N 360 
TYR CD2 CE2  doub Y N 361 
TYR CD2 HD2  sing N N 362 
TYR CE1 CZ   doub Y N 363 
TYR CE1 HE1  sing N N 364 
TYR CE2 CZ   sing Y N 365 
TYR CE2 HE2  sing N N 366 
TYR CZ  OH   sing N N 367 
TYR OH  HH   sing N N 368 
TYR OXT HXT  sing N N 369 
VAL N   CA   sing N N 370 
VAL N   H    sing N N 371 
VAL N   H2   sing N N 372 
VAL CA  C    sing N N 373 
VAL CA  CB   sing N N 374 
VAL CA  HA   sing N N 375 
VAL C   O    doub N N 376 
VAL C   OXT  sing N N 377 
VAL CB  CG1  sing N N 378 
VAL CB  CG2  sing N N 379 
VAL CB  HB   sing N N 380 
VAL CG1 HG11 sing N N 381 
VAL CG1 HG12 sing N N 382 
VAL CG1 HG13 sing N N 383 
VAL CG2 HG21 sing N N 384 
VAL CG2 HG22 sing N N 385 
VAL CG2 HG23 sing N N 386 
VAL OXT HXT  sing N N 387 
# 
_atom_sites.entry_id                    1CWD 
_atom_sites.fract_transf_matrix[1][1]   0.00127217 
_atom_sites.fract_transf_matrix[1][2]   -0.02080060 
_atom_sites.fract_transf_matrix[1][3]   -0.00818983 
_atom_sites.fract_transf_matrix[2][1]   -0.01811941 
_atom_sites.fract_transf_matrix[2][2]   -0.00513582 
_atom_sites.fract_transf_matrix[2][3]   0.01022942 
_atom_sites.fract_transf_matrix[3][1]   -0.00910900 
_atom_sites.fract_transf_matrix[3][2]   0.00483908 
_atom_sites.fract_transf_matrix[3][3]   -0.01370528 
_atom_sites.fract_transf_vector[1]      0.201406 
_atom_sites.fract_transf_vector[2]      0.075373 
_atom_sites.fract_transf_vector[3]      -0.183361 
# 
loop_
_atom_type.symbol 
C 
N 
O 
P 
S 
# 
loop_
_atom_site.group_PDB 
_atom_site.id 
_atom_site.type_symbol 
_atom_site.label_atom_id 
_atom_site.label_alt_id 
_atom_site.label_comp_id 
_atom_site.label_asym_id 
_atom_site.label_entity_id 
_atom_site.label_seq_id 
_atom_site.pdbx_PDB_ins_code 
_atom_site.Cartn_x 
_atom_site.Cartn_y 
_atom_site.Cartn_z 
_atom_site.occupancy 
_atom_site.B_iso_or_equiv 
_atom_site.pdbx_formal_charge 
_atom_site.auth_seq_id 
_atom_site.auth_comp_id 
_atom_site.auth_asym_id 
_atom_site.auth_atom_id 
_atom_site.pdbx_PDB_model_num 
ATOM   1   N N   . GLY A 1 1  ? 4.105   1.127   -13.535 1.00 46.87 ? 3   GLY L N   1 
ATOM   2   C CA  . GLY A 1 1  ? 5.491   0.690   -13.618 1.00 47.14 ? 3   GLY L CA  1 
ATOM   3   C C   . GLY A 1 1  ? 5.858   -0.258  -12.500 1.00 46.62 ? 3   GLY L C   1 
ATOM   4   O O   . GLY A 1 1  ? 4.949   -0.783  -11.866 1.00 49.84 ? 3   GLY L O   1 
ATOM   5   N N   . SER A 1 2  ? 7.150   -0.393  -12.177 1.00 44.94 ? 4   SER L N   1 
ATOM   6   C CA  . SER A 1 2  ? 7.600   -1.344  -11.137 1.00 40.10 ? 4   SER L CA  1 
ATOM   7   C C   . SER A 1 2  ? 6.834   -1.442  -9.798  1.00 35.28 ? 4   SER L C   1 
ATOM   8   O O   . SER A 1 2  ? 6.705   -2.533  -9.233  1.00 34.21 ? 4   SER L O   1 
ATOM   9   C CB  . SER A 1 2  ? 9.126   -1.265  -10.923 1.00 42.11 ? 4   SER L CB  1 
ATOM   10  O OG  . SER A 1 2  ? 9.602   0.075   -10.920 1.00 46.82 ? 4   SER L OG  1 
ATOM   11  N N   . TRP A 1 3  ? 6.308   -0.336  -9.293  1.00 30.00 ? 5   TRP L N   1 
ATOM   12  C CA  . TRP A 1 3  ? 5.547   -0.430  -8.058  1.00 24.76 ? 5   TRP L CA  1 
ATOM   13  C C   . TRP A 1 3  ? 4.027   -0.415  -8.240  1.00 23.40 ? 5   TRP L C   1 
ATOM   14  O O   . TRP A 1 3  ? 3.303   -0.827  -7.328  1.00 21.69 ? 5   TRP L O   1 
ATOM   15  C CB  . TRP A 1 3  ? 5.975   0.636   -7.080  1.00 24.07 ? 5   TRP L CB  1 
ATOM   16  C CG  . TRP A 1 3  ? 5.980   2.041   -7.575  1.00 21.74 ? 5   TRP L CG  1 
ATOM   17  C CD1 . TRP A 1 3  ? 7.086   2.834   -7.746  1.00 20.97 ? 5   TRP L CD1 1 
ATOM   18  C CD2 . TRP A 1 3  ? 4.848   2.914   -7.710  1.00 20.89 ? 5   TRP L CD2 1 
ATOM   19  N NE1 . TRP A 1 3  ? 6.709   4.147   -7.928  1.00 22.32 ? 5   TRP L NE1 1 
ATOM   20  C CE2 . TRP A 1 3  ? 5.341   4.225   -7.903  1.00 21.25 ? 5   TRP L CE2 1 
ATOM   21  C CE3 . TRP A 1 3  ? 3.462   2.716   -7.664  1.00 20.39 ? 5   TRP L CE3 1 
ATOM   22  C CZ2 . TRP A 1 3  ? 4.496   5.335   -8.043  1.00 18.94 ? 5   TRP L CZ2 1 
ATOM   23  C CZ3 . TRP A 1 3  ? 2.612   3.835   -7.812  1.00 19.35 ? 5   TRP L CZ3 1 
ATOM   24  C CH2 . TRP A 1 3  ? 3.138   5.116   -7.992  1.00 14.78 ? 5   TRP L CH2 1 
ATOM   25  N N   . PHE A 1 4  ? 3.575   -0.190  -9.479  1.00 21.33 ? 6   PHE L N   1 
ATOM   26  C CA  . PHE A 1 4  ? 2.151   -0.119  -9.804  1.00 20.26 ? 6   PHE L CA  1 
ATOM   27  C C   . PHE A 1 4  ? 1.657   -1.338  -10.565 1.00 21.02 ? 6   PHE L C   1 
ATOM   28  O O   . PHE A 1 4  ? 2.181   -1.657  -11.630 1.00 21.55 ? 6   PHE L O   1 
ATOM   29  C CB  . PHE A 1 4  ? 1.875   1.122   -10.627 1.00 20.63 ? 6   PHE L CB  1 
ATOM   30  C CG  . PHE A 1 4  ? 0.416   1.349   -10.891 1.00 24.06 ? 6   PHE L CG  1 
ATOM   31  C CD1 . PHE A 1 4  ? -0.394  1.952   -9.931  1.00 23.27 ? 6   PHE L CD1 1 
ATOM   32  C CD2 . PHE A 1 4  ? -0.169  0.914   -12.079 1.00 22.69 ? 6   PHE L CD2 1 
ATOM   33  C CE1 . PHE A 1 4  ? -1.767  2.109   -10.139 1.00 24.86 ? 6   PHE L CE1 1 
ATOM   34  C CE2 . PHE A 1 4  ? -1.540  1.071   -12.289 1.00 26.68 ? 6   PHE L CE2 1 
ATOM   35  C CZ  . PHE A 1 4  ? -2.335  1.665   -11.315 1.00 24.92 ? 6   PHE L CZ  1 
ATOM   36  N N   . PHE A 1 5  ? 0.566   -1.934  -10.102 1.00 17.96 ? 7   PHE L N   1 
ATOM   37  C CA  . PHE A 1 5  ? 0.040   -3.122  -10.736 1.00 21.94 ? 7   PHE L CA  1 
ATOM   38  C C   . PHE A 1 5  ? -1.463  -3.015  -10.968 1.00 25.11 ? 7   PHE L C   1 
ATOM   39  O O   . PHE A 1 5  ? -2.225  -2.641  -10.067 1.00 24.96 ? 7   PHE L O   1 
ATOM   40  C CB  . PHE A 1 5  ? 0.332   -4.358  -9.869  1.00 28.06 ? 7   PHE L CB  1 
ATOM   41  C CG  . PHE A 1 5  ? 1.797   -4.658  -9.690  1.00 31.03 ? 7   PHE L CG  1 
ATOM   42  C CD1 . PHE A 1 5  ? 2.607   -3.823  -8.922  1.00 31.82 ? 7   PHE L CD1 1 
ATOM   43  C CD2 . PHE A 1 5  ? 2.376   -5.750  -10.323 1.00 34.82 ? 7   PHE L CD2 1 
ATOM   44  C CE1 . PHE A 1 5  ? 3.989   -4.069  -8.792  1.00 35.19 ? 7   PHE L CE1 1 
ATOM   45  C CE2 . PHE A 1 5  ? 3.761   -6.007  -10.198 1.00 38.53 ? 7   PHE L CE2 1 
ATOM   46  C CZ  . PHE A 1 5  ? 4.567   -5.162  -9.431  1.00 35.78 ? 7   PHE L CZ  1 
ATOM   47  N N   . LYS A 1 6  ? -1.891  -3.389  -12.167 1.00 25.86 ? 8   LYS L N   1 
ATOM   48  C CA  . LYS A 1 6  ? -3.299  -3.329  -12.519 1.00 27.35 ? 8   LYS L CA  1 
ATOM   49  C C   . LYS A 1 6  ? -3.953  -4.695  -12.398 1.00 24.93 ? 8   LYS L C   1 
ATOM   50  O O   . LYS A 1 6  ? -3.304  -5.694  -12.609 1.00 25.01 ? 8   LYS L O   1 
ATOM   51  C CB  . LYS A 1 6  ? -3.461  -2.841  -13.965 1.00 31.07 ? 8   LYS L CB  1 
ATOM   52  C CG  . LYS A 1 6  ? -3.051  -1.404  -14.221 1.00 32.38 ? 8   LYS L CG  1 
ATOM   53  C CD  . LYS A 1 6  ? -4.253  -0.488  -14.147 1.00 36.66 ? 8   LYS L CD  1 
ATOM   54  C CE  . LYS A 1 6  ? -4.662  -0.026  -15.531 1.00 38.73 ? 8   LYS L CE  1 
ATOM   55  N NZ  . LYS A 1 6  ? -3.539  0.707   -16.132 1.00 39.47 ? 8   LYS L NZ  1 
ATOM   56  N N   . ASN A 1 7  ? -5.165  -4.725  -11.863 1.00 27.57 ? 9   ASN L N   1 
ATOM   57  C CA  . ASN A 1 7  ? -5.947  -5.956  -11.776 1.00 31.05 ? 9   ASN L CA  1 
ATOM   58  C C   . ASN A 1 7  ? -5.407  -7.078  -10.897 1.00 31.48 ? 9   ASN L C   1 
ATOM   59  O O   . ASN A 1 7  ? -5.892  -8.217  -11.004 1.00 34.21 ? 9   ASN L O   1 
ATOM   60  C CB  . ASN A 1 7  ? -6.161  -6.523  -13.196 1.00 34.56 ? 9   ASN L CB  1 
ATOM   61  C CG  . ASN A 1 7  ? -6.729  -5.489  -14.168 1.00 38.34 ? 9   ASN L CG  1 
ATOM   62  O OD1 . ASN A 1 7  ? -7.616  -4.708  -13.817 1.00 38.84 ? 9   ASN L OD1 1 
ATOM   63  N ND2 . ASN A 1 7  ? -6.191  -5.458  -15.385 1.00 41.19 ? 9   ASN L ND2 1 
ATOM   64  N N   . LEU A 1 8  ? -4.471  -6.764  -9.997  1.00 27.54 ? 10  LEU L N   1 
ATOM   65  C CA  . LEU A 1 8  ? -3.839  -7.747  -9.099  1.00 20.49 ? 10  LEU L CA  1 
ATOM   66  C C   . LEU A 1 8  ? -4.690  -7.903  -7.827  1.00 16.45 ? 10  LEU L C   1 
ATOM   67  O O   . LEU A 1 8  ? -5.063  -6.922  -7.203  1.00 17.90 ? 10  LEU L O   1 
ATOM   68  C CB  . LEU A 1 8  ? -2.417  -7.263  -8.788  1.00 19.55 ? 10  LEU L CB  1 
ATOM   69  C CG  . LEU A 1 8  ? -1.326  -8.149  -8.223  1.00 20.13 ? 10  LEU L CG  1 
ATOM   70  C CD1 . LEU A 1 8  ? -0.910  -9.195  -9.220  1.00 19.97 ? 10  LEU L CD1 1 
ATOM   71  C CD2 . LEU A 1 8  ? -0.165  -7.285  -7.903  1.00 17.33 ? 10  LEU L CD2 1 
ATOM   72  N N   . SER A 1 9  ? -5.218  -9.098  -7.604  1.00 16.16 ? 11  SER L N   1 
ATOM   73  C CA  . SER A 1 9  ? -6.053  -9.369  -6.449  1.00 15.91 ? 11  SER L CA  1 
ATOM   74  C C   . SER A 1 9  ? -5.249  -9.294  -5.160  1.00 14.89 ? 11  SER L C   1 
ATOM   75  O O   . SER A 1 9  ? -4.055  -9.495  -5.165  1.00 14.38 ? 11  SER L O   1 
ATOM   76  C CB  . SER A 1 9  ? -6.642  -10.760 -6.553  1.00 16.19 ? 11  SER L CB  1 
ATOM   77  O OG  . SER A 1 9  ? -5.681  -11.693 -6.112  1.00 17.76 ? 11  SER L OG  1 
ATOM   78  N N   . ARG A 1 10 ? -5.950  -9.256  -4.042  1.00 17.45 ? 12  ARG L N   1 
ATOM   79  C CA  . ARG A 1 10 ? -5.298  -9.204  -2.750  1.00 18.58 ? 12  ARG L CA  1 
ATOM   80  C C   . ARG A 1 10 ? -4.345  -10.379 -2.535  1.00 22.07 ? 12  ARG L C   1 
ATOM   81  O O   . ARG A 1 10 ? -3.246  -10.208 -1.992  1.00 24.43 ? 12  ARG L O   1 
ATOM   82  C CB  . ARG A 1 10 ? -6.324  -9.217  -1.626  1.00 17.81 ? 12  ARG L CB  1 
ATOM   83  C CG  . ARG A 1 10 ? -5.644  -9.373  -0.264  1.00 19.37 ? 12  ARG L CG  1 
ATOM   84  C CD  . ARG A 1 10 ? -6.620  -9.494  0.906   1.00 19.55 ? 12  ARG L CD  1 
ATOM   85  N NE  . ARG A 1 10 ? -7.183  -8.205  1.259   1.00 21.89 ? 12  ARG L NE  1 
ATOM   86  C CZ  . ARG A 1 10 ? -7.147  -7.670  2.473   1.00 20.21 ? 12  ARG L CZ  1 
ATOM   87  N NH1 . ARG A 1 10 ? -6.566  -8.300  3.482   1.00 18.33 ? 12  ARG L NH1 1 
ATOM   88  N NH2 . ARG A 1 10 ? -7.695  -6.486  2.658   1.00 20.47 ? 12  ARG L NH2 1 
ATOM   89  N N   . LYS A 1 11 ? -4.774  -11.584 -2.891  1.00 24.50 ? 13  LYS L N   1 
ATOM   90  C CA  . LYS A 1 11 ? -3.920  -12.760 -2.677  1.00 26.90 ? 13  LYS L CA  1 
ATOM   91  C C   . LYS A 1 11 ? -2.737  -12.904 -3.645  1.00 25.11 ? 13  LYS L C   1 
ATOM   92  O O   . LYS A 1 11 ? -1.714  -13.486 -3.286  1.00 23.81 ? 13  LYS L O   1 
ATOM   93  C CB  . LYS A 1 11 ? -4.743  -14.050 -2.620  1.00 31.17 ? 13  LYS L CB  1 
ATOM   94  C CG  . LYS A 1 11 ? -4.911  -14.720 -3.965  1.00 39.82 ? 13  LYS L CG  1 
ATOM   95  C CD  . LYS A 1 11 ? -4.995  -16.226 -3.821  1.00 46.29 ? 13  LYS L CD  1 
ATOM   96  C CE  . LYS A 1 11 ? -4.735  -16.901 -5.153  1.00 48.55 ? 13  LYS L CE  1 
ATOM   97  N NZ  . LYS A 1 11 ? -4.933  -18.388 -5.045  1.00 53.17 ? 13  LYS L NZ  1 
ATOM   98  N N   . ASP A 1 12 ? -2.890  -12.433 -4.883  1.00 22.23 ? 14  ASP L N   1 
ATOM   99  C CA  . ASP A 1 12 ? -1.779  -12.487 -5.824  1.00 21.85 ? 14  ASP L CA  1 
ATOM   100 C C   . ASP A 1 12 ? -0.698  -11.602 -5.243  1.00 21.60 ? 14  ASP L C   1 
ATOM   101 O O   . ASP A 1 12 ? 0.481   -11.944 -5.340  1.00 22.34 ? 14  ASP L O   1 
ATOM   102 C CB  . ASP A 1 12 ? -2.166  -11.946 -7.202  1.00 26.21 ? 14  ASP L CB  1 
ATOM   103 C CG  . ASP A 1 12 ? -3.305  -12.745 -7.848  1.00 33.71 ? 14  ASP L CG  1 
ATOM   104 O OD1 . ASP A 1 12 ? -3.280  -14.005 -7.749  1.00 31.43 ? 14  ASP L OD1 1 
ATOM   105 O OD2 . ASP A 1 12 ? -4.232  -12.102 -8.433  1.00 35.50 ? 14  ASP L OD2 1 
ATOM   106 N N   . ALA A 1 13 ? -1.104  -10.414 -4.753  1.00 20.50 ? 15  ALA L N   1 
ATOM   107 C CA  . ALA A 1 13 ? -0.212  -9.417  -4.127  1.00 15.16 ? 15  ALA L CA  1 
ATOM   108 C C   . ALA A 1 13 ? 0.492   -10.059 -2.949  1.00 15.67 ? 15  ALA L C   1 
ATOM   109 O O   . ALA A 1 13 ? 1.687   -9.916  -2.782  1.00 15.83 ? 15  ALA L O   1 
ATOM   110 C CB  . ALA A 1 13 ? -1.000  -8.235  -3.636  1.00 10.84 ? 15  ALA L CB  1 
ATOM   111 N N   . GLU A 1 14 ? -0.233  -10.859 -2.188  1.00 18.16 ? 16  GLU L N   1 
ATOM   112 C CA  . GLU A 1 14 ? 0.380   -11.522 -1.057  1.00 22.54 ? 16  GLU L CA  1 
ATOM   113 C C   . GLU A 1 14 ? 1.513   -12.489 -1.449  1.00 23.68 ? 16  GLU L C   1 
ATOM   114 O O   . GLU A 1 14 ? 2.639   -12.311 -0.967  1.00 24.60 ? 16  GLU L O   1 
ATOM   115 C CB  . GLU A 1 14 ? -0.688  -12.169 -0.167  1.00 21.81 ? 16  GLU L CB  1 
ATOM   116 C CG  . GLU A 1 14 ? -1.495  -11.125 0.610   1.00 22.78 ? 16  GLU L CG  1 
ATOM   117 C CD  . GLU A 1 14 ? -2.438  -11.720 1.639   1.00 28.55 ? 16  GLU L CD  1 
ATOM   118 O OE1 . GLU A 1 14 ? -2.573  -12.957 1.723   1.00 32.16 ? 16  GLU L OE1 1 
ATOM   119 O OE2 . GLU A 1 14 ? -3.054  -10.940 2.383   1.00 31.66 ? 16  GLU L OE2 1 
ATOM   120 N N   . ARG A 1 15 ? 1.280   -13.323 -2.471  1.00 25.33 ? 17  ARG L N   1 
ATOM   121 C CA  . ARG A 1 15 ? 2.264   -14.287 -2.957  1.00 29.11 ? 17  ARG L CA  1 
ATOM   122 C C   . ARG A 1 15 ? 3.497   -13.582 -3.497  1.00 30.86 ? 17  ARG L C   1 
ATOM   123 O O   . ARG A 1 15 ? 4.620   -14.059 -3.350  1.00 30.25 ? 17  ARG L O   1 
ATOM   124 C CB  . ARG A 1 15 ? 1.689   -15.135 -4.088  1.00 33.15 ? 17  ARG L CB  1 
ATOM   125 C CG  . ARG A 1 15 ? 0.343   -15.690 -3.798  1.00 43.71 ? 17  ARG L CG  1 
ATOM   126 C CD  . ARG A 1 15 ? 0.330   -17.203 -3.827  1.00 52.18 ? 17  ARG L CD  1 
ATOM   127 N NE  . ARG A 1 15 ? -0.875  -17.750 -3.182  1.00 60.91 ? 17  ARG L NE  1 
ATOM   128 C CZ  . ARG A 1 15 ? -0.921  -18.256 -1.940  1.00 64.30 ? 17  ARG L CZ  1 
ATOM   129 N NH1 . ARG A 1 15 ? 0.170   -18.302 -1.168  1.00 66.10 ? 17  ARG L NH1 1 
ATOM   130 N NH2 . ARG A 1 15 ? -2.073  -18.722 -1.459  1.00 66.61 ? 17  ARG L NH2 1 
ATOM   131 N N   . GLN A 1 16 ? 3.264   -12.530 -4.260  1.00 30.00 ? 18  GLN L N   1 
ATOM   132 C CA  . GLN A 1 16 ? 4.340   -11.762 -4.859  1.00 31.62 ? 18  GLN L CA  1 
ATOM   133 C C   . GLN A 1 16 ? 5.207   -11.076 -3.780  1.00 31.22 ? 18  GLN L C   1 
ATOM   134 O O   . GLN A 1 16 ? 6.437   -11.183 -3.791  1.00 33.96 ? 18  GLN L O   1 
ATOM   135 C CB  . GLN A 1 16 ? 3.716   -10.722 -5.794  1.00 35.25 ? 18  GLN L CB  1 
ATOM   136 C CG  . GLN A 1 16 ? 4.522   -10.295 -7.023  1.00 40.25 ? 18  GLN L CG  1 
ATOM   137 C CD  . GLN A 1 16 ? 3.755   -9.298  -7.911  1.00 41.17 ? 18  GLN L CD  1 
ATOM   138 O OE1 . GLN A 1 16 ? 4.175   -8.147  -8.080  1.00 39.38 ? 18  GLN L OE1 1 
ATOM   139 N NE2 . GLN A 1 16 ? 2.630   -9.747  -8.483  1.00 41.34 ? 18  GLN L NE2 1 
ATOM   140 N N   . LEU A 1 17 ? 4.571   -10.446 -2.798  1.00 31.37 ? 19  LEU L N   1 
ATOM   141 C CA  . LEU A 1 17 ? 5.317   -9.764  -1.745  1.00 28.50 ? 19  LEU L CA  1 
ATOM   142 C C   . LEU A 1 17 ? 6.064   -10.716 -0.809  1.00 30.01 ? 19  LEU L C   1 
ATOM   143 O O   . LEU A 1 17 ? 7.186   -10.409 -0.388  1.00 31.42 ? 19  LEU L O   1 
ATOM   144 C CB  . LEU A 1 17 ? 4.418   -8.800  -0.962  0.77 22.16 ? 19  LEU L CB  1 
ATOM   145 C CG  . LEU A 1 17 ? 4.099   -7.537  -1.755  0.77 17.56 ? 19  LEU L CG  1 
ATOM   146 C CD1 . LEU A 1 17 ? 2.997   -6.761  -1.112  0.77 11.86 ? 19  LEU L CD1 1 
ATOM   147 C CD2 . LEU A 1 17 ? 5.361   -6.718  -1.925  0.77 15.06 ? 19  LEU L CD2 1 
ATOM   148 N N   . LEU A 1 18 ? 5.488   -11.889 -0.547  1.00 29.72 ? 20  LEU L N   1 
ATOM   149 C CA  . LEU A 1 18 ? 6.115   -12.862 0.343   1.00 29.19 ? 20  LEU L CA  1 
ATOM   150 C C   . LEU A 1 18 ? 7.241   -13.679 -0.295  1.00 31.64 ? 20  LEU L C   1 
ATOM   151 O O   . LEU A 1 18 ? 7.914   -14.461 0.403   1.00 33.15 ? 20  LEU L O   1 
ATOM   152 C CB  . LEU A 1 18 ? 5.073   -13.802 0.942   0.77 23.30 ? 20  LEU L CB  1 
ATOM   153 C CG  . LEU A 1 18 ? 4.083   -13.138 1.881   0.77 23.71 ? 20  LEU L CG  1 
ATOM   154 C CD1 . LEU A 1 18 ? 2.939   -14.076 2.113   0.77 23.95 ? 20  LEU L CD1 1 
ATOM   155 C CD2 . LEU A 1 18 ? 4.741   -12.723 3.163   0.77 18.19 ? 20  LEU L CD2 1 
ATOM   156 N N   . ALA A 1 19 ? 7.486   -13.467 -1.590  1.00 31.93 ? 21  ALA L N   1 
ATOM   157 C CA  . ALA A 1 19 ? 8.536   -14.207 -2.283  1.00 32.11 ? 21  ALA L CA  1 
ATOM   158 C C   . ALA A 1 19 ? 9.945   -13.842 -1.772  1.00 32.18 ? 21  ALA L C   1 
ATOM   159 O O   . ALA A 1 19 ? 10.156  -12.739 -1.268  1.00 32.33 ? 21  ALA L O   1 
ATOM   160 C CB  . ALA A 1 19 ? 8.437   -13.965 -3.801  1.00 32.60 ? 21  ALA L CB  1 
ATOM   161 N N   . PRO A 1 20 ? 10.898  -14.798 -1.804  1.00 33.21 ? 22  PRO L N   1 
ATOM   162 C CA  . PRO A 1 20 ? 12.271  -14.520 -1.352  1.00 35.23 ? 22  PRO L CA  1 
ATOM   163 C C   . PRO A 1 20 ? 12.866  -13.488 -2.314  1.00 35.19 ? 22  PRO L C   1 
ATOM   164 O O   . PRO A 1 20 ? 12.653  -13.536 -3.529  1.00 35.61 ? 22  PRO L O   1 
ATOM   165 C CB  . PRO A 1 20 ? 12.953  -15.879 -1.458  1.00 38.25 ? 22  PRO L CB  1 
ATOM   166 C CG  . PRO A 1 20 ? 12.121  -16.622 -2.518  1.00 37.36 ? 22  PRO L CG  1 
ATOM   167 C CD  . PRO A 1 20 ? 10.732  -16.225 -2.126  1.00 34.32 ? 22  PRO L CD  1 
ATOM   168 N N   . GLY A 1 21 ? 13.474  -12.464 -1.758  1.00 32.60 ? 23  GLY L N   1 
ATOM   169 C CA  . GLY A 1 21 ? 13.985  -11.404 -2.591  1.00 30.67 ? 23  GLY L CA  1 
ATOM   170 C C   . GLY A 1 21 ? 13.330  -10.131 -2.121  1.00 27.69 ? 23  GLY L C   1 
ATOM   171 O O   . GLY A 1 21 ? 13.807  -9.039  -2.391  1.00 28.48 ? 23  GLY L O   1 
ATOM   172 N N   . ASN A 1 22 ? 12.222  -10.271 -1.410  1.00 27.26 ? 24  ASN L N   1 
ATOM   173 C CA  . ASN A 1 22 ? 11.510  -9.122  -0.898  1.00 28.01 ? 24  ASN L CA  1 
ATOM   174 C C   . ASN A 1 22 ? 11.874  -8.921  0.577   1.00 28.51 ? 24  ASN L C   1 
ATOM   175 O O   . ASN A 1 22 ? 12.234  -9.876  1.238   1.00 31.48 ? 24  ASN L O   1 
ATOM   176 C CB  . ASN A 1 22 ? 10.004  -9.324  -1.099  1.00 28.09 ? 24  ASN L CB  1 
ATOM   177 C CG  . ASN A 1 22 ? 9.576   -9.164  -2.572  1.00 29.65 ? 24  ASN L CG  1 
ATOM   178 O OD1 . ASN A 1 22 ? 9.712   -8.089  -3.147  1.00 31.74 ? 24  ASN L OD1 1 
ATOM   179 N ND2 . ASN A 1 22 ? 9.055   -10.224 -3.173  1.00 29.45 ? 24  ASN L ND2 1 
ATOM   180 N N   . THR A 1 23 ? 11.941  -7.671  1.034   1.00 27.54 ? 25  THR L N   1 
ATOM   181 C CA  . THR A 1 23 ? 12.267  -7.340  2.429   1.00 26.62 ? 25  THR L CA  1 
ATOM   182 C C   . THR A 1 23 ? 11.132  -6.538  3.067   1.00 24.23 ? 25  THR L C   1 
ATOM   183 O O   . THR A 1 23 ? 10.073  -6.368  2.455   1.00 24.55 ? 25  THR L O   1 
ATOM   184 C CB  . THR A 1 23 ? 13.530  -6.443  2.537   1.00 27.30 ? 25  THR L CB  1 
ATOM   185 O OG1 . THR A 1 23 ? 13.332  -5.235  1.788   1.00 31.56 ? 25  THR L OG1 1 
ATOM   186 C CG2 . THR A 1 23 ? 14.753  -7.160  2.046   1.00 26.57 ? 25  THR L CG2 1 
ATOM   187 N N   . HIS A 1 24 ? 11.308  -6.177  4.345   1.00 22.48 ? 26  HIS L N   1 
ATOM   188 C CA  . HIS A 1 24 ? 10.322  -5.365  5.060   1.00 21.73 ? 26  HIS L CA  1 
ATOM   189 C C   . HIS A 1 24 ? 10.313  -4.060  4.286   1.00 19.28 ? 26  HIS L C   1 
ATOM   190 O O   . HIS A 1 24 ? 11.383  -3.626  3.861   1.00 17.02 ? 26  HIS L O   1 
ATOM   191 C CB  . HIS A 1 24 ? 10.769  -5.067  6.497   1.00 25.10 ? 26  HIS L CB  1 
ATOM   192 C CG  . HIS A 1 24 ? 10.938  -6.281  7.349   1.00 24.32 ? 26  HIS L CG  1 
ATOM   193 N ND1 . HIS A 1 24 ? 10.490  -7.527  6.975   1.00 29.01 ? 26  HIS L ND1 1 
ATOM   194 C CD2 . HIS A 1 24 ? 11.488  -6.431  8.576   1.00 26.00 ? 26  HIS L CD2 1 
ATOM   195 C CE1 . HIS A 1 24 ? 10.753  -8.393  7.936   1.00 28.50 ? 26  HIS L CE1 1 
ATOM   196 N NE2 . HIS A 1 24 ? 11.358  -7.751  8.920   1.00 26.83 ? 26  HIS L NE2 1 
ATOM   197 N N   . GLY A 1 25 ? 9.135   -3.471  4.053   1.00 18.39 ? 27  GLY L N   1 
ATOM   198 C CA  . GLY A 1 25 ? 9.079   -2.232  3.283   1.00 14.87 ? 27  GLY L CA  1 
ATOM   199 C C   . GLY A 1 25 ? 8.800   -2.446  1.789   1.00 14.56 ? 27  GLY L C   1 
ATOM   200 O O   . GLY A 1 25 ? 8.329   -1.544  1.087   1.00 18.09 ? 27  GLY L O   1 
ATOM   201 N N   . SER A 1 26 ? 9.100   -3.632  1.295   1.00 12.68 ? 28  SER L N   1 
ATOM   202 C CA  . SER A 1 26 ? 8.825   -3.970  -0.082  1.00 14.95 ? 28  SER L CA  1 
ATOM   203 C C   . SER A 1 26 ? 7.324   -3.750  -0.213  1.00 16.29 ? 28  SER L C   1 
ATOM   204 O O   . SER A 1 26 ? 6.558   -4.093  0.691   1.00 16.07 ? 28  SER L O   1 
ATOM   205 C CB  . SER A 1 26 ? 9.184   -5.416  -0.318  1.00 14.15 ? 28  SER L CB  1 
ATOM   206 O OG  . SER A 1 26 ? 10.587  -5.501  -0.346  1.00 22.41 ? 28  SER L OG  1 
ATOM   207 N N   . PHE A 1 27 ? 6.874   -3.221  -1.333  1.00 16.39 ? 29  PHE L N   1 
ATOM   208 C CA  . PHE A 1 27 ? 5.460   -2.894  -1.408  1.00 16.91 ? 29  PHE L CA  1 
ATOM   209 C C   . PHE A 1 27 ? 5.058   -2.776  -2.858  1.00 19.49 ? 29  PHE L C   1 
ATOM   210 O O   . PHE A 1 27 ? 5.936   -2.637  -3.726  1.00 22.35 ? 29  PHE L O   1 
ATOM   211 C CB  . PHE A 1 27 ? 5.278   -1.503  -0.766  1.00 17.98 ? 29  PHE L CB  1 
ATOM   212 C CG  . PHE A 1 27 ? 5.876   -0.373  -1.598  1.00 18.33 ? 29  PHE L CG  1 
ATOM   213 C CD1 . PHE A 1 27 ? 7.250   -0.147  -1.606  1.00 14.17 ? 29  PHE L CD1 1 
ATOM   214 C CD2 . PHE A 1 27 ? 5.064   0.378   -2.465  1.00 18.14 ? 29  PHE L CD2 1 
ATOM   215 C CE1 . PHE A 1 27 ? 7.802   0.768   -2.448  1.00 17.54 ? 29  PHE L CE1 1 
ATOM   216 C CE2 . PHE A 1 27 ? 5.631   1.323   -3.332  1.00 18.67 ? 29  PHE L CE2 1 
ATOM   217 C CZ  . PHE A 1 27 ? 6.999   1.514   -3.326  1.00 14.07 ? 29  PHE L CZ  1 
ATOM   218 N N   . LEU A 1 28 ? 3.753   -2.551  -3.070  1.00 18.18 ? 30  LEU L N   1 
ATOM   219 C CA  . LEU A 1 28 ? 3.174   -2.383  -4.395  1.00 15.88 ? 30  LEU L CA  1 
ATOM   220 C C   . LEU A 1 28 ? 1.813   -1.755  -4.266  1.00 13.71 ? 30  LEU L C   1 
ATOM   221 O O   . LEU A 1 28 ? 1.110   -2.008  -3.297  1.00 13.66 ? 30  LEU L O   1 
ATOM   222 C CB  . LEU A 1 28 ? 3.075   -3.724  -5.158  1.00 13.95 ? 30  LEU L CB  1 
ATOM   223 C CG  . LEU A 1 28 ? 2.214   -4.893  -4.673  1.00 16.98 ? 30  LEU L CG  1 
ATOM   224 C CD1 . LEU A 1 28 ? 0.725   -4.669  -4.998  1.00 14.60 ? 30  LEU L CD1 1 
ATOM   225 C CD2 . LEU A 1 28 ? 2.717   -6.156  -5.343  1.00 12.80 ? 30  LEU L CD2 1 
ATOM   226 N N   . ILE A 1 29 ? 1.450   -0.939  -5.259  1.00 13.40 ? 31  ILE L N   1 
ATOM   227 C CA  . ILE A 1 29 ? 0.151   -0.277  -5.308  1.00 9.41  ? 31  ILE L CA  1 
ATOM   228 C C   . ILE A 1 29 ? -0.599  -0.971  -6.380  1.00 8.66  ? 31  ILE L C   1 
ATOM   229 O O   . ILE A 1 29 ? -0.028  -1.274  -7.401  1.00 6.17  ? 31  ILE L O   1 
ATOM   230 C CB  . ILE A 1 29 ? 0.269   1.234   -5.614  1.00 12.10 ? 31  ILE L CB  1 
ATOM   231 C CG1 . ILE A 1 29 ? 1.002   1.930   -4.435  1.00 12.62 ? 31  ILE L CG1 1 
ATOM   232 C CG2 . ILE A 1 29 ? -1.140  1.863   -5.861  1.00 8.82  ? 31  ILE L CG2 1 
ATOM   233 C CD1 . ILE A 1 29 ? 0.723   3.380   -4.318  1.00 13.08 ? 31  ILE L CD1 1 
ATOM   234 N N   . ARG A 1 30 ? -1.775  -1.462  -6.022  1.00 9.87  ? 32  ARG L N   1 
ATOM   235 C CA  . ARG A 1 30 ? -2.639  -2.203  -6.949  1.00 12.07 ? 32  ARG L CA  1 
ATOM   236 C C   . ARG A 1 30 ? -4.010  -1.568  -7.173  1.00 11.17 ? 32  ARG L C   1 
ATOM   237 O O   . ARG A 1 30 ? -4.629  -1.006  -6.243  1.00 8.45  ? 32  ARG L O   1 
ATOM   238 C CB  . ARG A 1 30 ? -2.819  -3.673  -6.487  1.00 9.87  ? 32  ARG L CB  1 
ATOM   239 C CG  . ARG A 1 30 ? -3.255  -3.824  -4.987  1.00 10.05 ? 32  ARG L CG  1 
ATOM   240 C CD  . ARG A 1 30 ? -3.266  -5.265  -4.525  1.00 11.68 ? 32  ARG L CD  1 
ATOM   241 N NE  . ARG A 1 30 ? -3.533  -5.341  -3.091  1.00 11.36 ? 32  ARG L NE  1 
ATOM   242 C CZ  . ARG A 1 30 ? -4.728  -5.554  -2.572  1.00 14.25 ? 32  ARG L CZ  1 
ATOM   243 N NH1 . ARG A 1 30 ? -5.769  -5.712  -3.373  1.00 15.23 ? 32  ARG L NH1 1 
ATOM   244 N NH2 . ARG A 1 30 ? -4.883  -5.646  -1.259  1.00 11.52 ? 32  ARG L NH2 1 
ATOM   245 N N   . GLU A 1 31 ? -4.475  -1.709  -8.412  1.00 10.90 ? 33  GLU L N   1 
ATOM   246 C CA  . GLU A 1 31 ? -5.763  -1.197  -8.829  1.00 13.35 ? 33  GLU L CA  1 
ATOM   247 C C   . GLU A 1 31 ? -6.705  -2.373  -9.061  1.00 12.25 ? 33  GLU L C   1 
ATOM   248 O O   . GLU A 1 31 ? -6.359  -3.400  -9.664  1.00 12.65 ? 33  GLU L O   1 
ATOM   249 C CB  . GLU A 1 31 ? -5.623  -0.317  -10.089 1.00 17.01 ? 33  GLU L CB  1 
ATOM   250 C CG  . GLU A 1 31 ? -6.951  0.351   -10.552 1.00 23.61 ? 33  GLU L CG  1 
ATOM   251 C CD  . GLU A 1 31 ? -6.744  1.475   -11.582 1.00 23.69 ? 33  GLU L CD  1 
ATOM   252 O OE1 . GLU A 1 31 ? -5.825  1.375   -12.418 1.00 22.70 ? 33  GLU L OE1 1 
ATOM   253 O OE2 . GLU A 1 31 ? -7.489  2.475   -11.538 1.00 25.75 ? 33  GLU L OE2 1 
ATOM   254 N N   . SER A 1 32 ? -7.863  -2.268  -8.449  1.00 13.42 ? 34  SER L N   1 
ATOM   255 C CA  . SER A 1 32 ? -8.861  -3.304  -8.544  1.00 16.31 ? 34  SER L CA  1 
ATOM   256 C C   . SER A 1 32 ? -9.403  -3.489  -9.977  1.00 22.87 ? 34  SER L C   1 
ATOM   257 O O   . SER A 1 32 ? -9.744  -2.513  -10.639 1.00 22.00 ? 34  SER L O   1 
ATOM   258 C CB  . SER A 1 32 ? -9.950  -2.966  -7.546  1.00 11.32 ? 34  SER L CB  1 
ATOM   259 O OG  . SER A 1 32 ? -11.252 -3.263  -7.999  1.00 20.27 ? 34  SER L OG  1 
ATOM   260 N N   . GLU A 1 33 ? -9.435  -4.744  -10.445 1.00 25.48 ? 35  GLU L N   1 
ATOM   261 C CA  . GLU A 1 33 ? -9.927  -5.110  -11.777 1.00 29.96 ? 35  GLU L CA  1 
ATOM   262 C C   . GLU A 1 33 ? -11.399 -4.699  -11.989 1.00 29.25 ? 35  GLU L C   1 
ATOM   263 O O   . GLU A 1 33 ? -11.792 -4.232  -13.063 1.00 27.42 ? 35  GLU L O   1 
ATOM   264 C CB  . GLU A 1 33 ? -9.779  -6.623  -11.962 1.00 35.02 ? 35  GLU L CB  1 
ATOM   265 C CG  . GLU A 1 33 ? -10.087 -7.151  -13.357 1.00 42.71 ? 35  GLU L CG  1 
ATOM   266 C CD  . GLU A 1 33 ? -10.289 -8.666  -13.360 1.00 49.33 ? 35  GLU L CD  1 
ATOM   267 O OE1 . GLU A 1 33 ? -9.451  -9.392  -12.779 1.00 53.09 ? 35  GLU L OE1 1 
ATOM   268 O OE2 . GLU A 1 33 ? -11.301 -9.133  -13.928 1.00 53.46 ? 35  GLU L OE2 1 
ATOM   269 N N   . SER A 1 34 ? -12.173 -4.770  -10.912 1.00 30.23 ? 36  SER L N   1 
ATOM   270 C CA  . SER A 1 34 ? -13.586 -4.415  -10.941 1.00 29.99 ? 36  SER L CA  1 
ATOM   271 C C   . SER A 1 34 ? -13.883 -2.907  -10.868 1.00 30.95 ? 36  SER L C   1 
ATOM   272 O O   . SER A 1 34 ? -14.447 -2.332  -11.798 1.00 36.87 ? 36  SER L O   1 
ATOM   273 C CB  . SER A 1 34 ? -14.314 -5.161  -9.818  1.00 27.94 ? 36  SER L CB  1 
ATOM   274 O OG  . SER A 1 34 ? -13.390 -5.708  -8.894  1.00 25.89 ? 36  SER L OG  1 
ATOM   275 N N   . THR A 1 35 ? -13.406 -2.244  -9.827  1.00 29.49 ? 37  THR L N   1 
ATOM   276 C CA  . THR A 1 35 ? -13.668 -0.828  -9.653  1.00 26.43 ? 37  THR L CA  1 
ATOM   277 C C   . THR A 1 35 ? -12.461 0.026   -10.027 1.00 24.59 ? 37  THR L C   1 
ATOM   278 O O   . THR A 1 35 ? -11.544 0.248   -9.215  1.00 26.28 ? 37  THR L O   1 
ATOM   279 C CB  . THR A 1 35 ? -14.066 -0.543  -8.213  1.00 27.36 ? 37  THR L CB  1 
ATOM   280 O OG1 . THR A 1 35 ? -15.114 -1.435  -7.841  1.00 29.12 ? 37  THR L OG1 1 
ATOM   281 C CG2 . THR A 1 35 ? -14.552 0.872   -8.056  1.00 28.33 ? 37  THR L CG2 1 
ATOM   282 N N   . ALA A 1 36 ? -12.419 0.422   -11.291 1.00 22.34 ? 38  ALA L N   1 
ATOM   283 C CA  . ALA A 1 36 ? -11.345 1.258   -11.790 1.00 20.09 ? 38  ALA L CA  1 
ATOM   284 C C   . ALA A 1 36 ? -11.243 2.519   -10.878 1.00 19.60 ? 38  ALA L C   1 
ATOM   285 O O   . ALA A 1 36 ? -12.210 2.884   -10.212 1.00 17.87 ? 38  ALA L O   1 
ATOM   286 C CB  . ALA A 1 36 ? -11.638 1.627   -13.193 1.00 17.65 ? 38  ALA L CB  1 
ATOM   287 N N   . GLY A 1 37 ? -10.019 2.958   -10.615 1.00 19.22 ? 39  GLY L N   1 
ATOM   288 C CA  . GLY A 1 37 ? -9.804  4.119   -9.766  1.00 20.98 ? 39  GLY L CA  1 
ATOM   289 C C   . GLY A 1 37 ? -9.773  3.741   -8.287  1.00 21.71 ? 39  GLY L C   1 
ATOM   290 O O   . GLY A 1 37 ? -9.700  4.624   -7.405  1.00 19.53 ? 39  GLY L O   1 
ATOM   291 N N   . SER A 1 38 ? -9.866  2.428   -8.023  1.00 19.38 ? 40  SER L N   1 
ATOM   292 C CA  . SER A 1 38 ? -9.835  1.918   -6.667  1.00 17.86 ? 40  SER L CA  1 
ATOM   293 C C   . SER A 1 38 ? -8.472  1.256   -6.431  1.00 16.07 ? 40  SER L C   1 
ATOM   294 O O   . SER A 1 38 ? -8.106  0.268   -7.118  1.00 14.52 ? 40  SER L O   1 
ATOM   295 C CB  . SER A 1 38 ? -10.954 0.923   -6.464  1.00 17.96 ? 40  SER L CB  1 
ATOM   296 O OG  . SER A 1 38 ? -11.094 0.661   -5.085  1.00 20.89 ? 40  SER L OG  1 
ATOM   297 N N   . PHE A 1 39 ? -7.687  1.899   -5.564  1.00 14.25 ? 41  PHE L N   1 
ATOM   298 C CA  . PHE A 1 39 ? -6.318  1.462   -5.229  1.00 12.78 ? 41  PHE L CA  1 
ATOM   299 C C   . PHE A 1 39 ? -6.135  0.956   -3.815  1.00 10.98 ? 41  PHE L C   1 
ATOM   300 O O   . PHE A 1 39 ? -6.812  1.407   -2.909  1.00 13.30 ? 41  PHE L O   1 
ATOM   301 C CB  . PHE A 1 39 ? -5.352  2.620   -5.422  1.00 6.78  ? 41  PHE L CB  1 
ATOM   302 C CG  . PHE A 1 39 ? -5.470  3.272   -6.726  1.00 5.60  ? 41  PHE L CG  1 
ATOM   303 C CD1 . PHE A 1 39 ? -4.835  2.740   -7.826  1.00 5.83  ? 41  PHE L CD1 1 
ATOM   304 C CD2 . PHE A 1 39 ? -6.230  4.413   -6.869  1.00 11.00 ? 41  PHE L CD2 1 
ATOM   305 C CE1 . PHE A 1 39 ? -4.950  3.341   -9.067  1.00 8.39  ? 41  PHE L CE1 1 
ATOM   306 C CE2 . PHE A 1 39 ? -6.355  5.036   -8.108  1.00 10.17 ? 41  PHE L CE2 1 
ATOM   307 C CZ  . PHE A 1 39 ? -5.713  4.497   -9.212  1.00 8.99  ? 41  PHE L CZ  1 
ATOM   308 N N   . SER A 1 40 ? -5.132  0.106   -3.631  1.00 13.35 ? 42  SER L N   1 
ATOM   309 C CA  . SER A 1 40 ? -4.763  -0.456  -2.333  1.00 11.12 ? 42  SER L CA  1 
ATOM   310 C C   . SER A 1 40 ? -3.219  -0.492  -2.268  1.00 14.44 ? 42  SER L C   1 
ATOM   311 O O   . SER A 1 40 ? -2.583  -0.550  -3.320  1.00 12.76 ? 42  SER L O   1 
ATOM   312 C CB  . SER A 1 40 ? -5.296  -1.869  -2.241  1.00 9.35  ? 42  SER L CB  1 
ATOM   313 O OG  . SER A 1 40 ? -6.696  -1.818  -2.120  1.00 13.53 ? 42  SER L OG  1 
ATOM   314 N N   . LEU A 1 41 ? -2.616  -0.363  -1.072  1.00 14.35 ? 43  LEU L N   1 
ATOM   315 C CA  . LEU A 1 41 ? -1.156  -0.464  -0.905  1.00 10.89 ? 43  LEU L CA  1 
ATOM   316 C C   . LEU A 1 41 ? -0.891  -1.726  -0.058  1.00 10.99 ? 43  LEU L C   1 
ATOM   317 O O   . LEU A 1 41 ? -1.424  -1.852  1.045   1.00 8.82  ? 43  LEU L O   1 
ATOM   318 C CB  . LEU A 1 41 ? -0.603  0.754   -0.169  1.00 12.49 ? 43  LEU L CB  1 
ATOM   319 C CG  . LEU A 1 41 ? 0.868   0.788   0.314   1.00 10.14 ? 43  LEU L CG  1 
ATOM   320 C CD1 . LEU A 1 41 ? 1.846   0.929   -0.829  1.00 8.97  ? 43  LEU L CD1 1 
ATOM   321 C CD2 . LEU A 1 41 ? 1.033   2.026   1.251   1.00 10.18 ? 43  LEU L CD2 1 
ATOM   322 N N   . SER A 1 42 ? -0.107  -2.652  -0.590  1.00 9.49  ? 44  SER L N   1 
ATOM   323 C CA  . SER A 1 42 ? 0.234   -3.881  0.093   1.00 10.58 ? 44  SER L CA  1 
ATOM   324 C C   . SER A 1 42 ? 1.727   -3.778  0.466   1.00 12.58 ? 44  SER L C   1 
ATOM   325 O O   . SER A 1 42 ? 2.536   -3.415  -0.385  1.00 9.37  ? 44  SER L O   1 
ATOM   326 C CB  . SER A 1 42 ? -0.027  -5.067  -0.851  1.00 10.86 ? 44  SER L CB  1 
ATOM   327 O OG  . SER A 1 42 ? -1.431  -5.293  -1.014  1.00 11.01 ? 44  SER L OG  1 
ATOM   328 N N   . VAL A 1 43 ? 2.076   -4.094  1.720   1.00 10.14 ? 45  VAL L N   1 
ATOM   329 C CA  . VAL A 1 43 ? 3.470   -3.977  2.196   1.00 12.16 ? 45  VAL L CA  1 
ATOM   330 C C   . VAL A 1 43 ? 3.957   -5.218  2.946   1.00 11.62 ? 45  VAL L C   1 
ATOM   331 O O   . VAL A 1 43 ? 3.222   -5.763  3.759   1.00 13.12 ? 45  VAL L O   1 
ATOM   332 C CB  . VAL A 1 43 ? 3.685   -2.799  3.296   1.00 11.44 ? 45  VAL L CB  1 
ATOM   333 C CG1 . VAL A 1 43 ? 5.153   -2.369  3.320   1.00 9.68  ? 45  VAL L CG1 1 
ATOM   334 C CG2 . VAL A 1 43 ? 2.793   -1.586  3.086   1.00 6.58  ? 45  VAL L CG2 1 
ATOM   335 N N   . ARG A 1 44 ? 5.256   -5.505  2.850   1.00 14.05 ? 46  ARG L N   1 
ATOM   336 C CA  . ARG A 1 44 ? 5.813   -6.614  3.593   1.00 15.88 ? 46  ARG L CA  1 
ATOM   337 C C   . ARG A 1 44 ? 6.382   -6.022  4.861   1.00 15.91 ? 46  ARG L C   1 
ATOM   338 O O   . ARG A 1 44 ? 7.013   -4.982  4.827   1.00 16.53 ? 46  ARG L O   1 
ATOM   339 C CB  . ARG A 1 44 ? 6.913   -7.386  2.870   1.00 14.68 ? 46  ARG L CB  1 
ATOM   340 C CG  . ARG A 1 44 ? 6.801   -8.829  3.340   1.00 21.73 ? 46  ARG L CG  1 
ATOM   341 C CD  . ARG A 1 44 ? 8.076   -9.491  3.682   1.00 19.23 ? 46  ARG L CD  1 
ATOM   342 N NE  . ARG A 1 44 ? 8.600   -10.054 2.476   1.00 20.80 ? 46  ARG L NE  1 
ATOM   343 C CZ  . ARG A 1 44 ? 9.098   -11.267 2.377   1.00 20.57 ? 46  ARG L CZ  1 
ATOM   344 N NH1 . ARG A 1 44 ? 9.153   -12.052 3.440   1.00 24.43 ? 46  ARG L NH1 1 
ATOM   345 N NH2 . ARG A 1 44 ? 9.467   -11.706 1.190   1.00 18.61 ? 46  ARG L NH2 1 
ATOM   346 N N   . ASP A 1 45 ? 6.103   -6.663  5.983   1.00 19.22 ? 47  ASP L N   1 
ATOM   347 C CA  . ASP A 1 45 ? 6.604   -6.195  7.261   1.00 20.30 ? 47  ASP L CA  1 
ATOM   348 C C   . ASP A 1 45 ? 6.739   -7.405  8.192   1.00 19.69 ? 47  ASP L C   1 
ATOM   349 O O   . ASP A 1 45 ? 6.459   -8.526  7.772   1.00 16.54 ? 47  ASP L O   1 
ATOM   350 C CB  . ASP A 1 45 ? 5.641   -5.159  7.860   1.00 22.56 ? 47  ASP L CB  1 
ATOM   351 C CG  . ASP A 1 45 ? 6.303   -4.309  8.945   1.00 23.87 ? 47  ASP L CG  1 
ATOM   352 O OD1 . ASP A 1 45 ? 7.555   -4.254  8.981   1.00 22.36 ? 47  ASP L OD1 1 
ATOM   353 O OD2 . ASP A 1 45 ? 5.574   -3.725  9.776   1.00 22.54 ? 47  ASP L OD2 1 
ATOM   354 N N   . PHE A 1 46 ? 7.125   -7.172  9.451   1.00 19.40 ? 48  PHE L N   1 
ATOM   355 C CA  . PHE A 1 46 ? 7.314   -8.232  10.440  1.00 17.69 ? 48  PHE L CA  1 
ATOM   356 C C   . PHE A 1 46 ? 6.386   -8.020  11.602  1.00 18.45 ? 48  PHE L C   1 
ATOM   357 O O   . PHE A 1 46 ? 6.224   -6.899  12.057  1.00 22.47 ? 48  PHE L O   1 
ATOM   358 C CB  . PHE A 1 46 ? 8.770   -8.233  10.961  1.00 18.46 ? 48  PHE L CB  1 
ATOM   359 C CG  . PHE A 1 46 ? 9.057   -9.246  12.095  1.00 17.58 ? 48  PHE L CG  1 
ATOM   360 C CD1 . PHE A 1 46 ? 9.344   -10.574 11.817  1.00 16.11 ? 48  PHE L CD1 1 
ATOM   361 C CD2 . PHE A 1 46 ? 9.088   -8.838  13.434  1.00 16.75 ? 48  PHE L CD2 1 
ATOM   362 C CE1 . PHE A 1 46 ? 9.654   -11.467 12.838  1.00 14.27 ? 48  PHE L CE1 1 
ATOM   363 C CE2 . PHE A 1 46 ? 9.402   -9.731  14.455  1.00 17.43 ? 48  PHE L CE2 1 
ATOM   364 C CZ  . PHE A 1 46 ? 9.684   -11.045 14.146  1.00 15.40 ? 48  PHE L CZ  1 
ATOM   365 N N   . ASP A 1 47 ? 5.628   -9.052  11.943  1.00 18.88 ? 49  ASP L N   1 
ATOM   366 C CA  . ASP A 1 47 ? 4.774   -8.993  13.097  1.00 22.31 ? 49  ASP L CA  1 
ATOM   367 C C   . ASP A 1 47 ? 5.419   -9.819  14.190  1.00 24.59 ? 49  ASP L C   1 
ATOM   368 O O   . ASP A 1 47 ? 5.580   -11.035 14.030  1.00 21.55 ? 49  ASP L O   1 
ATOM   369 C CB  . ASP A 1 47 ? 3.414   -9.594  12.851  1.00 25.27 ? 49  ASP L CB  1 
ATOM   370 C CG  . ASP A 1 47 ? 2.491   -9.335  14.004  1.00 26.81 ? 49  ASP L CG  1 
ATOM   371 O OD1 . ASP A 1 47 ? 2.293   -8.158  14.313  1.00 34.41 ? 49  ASP L OD1 1 
ATOM   372 O OD2 . ASP A 1 47 ? 2.005   -10.268 14.644  1.00 31.91 ? 49  ASP L OD2 1 
ATOM   373 N N   . GLN A 1 48 ? 5.590   -9.203  15.360  1.00 30.47 ? 50  GLN L N   1 
ATOM   374 C CA  . GLN A 1 48 ? 6.189   -9.893  16.512  1.00 36.66 ? 50  GLN L CA  1 
ATOM   375 C C   . GLN A 1 48 ? 5.532   -11.211 16.809  1.00 35.70 ? 50  GLN L C   1 
ATOM   376 O O   . GLN A 1 48 ? 6.222   -12.189 17.069  1.00 34.26 ? 50  GLN L O   1 
ATOM   377 C CB  . GLN A 1 48 ? 6.133   -9.070  17.788  1.00 42.35 ? 50  GLN L CB  1 
ATOM   378 C CG  . GLN A 1 48 ? 6.909   -9.732  18.960  1.00 49.31 ? 50  GLN L CG  1 
ATOM   379 C CD  . GLN A 1 48 ? 8.425   -9.835  18.719  1.00 49.83 ? 50  GLN L CD  1 
ATOM   380 O OE1 . GLN A 1 48 ? 9.200   -9.019  19.214  1.00 51.63 ? 50  GLN L OE1 1 
ATOM   381 N NE2 . GLN A 1 48 ? 8.843   -10.848 17.976  1.00 50.13 ? 50  GLN L NE2 1 
ATOM   382 N N   . ASN A 1 49 ? 4.206   -11.234 16.766  1.00 36.77 ? 51  ASN L N   1 
ATOM   383 C CA  . ASN A 1 49 ? 3.479   -12.469 17.010  1.00 38.69 ? 51  ASN L CA  1 
ATOM   384 C C   . ASN A 1 49 ? 3.400   -13.389 15.778  1.00 39.93 ? 51  ASN L C   1 
ATOM   385 O O   . ASN A 1 49 ? 3.756   -14.573 15.829  1.00 42.83 ? 51  ASN L O   1 
ATOM   386 C CB  . ASN A 1 49 ? 2.072   -12.126 17.478  1.00 41.66 ? 51  ASN L CB  1 
ATOM   387 C CG  . ASN A 1 49 ? 2.072   -11.281 18.720  1.00 43.92 ? 51  ASN L CG  1 
ATOM   388 O OD1 . ASN A 1 49 ? 2.206   -11.796 19.832  1.00 43.70 ? 51  ASN L OD1 1 
ATOM   389 N ND2 . ASN A 1 49 ? 1.922   -9.973  18.549  1.00 45.01 ? 51  ASN L ND2 1 
ATOM   390 N N   . GLN A 1 50 ? 3.029   -12.807 14.645  1.00 39.13 ? 52  GLN L N   1 
ATOM   391 C CA  . GLN A 1 50 ? 2.863   -13.559 13.416  1.00 37.67 ? 52  GLN L CA  1 
ATOM   392 C C   . GLN A 1 50 ? 4.118   -14.017 12.688  1.00 33.90 ? 52  GLN L C   1 
ATOM   393 O O   . GLN A 1 50 ? 4.139   -15.110 12.111  1.00 32.04 ? 52  GLN L O   1 
ATOM   394 C CB  . GLN A 1 50 ? 2.030   -12.747 12.432  1.00 41.32 ? 52  GLN L CB  1 
ATOM   395 C CG  . GLN A 1 50 ? 0.560   -13.083 12.403  1.00 47.85 ? 52  GLN L CG  1 
ATOM   396 C CD  . GLN A 1 50 ? -0.149  -12.627 13.642  1.00 49.52 ? 52  GLN L CD  1 
ATOM   397 O OE1 . GLN A 1 50 ? -0.339  -13.404 14.579  1.00 52.27 ? 52  GLN L OE1 1 
ATOM   398 N NE2 . GLN A 1 50 ? -0.539  -11.356 13.668  1.00 50.88 ? 52  GLN L NE2 1 
ATOM   399 N N   . GLY A 1 51 ? 5.047   -13.088 12.497  1.00 28.32 ? 53  GLY L N   1 
ATOM   400 C CA  . GLY A 1 51 ? 6.257   -13.392 11.751  1.00 26.07 ? 53  GLY L CA  1 
ATOM   401 C C   . GLY A 1 51 ? 6.152   -12.505 10.513  1.00 22.60 ? 53  GLY L C   1 
ATOM   402 O O   . GLY A 1 51 ? 5.572   -11.432 10.618  1.00 19.55 ? 53  GLY L O   1 
ATOM   403 N N   . GLU A 1 52 ? 6.685   -12.917 9.363   1.00 21.38 ? 54  GLU L N   1 
ATOM   404 C CA  . GLU A 1 52 ? 6.568   -12.097 8.144   1.00 20.22 ? 54  GLU L CA  1 
ATOM   405 C C   . GLU A 1 52 ? 5.128   -11.980 7.709   1.00 17.12 ? 54  GLU L C   1 
ATOM   406 O O   . GLU A 1 52 ? 4.468   -12.993 7.528   1.00 19.48 ? 54  GLU L O   1 
ATOM   407 C CB  . GLU A 1 52 ? 7.317   -12.709 6.987   1.00 20.93 ? 54  GLU L CB  1 
ATOM   408 C CG  . GLU A 1 52 ? 8.778   -12.749 7.170   1.00 23.83 ? 54  GLU L CG  1 
ATOM   409 C CD  . GLU A 1 52 ? 9.397   -11.403 7.332   1.00 27.62 ? 54  GLU L CD  1 
ATOM   410 O OE1 . GLU A 1 52 ? 9.387   -10.612 6.362   1.00 27.88 ? 54  GLU L OE1 1 
ATOM   411 O OE2 . GLU A 1 52 ? 9.971   -11.167 8.421   1.00 32.20 ? 54  GLU L OE2 1 
ATOM   412 N N   . VAL A 1 53 ? 4.654   -10.751 7.547   1.00 13.56 ? 55  VAL L N   1 
ATOM   413 C CA  . VAL A 1 53 ? 3.289   -10.504 7.118   1.00 14.99 ? 55  VAL L CA  1 
ATOM   414 C C   . VAL A 1 53 ? 3.198   -9.495  5.980   1.00 14.43 ? 55  VAL L C   1 
ATOM   415 O O   . VAL A 1 53 ? 4.204   -8.915  5.555   1.00 12.71 ? 55  VAL L O   1 
ATOM   416 C CB  . VAL A 1 53 ? 2.399   -9.966  8.259   1.00 12.79 ? 55  VAL L CB  1 
ATOM   417 C CG1 . VAL A 1 53 ? 2.239   -11.002 9.283   1.00 17.21 ? 55  VAL L CG1 1 
ATOM   418 C CG2 . VAL A 1 53 ? 2.983   -8.752  8.887   1.00 14.29 ? 55  VAL L CG2 1 
ATOM   419 N N   . VAL A 1 54 ? 2.039   -9.504  5.318   1.00 16.42 ? 56  VAL L N   1 
ATOM   420 C CA  . VAL A 1 54 ? 1.761   -8.532  4.279   1.00 12.05 ? 56  VAL L CA  1 
ATOM   421 C C   . VAL A 1 54 ? 0.557   -7.757  4.788   1.00 11.73 ? 56  VAL L C   1 
ATOM   422 O O   . VAL A 1 54 ? -0.409  -8.359  5.216   1.00 12.13 ? 56  VAL L O   1 
ATOM   423 C CB  . VAL A 1 54 ? 1.411   -9.165  2.893   1.00 14.66 ? 56  VAL L CB  1 
ATOM   424 C CG1 . VAL A 1 54 ? 0.887   -8.052  1.928   1.00 14.31 ? 56  VAL L CG1 1 
ATOM   425 C CG2 . VAL A 1 54 ? 2.658   -9.775  2.252   1.00 7.94  ? 56  VAL L CG2 1 
ATOM   426 N N   . LYS A 1 55 ? 0.722   -6.456  4.987   1.00 12.84 ? 57  LYS L N   1 
ATOM   427 C CA  . LYS A 1 55 ? -0.380  -5.615  5.393   1.00 13.77 ? 57  LYS L CA  1 
ATOM   428 C C   . LYS A 1 55 ? -1.042  -4.888  4.186   1.00 14.09 ? 57  LYS L C   1 
ATOM   429 O O   . LYS A 1 55 ? -0.388  -4.572  3.185   1.00 11.76 ? 57  LYS L O   1 
ATOM   430 C CB  . LYS A 1 55 ? 0.080   -4.647  6.462   1.00 15.03 ? 57  LYS L CB  1 
ATOM   431 C CG  . LYS A 1 55 ? -0.267  -5.206  7.805   1.00 19.43 ? 57  LYS L CG  1 
ATOM   432 C CD  . LYS A 1 55 ? 0.860   -5.078  8.696   1.00 22.27 ? 57  LYS L CD  1 
ATOM   433 C CE  . LYS A 1 55 ? 0.513   -5.652  10.037  1.00 28.10 ? 57  LYS L CE  1 
ATOM   434 N NZ  . LYS A 1 55 ? 1.520   -5.013  10.926  1.00 30.57 ? 57  LYS L NZ  1 
ATOM   435 N N   . HIS A 1 56 ? -2.314  -4.533  4.347   1.00 14.80 ? 58  HIS L N   1 
ATOM   436 C CA  . HIS A 1 56 ? -3.067  -3.882  3.299   1.00 12.58 ? 58  HIS L CA  1 
ATOM   437 C C   . HIS A 1 56 ? -3.695  -2.591  3.775   1.00 15.54 ? 58  HIS L C   1 
ATOM   438 O O   . HIS A 1 56 ? -4.299  -2.553  4.842   1.00 12.53 ? 58  HIS L O   1 
ATOM   439 C CB  . HIS A 1 56 ? -4.134  -4.855  2.772   1.00 12.04 ? 58  HIS L CB  1 
ATOM   440 C CG  . HIS A 1 56 ? -3.548  -6.140  2.262   1.00 10.92 ? 58  HIS L CG  1 
ATOM   441 N ND1 . HIS A 1 56 ? -2.728  -6.193  1.152   1.00 8.99  ? 58  HIS L ND1 1 
ATOM   442 C CD2 . HIS A 1 56 ? -3.615  -7.406  2.738   1.00 11.77 ? 58  HIS L CD2 1 
ATOM   443 C CE1 . HIS A 1 56 ? -2.323  -7.435  0.962   1.00 15.04 ? 58  HIS L CE1 1 
ATOM   444 N NE2 . HIS A 1 56 ? -2.846  -8.193  1.913   1.00 14.99 ? 58  HIS L NE2 1 
ATOM   445 N N   . TYR A 1 57 ? -3.453  -1.517  3.021   1.00 14.68 ? 59  TYR L N   1 
ATOM   446 C CA  . TYR A 1 57 ? -3.996  -0.194  3.339   1.00 17.03 ? 59  TYR L CA  1 
ATOM   447 C C   . TYR A 1 57 ? -4.851  0.283   2.142   1.00 19.08 ? 59  TYR L C   1 
ATOM   448 O O   . TYR A 1 57 ? -4.460  0.117   0.982   1.00 21.21 ? 59  TYR L O   1 
ATOM   449 C CB  . TYR A 1 57 ? -2.864  0.816   3.581   1.00 12.07 ? 59  TYR L CB  1 
ATOM   450 C CG  . TYR A 1 57 ? -1.969  0.455   4.769   1.00 16.38 ? 59  TYR L CG  1 
ATOM   451 C CD1 . TYR A 1 57 ? -2.300  0.849   6.080   1.00 13.81 ? 59  TYR L CD1 1 
ATOM   452 C CD2 . TYR A 1 57 ? -0.802  -0.277  4.581   1.00 15.18 ? 59  TYR L CD2 1 
ATOM   453 C CE1 . TYR A 1 57 ? -1.489  0.523   7.162   1.00 14.14 ? 59  TYR L CE1 1 
ATOM   454 C CE2 . TYR A 1 57 ? 0.029   -0.597  5.668   1.00 20.81 ? 59  TYR L CE2 1 
ATOM   455 C CZ  . TYR A 1 57 ? -0.324  -0.190  6.946   1.00 17.15 ? 59  TYR L CZ  1 
ATOM   456 O OH  . TYR A 1 57 ? 0.556   -0.425  7.960   1.00 17.37 ? 59  TYR L OH  1 
ATOM   457 N N   . LYS A 1 58 ? -5.995  0.876   2.445   1.00 16.20 ? 60  LYS L N   1 
ATOM   458 C CA  . LYS A 1 58 ? -6.914  1.406   1.464   1.00 15.29 ? 60  LYS L CA  1 
ATOM   459 C C   . LYS A 1 58 ? -6.544  2.841   1.131   1.00 13.57 ? 60  LYS L C   1 
ATOM   460 O O   . LYS A 1 58 ? -6.401  3.640   2.057   1.00 10.37 ? 60  LYS L O   1 
ATOM   461 C CB  . LYS A 1 58 ? -8.304  1.468   2.082   1.00 16.33 ? 60  LYS L CB  1 
ATOM   462 C CG  . LYS A 1 58 ? -9.434  0.943   1.194   1.00 26.24 ? 60  LYS L CG  1 
ATOM   463 C CD  . LYS A 1 58 ? -9.419  1.585   -0.170  1.00 28.42 ? 60  LYS L CD  1 
ATOM   464 C CE  . LYS A 1 58 ? -9.569  0.569   -1.286  1.00 26.30 ? 60  LYS L CE  1 
ATOM   465 N NZ  . LYS A 1 58 ? -9.630  1.375   -2.535  1.00 21.97 ? 60  LYS L NZ  1 
ATOM   466 N N   . ILE A 1 59 ? -6.247  3.141   -0.138  1.00 11.12 ? 61  ILE L N   1 
ATOM   467 C CA  . ILE A 1 59 ? -6.000  4.542   -0.540  1.00 14.12 ? 61  ILE L CA  1 
ATOM   468 C C   . ILE A 1 59 ? -7.359  5.108   -0.981  1.00 13.98 ? 61  ILE L C   1 
ATOM   469 O O   . ILE A 1 59 ? -8.099  4.440   -1.699  1.00 16.45 ? 61  ILE L O   1 
ATOM   470 C CB  . ILE A 1 59 ? -5.041  4.668   -1.727  1.00 14.71 ? 61  ILE L CB  1 
ATOM   471 C CG1 . ILE A 1 59 ? -3.653  4.130   -1.359  1.00 14.77 ? 61  ILE L CG1 1 
ATOM   472 C CG2 . ILE A 1 59 ? -4.896  6.130   -2.128  1.00 13.51 ? 61  ILE L CG2 1 
ATOM   473 C CD1 . ILE A 1 59 ? -2.731  3.838   -2.609  1.00 13.03 ? 61  ILE L CD1 1 
ATOM   474 N N   . ARG A 1 60 ? -7.796  6.174   -0.326  1.00 17.19 ? 62  ARG L N   1 
ATOM   475 C CA  . ARG A 1 60 ? -9.087  6.800   -0.622  1.00 16.12 ? 62  ARG L CA  1 
ATOM   476 C C   . ARG A 1 60 ? -8.844  7.889   -1.646  1.00 14.94 ? 62  ARG L C   1 
ATOM   477 O O   . ARG A 1 60 ? -7.749  8.408   -1.714  1.00 15.94 ? 62  ARG L O   1 
ATOM   478 C CB  . ARG A 1 60 ? -9.668  7.432   0.634   1.00 21.65 ? 62  ARG L CB  1 
ATOM   479 C CG  . ARG A 1 60 ? -9.559  6.606   1.904   1.00 28.00 ? 62  ARG L CG  1 
ATOM   480 C CD  . ARG A 1 60 ? -10.651 5.592   2.000   1.00 35.52 ? 62  ARG L CD  1 
ATOM   481 N NE  . ARG A 1 60 ? -10.838 5.178   3.388   1.00 46.48 ? 62  ARG L NE  1 
ATOM   482 C CZ  . ARG A 1 60 ? -12.024 5.088   3.989   1.00 51.44 ? 62  ARG L CZ  1 
ATOM   483 N NH1 . ARG A 1 60 ? -13.144 5.374   3.316   1.00 53.15 ? 62  ARG L NH1 1 
ATOM   484 N NH2 . ARG A 1 60 ? -12.086 4.789   5.285   1.00 53.08 ? 62  ARG L NH2 1 
ATOM   485 N N   . ASN A 1 61 ? -9.910  8.385   -2.270  1.00 17.38 ? 63  ASN L N   1 
ATOM   486 C CA  . ASN A 1 61 ? -9.814  9.390   -3.334  1.00 18.89 ? 63  ASN L CA  1 
ATOM   487 C C   . ASN A 1 61 ? -10.475 10.683  -2.954  1.00 18.31 ? 63  ASN L C   1 
ATOM   488 O O   . ASN A 1 61 ? -11.497 10.686  -2.321  1.00 19.27 ? 63  ASN L O   1 
ATOM   489 C CB  . ASN A 1 61 ? -10.480 8.850   -4.631  1.00 23.52 ? 63  ASN L CB  1 
ATOM   490 C CG  . ASN A 1 61 ? -9.921  7.485   -5.095  1.00 24.73 ? 63  ASN L CG  1 
ATOM   491 O OD1 . ASN A 1 61 ? -8.958  6.965   -4.526  1.00 26.42 ? 63  ASN L OD1 1 
ATOM   492 N ND2 . ASN A 1 61 ? -10.545 6.901   -6.113  1.00 22.94 ? 63  ASN L ND2 1 
ATOM   493 N N   . LEU A 1 62 ? -9.909  11.800  -3.339  1.00 19.01 ? 64  LEU L N   1 
ATOM   494 C CA  . LEU A 1 62 ? -10.522 13.067  -2.998  1.00 21.00 ? 64  LEU L CA  1 
ATOM   495 C C   . LEU A 1 62 ? -11.438 13.471  -4.169  1.00 23.26 ? 64  LEU L C   1 
ATOM   496 O O   . LEU A 1 62 ? -11.331 12.925  -5.265  1.00 24.40 ? 64  LEU L O   1 
ATOM   497 C CB  . LEU A 1 62 ? -9.419  14.108  -2.792  1.00 21.02 ? 64  LEU L CB  1 
ATOM   498 C CG  . LEU A 1 62 ? -8.441  14.018  -1.616  1.00 21.10 ? 64  LEU L CG  1 
ATOM   499 C CD1 . LEU A 1 62 ? -7.121  14.758  -1.913  1.00 20.10 ? 64  LEU L CD1 1 
ATOM   500 C CD2 . LEU A 1 62 ? -9.082  14.622  -0.411  1.00 18.46 ? 64  LEU L CD2 1 
ATOM   501 N N   . ASP A 1 63 ? -12.368 14.391  -3.950  1.00 27.33 ? 65  ASP L N   1 
ATOM   502 C CA  . ASP A 1 63 ? -13.214 14.830  -5.068  1.00 31.55 ? 65  ASP L CA  1 
ATOM   503 C C   . ASP A 1 63 ? -12.406 15.618  -6.134  1.00 31.09 ? 65  ASP L C   1 
ATOM   504 O O   . ASP A 1 63 ? -12.685 15.513  -7.329  1.00 30.05 ? 65  ASP L O   1 
ATOM   505 C CB  . ASP A 1 63 ? -14.457 15.606  -4.582  1.00 36.23 ? 65  ASP L CB  1 
ATOM   506 C CG  . ASP A 1 63 ? -15.687 14.675  -4.325  1.00 38.39 ? 65  ASP L CG  1 
ATOM   507 O OD1 . ASP A 1 63 ? -15.685 13.541  -4.853  1.00 41.75 ? 65  ASP L OD1 1 
ATOM   508 O OD2 . ASP A 1 63 ? -16.652 15.072  -3.622  1.00 37.68 ? 65  ASP L OD2 1 
ATOM   509 N N   . ASN A 1 64 ? -11.299 16.235  -5.699  1.00 31.06 ? 66  ASN L N   1 
ATOM   510 C CA  . ASN A 1 64 ? -10.359 16.984  -6.560  1.00 29.34 ? 66  ASN L CA  1 
ATOM   511 C C   . ASN A 1 64 ? -9.365  16.079  -7.315  1.00 29.15 ? 66  ASN L C   1 
ATOM   512 O O   . ASN A 1 64 ? -8.329  16.556  -7.752  1.00 31.23 ? 66  ASN L O   1 
ATOM   513 C CB  . ASN A 1 64 ? -9.516  17.985  -5.744  1.00 31.05 ? 66  ASN L CB  1 
ATOM   514 C CG  . ASN A 1 64 ? -8.549  17.295  -4.745  1.00 28.39 ? 66  ASN L CG  1 
ATOM   515 O OD1 . ASN A 1 64 ? -8.833  17.225  -3.568  1.00 31.81 ? 66  ASN L OD1 1 
ATOM   516 N ND2 . ASN A 1 64 ? -7.433  16.788  -5.228  1.00 33.62 ? 66  ASN L ND2 1 
ATOM   517 N N   . GLY A 1 65 ? -9.559  14.766  -7.296  1.00 29.20 ? 67  GLY L N   1 
ATOM   518 C CA  . GLY A 1 65 ? -8.644  13.911  -8.024  1.00 24.42 ? 67  GLY L CA  1 
ATOM   519 C C   . GLY A 1 65 ? -7.526  13.308  -7.204  1.00 24.33 ? 67  GLY L C   1 
ATOM   520 O O   . GLY A 1 65 ? -6.945  12.310  -7.617  1.00 24.80 ? 67  GLY L O   1 
ATOM   521 N N   . GLY A 1 66 ? -7.254  13.866  -6.025  1.00 23.01 ? 68  GLY L N   1 
ATOM   522 C CA  . GLY A 1 66 ? -6.171  13.362  -5.186  1.00 17.53 ? 68  GLY L CA  1 
ATOM   523 C C   . GLY A 1 66 ? -6.378  12.155  -4.280  1.00 14.50 ? 68  GLY L C   1 
ATOM   524 O O   . GLY A 1 66 ? -7.471  11.632  -4.134  1.00 14.41 ? 68  GLY L O   1 
ATOM   525 N N   . PHE A 1 67 ? -5.319  11.788  -3.570  1.00 12.81 ? 69  PHE L N   1 
ATOM   526 C CA  . PHE A 1 67 ? -5.347  10.611  -2.698  1.00 13.50 ? 69  PHE L CA  1 
ATOM   527 C C   . PHE A 1 67 ? -4.843  10.837  -1.261  1.00 11.66 ? 69  PHE L C   1 
ATOM   528 O O   . PHE A 1 67 ? -4.036  11.735  -1.010  1.00 9.67  ? 69  PHE L O   1 
ATOM   529 C CB  . PHE A 1 67 ? -4.489  9.491   -3.322  1.00 11.74 ? 69  PHE L CB  1 
ATOM   530 C CG  . PHE A 1 67 ? -4.749  9.244   -4.777  1.00 9.82  ? 69  PHE L CG  1 
ATOM   531 C CD1 . PHE A 1 67 ? -5.801  8.419   -5.189  1.00 12.60 ? 69  PHE L CD1 1 
ATOM   532 C CD2 . PHE A 1 67 ? -3.929  9.807   -5.738  1.00 10.95 ? 69  PHE L CD2 1 
ATOM   533 C CE1 . PHE A 1 67 ? -6.024  8.163   -6.564  1.00 14.13 ? 69  PHE L CE1 1 
ATOM   534 C CE2 . PHE A 1 67 ? -4.140  9.565   -7.097  1.00 10.76 ? 69  PHE L CE2 1 
ATOM   535 C CZ  . PHE A 1 67 ? -5.192  8.739   -7.512  1.00 10.65 ? 69  PHE L CZ  1 
ATOM   536 N N   . TYR A 1 68 ? -5.157  9.862   -0.404  1.00 12.38 ? 70  TYR L N   1 
ATOM   537 C CA  . TYR A 1 68 ? -4.768  9.823   1.000   1.00 10.92 ? 70  TYR L CA  1 
ATOM   538 C C   . TYR A 1 68 ? -5.082  8.465   1.649   1.00 11.60 ? 70  TYR L C   1 
ATOM   539 O O   . TYR A 1 68 ? -5.965  7.740   1.232   1.00 16.56 ? 70  TYR L O   1 
ATOM   540 C CB  . TYR A 1 68 ? -5.439  10.949  1.809   1.00 7.76  ? 70  TYR L CB  1 
ATOM   541 C CG  . TYR A 1 68 ? -6.903  10.724  2.112   1.00 12.85 ? 70  TYR L CG  1 
ATOM   542 C CD1 . TYR A 1 68 ? -7.906  11.119  1.216   1.00 9.47  ? 70  TYR L CD1 1 
ATOM   543 C CD2 . TYR A 1 68 ? -7.300  10.081  3.280   1.00 12.18 ? 70  TYR L CD2 1 
ATOM   544 C CE1 . TYR A 1 68 ? -9.257  10.871  1.493   1.00 8.39  ? 70  TYR L CE1 1 
ATOM   545 C CE2 . TYR A 1 68 ? -8.663  9.826   3.554   1.00 8.69  ? 70  TYR L CE2 1 
ATOM   546 C CZ  . TYR A 1 68 ? -9.616  10.220  2.657   1.00 11.03 ? 70  TYR L CZ  1 
ATOM   547 O OH  . TYR A 1 68 ? -10.944 9.926   2.927   1.00 15.02 ? 70  TYR L OH  1 
ATOM   548 N N   . ILE A 1 69 ? -4.238  8.059   2.572   1.00 14.81 ? 71  ILE L N   1 
ATOM   549 C CA  . ILE A 1 69 ? -4.458  6.828   3.333   1.00 13.78 ? 71  ILE L CA  1 
ATOM   550 C C   . ILE A 1 69 ? -4.976  7.313   4.697   1.00 13.95 ? 71  ILE L C   1 
ATOM   551 O O   . ILE A 1 69 ? -5.820  6.691   5.324   1.00 13.27 ? 71  ILE L O   1 
ATOM   552 C CB  . ILE A 1 69 ? -3.124  6.040   3.526   1.00 11.59 ? 71  ILE L CB  1 
ATOM   553 C CG1 . ILE A 1 69 ? -2.648  5.483   2.171   1.00 12.68 ? 71  ILE L CG1 1 
ATOM   554 C CG2 . ILE A 1 69 ? -3.320  4.940   4.566   1.00 11.23 ? 71  ILE L CG2 1 
ATOM   555 C CD1 . ILE A 1 69 ? -1.410  4.584   2.184   1.00 16.37 ? 71  ILE L CD1 1 
ATOM   556 N N   . SER A 1 70 ? -4.545  8.509   5.067   1.00 14.89 ? 72  SER L N   1 
ATOM   557 C CA  . SER A 1 70 ? -4.909  9.137   6.322   1.00 16.46 ? 72  SER L CA  1 
ATOM   558 C C   . SER A 1 70 ? -5.237  10.611  6.009   1.00 17.44 ? 72  SER L C   1 
ATOM   559 O O   . SER A 1 70 ? -4.382  11.336  5.511   1.00 19.62 ? 72  SER L O   1 
ATOM   560 C CB  . SER A 1 70 ? -3.724  9.021   7.283   1.00 11.83 ? 72  SER L CB  1 
ATOM   561 O OG  . SER A 1 70 ? -3.881  9.944   8.329   1.00 14.48 ? 72  SER L OG  1 
ATOM   562 N N   . PRO A 1 71 ? -6.455  11.086  6.372   1.00 21.45 ? 73  PRO L N   1 
ATOM   563 C CA  . PRO A 1 71 ? -6.920  12.469  6.125   1.00 21.64 ? 73  PRO L CA  1 
ATOM   564 C C   . PRO A 1 71 ? -5.937  13.520  6.564   1.00 23.92 ? 73  PRO L C   1 
ATOM   565 O O   . PRO A 1 71 ? -6.060  14.696  6.159   1.00 24.10 ? 73  PRO L O   1 
ATOM   566 C CB  . PRO A 1 71 ? -8.208  12.574  6.953   1.00 22.59 ? 73  PRO L CB  1 
ATOM   567 C CG  . PRO A 1 71 ? -8.657  11.152  7.119   1.00 23.19 ? 73  PRO L CG  1 
ATOM   568 C CD  . PRO A 1 71 ? -7.374  10.391  7.300   1.00 21.40 ? 73  PRO L CD  1 
ATOM   569 N N   . ARG A 1 72 ? -5.064  13.122  7.496   1.00 22.48 ? 74  ARG L N   1 
ATOM   570 C CA  . ARG A 1 72 ? -4.019  13.984  8.053   1.00 23.52 ? 74  ARG L CA  1 
ATOM   571 C C   . ARG A 1 72 ? -3.183  14.560  6.960   1.00 24.25 ? 74  ARG L C   1 
ATOM   572 O O   . ARG A 1 72 ? -2.645  15.642  7.127   1.00 29.02 ? 74  ARG L O   1 
ATOM   573 C CB  . ARG A 1 72 ? -3.054  13.191  8.908   1.00 22.32 ? 74  ARG L CB  1 
ATOM   574 C CG  . ARG A 1 72 ? -3.106  13.481  10.371  1.00 28.40 ? 74  ARG L CG  1 
ATOM   575 C CD  . ARG A 1 72 ? -2.531  12.269  11.166  1.00 29.30 ? 74  ARG L CD  1 
ATOM   576 N NE  . ARG A 1 72 ? -1.193  11.827  10.740  1.00 30.15 ? 74  ARG L NE  1 
ATOM   577 C CZ  . ARG A 1 72 ? -0.886  10.562  10.469  1.00 30.04 ? 74  ARG L CZ  1 
ATOM   578 N NH1 . ARG A 1 72 ? -1.823  9.634   10.546  1.00 30.41 ? 74  ARG L NH1 1 
ATOM   579 N NH2 . ARG A 1 72 ? 0.360   10.196  10.249  1.00 29.33 ? 74  ARG L NH2 1 
ATOM   580 N N   . ILE A 1 73 ? -2.891  13.756  5.946   1.00 20.53 ? 75  ILE L N   1 
ATOM   581 C CA  . ILE A 1 73 ? -2.045  14.224  4.867   1.00 20.59 ? 75  ILE L CA  1 
ATOM   582 C C   . ILE A 1 73 ? -2.537  13.690  3.520   1.00 19.53 ? 75  ILE L C   1 
ATOM   583 O O   . ILE A 1 73 ? -2.919  12.519  3.414   1.00 17.65 ? 75  ILE L O   1 
ATOM   584 C CB  . ILE A 1 73 ? -0.534  13.894  5.186   1.00 22.63 ? 75  ILE L CB  1 
ATOM   585 C CG1 . ILE A 1 73 ? 0.362   14.285  4.029   1.00 22.96 ? 75  ILE L CG1 1 
ATOM   586 C CG2 . ILE A 1 73 ? -0.332  12.420  5.592   1.00 25.07 ? 75  ILE L CG2 1 
ATOM   587 C CD1 . ILE A 1 73 ? 1.311   15.366  4.405   1.00 24.50 ? 75  ILE L CD1 1 
ATOM   588 N N   . THR A 1 74 ? -2.696  14.588  2.551   1.00 17.15 ? 76  THR L N   1 
ATOM   589 C CA  . THR A 1 74 ? -3.201  14.206  1.226   1.00 18.33 ? 76  THR L CA  1 
ATOM   590 C C   . THR A 1 74 ? -2.191  14.471  0.137   1.00 17.97 ? 76  THR L C   1 
ATOM   591 O O   . THR A 1 74 ? -1.301  15.287  0.311   1.00 20.01 ? 76  THR L O   1 
ATOM   592 C CB  . THR A 1 74 ? -4.523  14.933  0.857   1.00 18.55 ? 76  THR L CB  1 
ATOM   593 O OG1 . THR A 1 74 ? -4.259  16.318  0.637   1.00 24.44 ? 76  THR L OG1 1 
ATOM   594 C CG2 . THR A 1 74 ? -5.549  14.798  1.950   1.00 15.34 ? 76  THR L CG2 1 
ATOM   595 N N   . PHE A 1 75 ? -2.356  13.828  -1.013  1.00 18.70 ? 77  PHE L N   1 
ATOM   596 C CA  . PHE A 1 75 ? -1.397  13.993  -2.117  1.00 17.47 ? 77  PHE L CA  1 
ATOM   597 C C   . PHE A 1 75 ? -2.074  14.250  -3.468  1.00 17.34 ? 77  PHE L C   1 
ATOM   598 O O   . PHE A 1 75 ? -3.192  13.787  -3.740  1.00 17.99 ? 77  PHE L O   1 
ATOM   599 C CB  . PHE A 1 75 ? -0.504  12.747  -2.196  1.00 16.71 ? 77  PHE L CB  1 
ATOM   600 C CG  . PHE A 1 75 ? 0.010   12.289  -0.845  1.00 15.66 ? 77  PHE L CG  1 
ATOM   601 C CD1 . PHE A 1 75 ? -0.752  11.454  -0.048  1.00 13.76 ? 77  PHE L CD1 1 
ATOM   602 C CD2 . PHE A 1 75 ? 1.246   12.722  -0.374  1.00 16.88 ? 77  PHE L CD2 1 
ATOM   603 C CE1 . PHE A 1 75 ? -0.296  11.062  1.187   1.00 16.37 ? 77  PHE L CE1 1 
ATOM   604 C CE2 . PHE A 1 75 ? 1.723   12.329  0.879   1.00 15.15 ? 77  PHE L CE2 1 
ATOM   605 C CZ  . PHE A 1 75 ? 0.959   11.505  1.655   1.00 13.71 ? 77  PHE L CZ  1 
ATOM   606 N N   . PRO A 1 76 ? -1.396  14.962  -4.346  1.00 13.98 ? 78  PRO L N   1 
ATOM   607 C CA  . PRO A 1 76 ? -2.017  15.230  -5.638  1.00 17.35 ? 78  PRO L CA  1 
ATOM   608 C C   . PRO A 1 76 ? -2.026  14.030  -6.558  1.00 18.87 ? 78  PRO L C   1 
ATOM   609 O O   . PRO A 1 76 ? -2.759  14.001  -7.548  1.00 20.10 ? 78  PRO L O   1 
ATOM   610 C CB  . PRO A 1 76 ? -1.151  16.348  -6.198  1.00 18.68 ? 78  PRO L CB  1 
ATOM   611 C CG  . PRO A 1 76 ? 0.218   16.080  -5.537  1.00 21.44 ? 78  PRO L CG  1 
ATOM   612 C CD  . PRO A 1 76 ? -0.143  15.707  -4.156  1.00 12.06 ? 78  PRO L CD  1 
ATOM   613 N N   . GLY A 1 77 ? -1.219  13.031  -6.230  1.00 18.87 ? 79  GLY L N   1 
ATOM   614 C CA  . GLY A 1 77 ? -1.116  11.844  -7.063  1.00 15.91 ? 79  GLY L CA  1 
ATOM   615 C C   . GLY A 1 77 ? -0.365  10.717  -6.360  1.00 16.69 ? 79  GLY L C   1 
ATOM   616 O O   . GLY A 1 77 ? 0.185   10.921  -5.279  1.00 14.40 ? 79  GLY L O   1 
ATOM   617 N N   . LEU A 1 78 ? -0.350  9.539   -6.991  1.00 15.88 ? 80  LEU L N   1 
ATOM   618 C CA  . LEU A 1 78 ? 0.282   8.331   -6.470  1.00 14.40 ? 80  LEU L CA  1 
ATOM   619 C C   . LEU A 1 78 ? 1.790   8.492   -6.312  1.00 15.13 ? 80  LEU L C   1 
ATOM   620 O O   . LEU A 1 78 ? 2.363   8.036   -5.329  1.00 15.49 ? 80  LEU L O   1 
ATOM   621 C CB  . LEU A 1 78 ? -0.097  7.073   -7.316  1.00 10.46 ? 80  LEU L CB  1 
ATOM   622 C CG  . LEU A 1 78 ? -1.582  6.641   -7.512  1.00 10.16 ? 80  LEU L CG  1 
ATOM   623 C CD1 . LEU A 1 78 ? -1.766  5.410   -8.492  1.00 12.11 ? 80  LEU L CD1 1 
ATOM   624 C CD2 . LEU A 1 78 ? -2.224  6.312   -6.205  1.00 8.19  ? 80  LEU L CD2 1 
ATOM   625 N N   . HIS A 1 79 ? 2.443   9.203   -7.210  1.00 13.98 ? 81  HIS L N   1 
ATOM   626 C CA  . HIS A 1 79 ? 3.887   9.391   -7.026  1.00 15.83 ? 81  HIS L CA  1 
ATOM   627 C C   . HIS A 1 79 ? 4.244   10.046  -5.724  1.00 16.26 ? 81  HIS L C   1 
ATOM   628 O O   . HIS A 1 79 ? 5.160   9.592   -5.061  1.00 19.96 ? 81  HIS L O   1 
ATOM   629 C CB  . HIS A 1 79 ? 4.501   10.214  -8.136  1.00 15.15 ? 81  HIS L CB  1 
ATOM   630 C CG  . HIS A 1 79 ? 4.854   9.387   -9.312  1.00 19.55 ? 81  HIS L CG  1 
ATOM   631 N ND1 . HIS A 1 79 ? 3.912   8.976   -10.229 1.00 19.60 ? 81  HIS L ND1 1 
ATOM   632 C CD2 . HIS A 1 79 ? 5.996   8.733   -9.618  1.00 20.71 ? 81  HIS L CD2 1 
ATOM   633 C CE1 . HIS A 1 79 ? 4.457   8.093   -11.044 1.00 23.17 ? 81  HIS L CE1 1 
ATOM   634 N NE2 . HIS A 1 79 ? 5.719   7.927   -10.695 1.00 24.49 ? 81  HIS L NE2 1 
ATOM   635 N N   . GLU A 1 80 ? 3.622   11.195  -5.453  1.00 16.01 ? 82  GLU L N   1 
ATOM   636 C CA  . GLU A 1 80 ? 3.842   11.982  -4.254  1.00 15.04 ? 82  GLU L CA  1 
ATOM   637 C C   . GLU A 1 80 ? 3.564   11.144  -3.005  1.00 16.60 ? 82  GLU L C   1 
ATOM   638 O O   . GLU A 1 80 ? 4.131   11.413  -1.931  1.00 16.04 ? 82  GLU L O   1 
ATOM   639 C CB  . GLU A 1 80 ? 2.921   13.200  -4.215  1.00 17.27 ? 82  GLU L CB  1 
ATOM   640 C CG  . GLU A 1 80 ? 3.254   14.336  -5.107  1.00 20.47 ? 82  GLU L CG  1 
ATOM   641 C CD  . GLU A 1 80 ? 3.065   14.020  -6.583  1.00 24.65 ? 82  GLU L CD  1 
ATOM   642 O OE1 . GLU A 1 80 ? 2.143   13.258  -6.978  1.00 20.59 ? 82  GLU L OE1 1 
ATOM   643 O OE2 . GLU A 1 80 ? 3.883   14.545  -7.363  1.00 35.32 ? 82  GLU L OE2 1 
ATOM   644 N N   . LEU A 1 81 ? 2.513   10.333  -3.079  1.00 14.02 ? 83  LEU L N   1 
ATOM   645 C CA  . LEU A 1 81 ? 2.146   9.458   -1.963  1.00 14.42 ? 83  LEU L CA  1 
ATOM   646 C C   . LEU A 1 81 ? 3.332   8.527   -1.637  1.00 14.78 ? 83  LEU L C   1 
ATOM   647 O O   . LEU A 1 81 ? 3.840   8.529   -0.492  1.00 17.36 ? 83  LEU L O   1 
ATOM   648 C CB  . LEU A 1 81 ? 0.901   8.654   -2.332  1.00 12.47 ? 83  LEU L CB  1 
ATOM   649 C CG  . LEU A 1 81 ? 0.240   7.819   -1.248  1.00 16.15 ? 83  LEU L CG  1 
ATOM   650 C CD1 . LEU A 1 81 ? -1.250  7.883   -1.493  1.00 17.79 ? 83  LEU L CD1 1 
ATOM   651 C CD2 . LEU A 1 81 ? 0.731   6.372   -1.276  1.00 13.81 ? 83  LEU L CD2 1 
ATOM   652 N N   . VAL A 1 82 ? 3.940   7.980   -2.692  1.00 12.14 ? 84  VAL L N   1 
ATOM   653 C CA  . VAL A 1 82 ? 5.060   7.052   -2.565  1.00 13.14 ? 84  VAL L CA  1 
ATOM   654 C C   . VAL A 1 82 ? 6.310   7.740   -2.055  1.00 16.39 ? 84  VAL L C   1 
ATOM   655 O O   . VAL A 1 82 ? 7.045   7.156   -1.235  1.00 16.30 ? 84  VAL L O   1 
ATOM   656 C CB  . VAL A 1 82 ? 5.359   6.279   -3.887  1.00 11.52 ? 84  VAL L CB  1 
ATOM   657 C CG1 . VAL A 1 82 ? 6.773   5.571   -3.835  1.00 11.02 ? 84  VAL L CG1 1 
ATOM   658 C CG2 . VAL A 1 82 ? 4.268   5.257   -4.124  1.00 7.03  ? 84  VAL L CG2 1 
ATOM   659 N N   . ARG A 1 83 ? 6.532   8.970   -2.519  1.00 15.24 ? 85  ARG L N   1 
ATOM   660 C CA  . ARG A 1 83 ? 7.680   9.735   -2.101  1.00 16.74 ? 85  ARG L CA  1 
ATOM   661 C C   . ARG A 1 83 ? 7.572   10.040  -0.618  1.00 17.56 ? 85  ARG L C   1 
ATOM   662 O O   . ARG A 1 83 ? 8.584   10.088  0.069   1.00 19.10 ? 85  ARG L O   1 
ATOM   663 C CB  . ARG A 1 83 ? 7.804   11.041  -2.886  1.00 18.11 ? 85  ARG L CB  1 
ATOM   664 C CG  . ARG A 1 83 ? 8.934   11.947  -2.419  1.00 21.15 ? 85  ARG L CG  1 
ATOM   665 C CD  . ARG A 1 83 ? 9.083   13.247  -3.269  1.00 31.99 ? 85  ARG L CD  1 
ATOM   666 N NE  . ARG A 1 83 ? 7.864   14.074  -3.435  1.00 38.54 ? 85  ARG L NE  1 
ATOM   667 C CZ  . ARG A 1 83 ? 7.702   15.045  -4.351  1.00 43.16 ? 85  ARG L CZ  1 
ATOM   668 N NH1 . ARG A 1 83 ? 8.675   15.352  -5.205  1.00 48.75 ? 85  ARG L NH1 1 
ATOM   669 N NH2 . ARG A 1 83 ? 6.541   15.689  -4.456  1.00 43.42 ? 85  ARG L NH2 1 
ATOM   670 N N   . HIS A 1 84 ? 6.372   10.205  -0.089  1.00 16.06 ? 86  HIS L N   1 
ATOM   671 C CA  . HIS A 1 84 ? 6.247   10.526  1.336   1.00 15.55 ? 86  HIS L CA  1 
ATOM   672 C C   . HIS A 1 84 ? 6.472   9.351   2.279   1.00 15.46 ? 86  HIS L C   1 
ATOM   673 O O   . HIS A 1 84 ? 7.306   9.410   3.154   1.00 18.95 ? 86  HIS L O   1 
ATOM   674 C CB  . HIS A 1 84 ? 4.888   11.157  1.618   1.00 16.83 ? 86  HIS L CB  1 
ATOM   675 C CG  . HIS A 1 84 ? 4.630   11.453  3.063   1.00 16.48 ? 86  HIS L CG  1 
ATOM   676 N ND1 . HIS A 1 84 ? 5.217   12.508  3.734   1.00 15.66 ? 86  HIS L ND1 1 
ATOM   677 C CD2 . HIS A 1 84 ? 3.861   10.814  3.971   1.00 19.40 ? 86  HIS L CD2 1 
ATOM   678 C CE1 . HIS A 1 84 ? 4.832   12.498  4.997   1.00 16.22 ? 86  HIS L CE1 1 
ATOM   679 N NE2 . HIS A 1 84 ? 4.009   11.479  5.166   1.00 18.81 ? 86  HIS L NE2 1 
ATOM   680 N N   . TYR A 1 85 ? 5.771   8.259   2.047   1.00 15.20 ? 87  TYR L N   1 
ATOM   681 C CA  . TYR A 1 85 ? 5.874   7.088   2.880   1.00 13.45 ? 87  TYR L CA  1 
ATOM   682 C C   . TYR A 1 85 ? 7.184   6.365   2.699   1.00 15.41 ? 87  TYR L C   1 
ATOM   683 O O   . TYR A 1 85 ? 7.605   5.556   3.542   1.00 16.40 ? 87  TYR L O   1 
ATOM   684 C CB  . TYR A 1 85 ? 4.664   6.189   2.656   1.00 12.19 ? 87  TYR L CB  1 
ATOM   685 C CG  . TYR A 1 85 ? 3.413   6.838   3.198   1.00 12.19 ? 87  TYR L CG  1 
ATOM   686 C CD1 . TYR A 1 85 ? 3.233   6.990   4.565   1.00 11.57 ? 87  TYR L CD1 1 
ATOM   687 C CD2 . TYR A 1 85 ? 2.423   7.328   2.349   1.00 9.20  ? 87  TYR L CD2 1 
ATOM   688 C CE1 . TYR A 1 85 ? 2.076   7.612   5.086   1.00 14.59 ? 87  TYR L CE1 1 
ATOM   689 C CE2 . TYR A 1 85 ? 1.279   7.953   2.854   1.00 11.27 ? 87  TYR L CE2 1 
ATOM   690 C CZ  . TYR A 1 85 ? 1.109   8.087   4.214   1.00 11.76 ? 87  TYR L CZ  1 
ATOM   691 O OH  . TYR A 1 85 ? -0.035  8.676   4.704   1.00 10.03 ? 87  TYR L OH  1 
ATOM   692 N N   . THR A 1 86 ? 7.827   6.667   1.597   1.00 14.27 ? 88  THR L N   1 
ATOM   693 C CA  . THR A 1 86 ? 9.150   6.142   1.318   1.00 20.84 ? 88  THR L CA  1 
ATOM   694 C C   . THR A 1 86 ? 10.174  6.847   2.294   1.00 24.74 ? 88  THR L C   1 
ATOM   695 O O   . THR A 1 86 ? 11.179  6.242   2.720   1.00 23.74 ? 88  THR L O   1 
ATOM   696 C CB  . THR A 1 86 ? 9.497   6.469   -0.140  1.00 19.56 ? 88  THR L CB  1 
ATOM   697 O OG1 . THR A 1 86 ? 9.088   5.390   -0.994  1.00 20.98 ? 88  THR L OG1 1 
ATOM   698 C CG2 . THR A 1 86 ? 10.940  6.757   -0.299  1.00 23.81 ? 88  THR L CG2 1 
ATOM   699 N N   . ASN A 1 87 ? 9.895   8.130   2.608   1.00 24.12 ? 89  ASN L N   1 
ATOM   700 C CA  . ASN A 1 87 ? 10.713  8.970   3.495   1.00 20.78 ? 89  ASN L CA  1 
ATOM   701 C C   . ASN A 1 87 ? 10.334  8.939   4.982   1.00 19.70 ? 89  ASN L C   1 
ATOM   702 O O   . ASN A 1 87 ? 11.218  9.021   5.830   1.00 23.78 ? 89  ASN L O   1 
ATOM   703 C CB  . ASN A 1 87 ? 10.753  10.404  2.985   1.00 19.86 ? 89  ASN L CB  1 
ATOM   704 C CG  . ASN A 1 87 ? 11.682  10.574  1.782   1.00 21.43 ? 89  ASN L CG  1 
ATOM   705 O OD1 . ASN A 1 87 ? 12.807  11.065  1.921   1.00 21.88 ? 89  ASN L OD1 1 
ATOM   706 N ND2 . ASN A 1 87 ? 11.197  10.213  0.587   1.00 17.43 ? 89  ASN L ND2 1 
ATOM   707 N N   . ALA A 1 88 ? 9.055   8.742   5.300   1.00 17.13 ? 90  ALA L N   1 
ATOM   708 C CA  . ALA A 1 88 ? 8.593   8.636   6.681   1.00 16.23 ? 90  ALA L CA  1 
ATOM   709 C C   . ALA A 1 88 ? 7.510   7.580   6.748   1.00 17.78 ? 90  ALA L C   1 
ATOM   710 O O   . ALA A 1 88 ? 6.622   7.571   5.897   1.00 19.13 ? 90  ALA L O   1 
ATOM   711 C CB  . ALA A 1 88 ? 8.007   9.971   7.153   1.00 15.24 ? 90  ALA L CB  1 
ATOM   712 N N   . SER A 1 89 ? 7.481   6.781   7.810   1.00 15.89 ? 91  SER L N   1 
ATOM   713 C CA  . SER A 1 89 ? 6.434   5.777   7.925   1.00 17.66 ? 91  SER L CA  1 
ATOM   714 C C   . SER A 1 89 ? 5.103   6.498   8.158   1.00 20.55 ? 91  SER L C   1 
ATOM   715 O O   . SER A 1 89 ? 4.015   5.949   7.905   1.00 20.05 ? 91  SER L O   1 
ATOM   716 C CB  . SER A 1 89 ? 6.730   4.788   9.058   1.00 17.32 ? 91  SER L CB  1 
ATOM   717 O OG  . SER A 1 89 ? 6.718   5.450   10.308  1.00 23.50 ? 91  SER L OG  1 
ATOM   718 N N   . ASP A 1 90 ? 5.189   7.634   8.848   1.00 23.24 ? 92  ASP L N   1 
ATOM   719 C CA  . ASP A 1 90 ? 4.033   8.493   9.110   1.00 21.62 ? 92  ASP L CA  1 
ATOM   720 C C   . ASP A 1 90 ? 2.661   7.817   9.215   1.00 23.54 ? 92  ASP L C   1 
ATOM   721 O O   . ASP A 1 90 ? 1.732   8.153   8.455   1.00 26.98 ? 92  ASP L O   1 
ATOM   722 C CB  . ASP A 1 90 ? 3.968   9.561   8.003   1.00 23.62 ? 92  ASP L CB  1 
ATOM   723 C CG  . ASP A 1 90 ? 3.072   10.703  8.356   1.00 21.38 ? 92  ASP L CG  1 
ATOM   724 O OD1 . ASP A 1 90 ? 2.665   10.783  9.522   1.00 22.95 ? 92  ASP L OD1 1 
ATOM   725 O OD2 . ASP A 1 90 ? 2.804   11.549  7.492   1.00 20.61 ? 92  ASP L OD2 1 
ATOM   726 N N   . GLY A 1 91 ? 2.495   6.943   10.200  1.00 20.61 ? 93  GLY L N   1 
ATOM   727 C CA  . GLY A 1 91 ? 1.213   6.284   10.387  1.00 14.37 ? 93  GLY L CA  1 
ATOM   728 C C   . GLY A 1 91 ? 1.223   4.840   9.908   1.00 15.63 ? 93  GLY L C   1 
ATOM   729 O O   . GLY A 1 91 ? 0.485   4.024   10.441  1.00 13.99 ? 93  GLY L O   1 
ATOM   730 N N   . LEU A 1 92 ? 2.000   4.541   8.869   1.00 13.06 ? 94  LEU L N   1 
ATOM   731 C CA  . LEU A 1 92 ? 2.080   3.189   8.341   1.00 16.38 ? 94  LEU L CA  1 
ATOM   732 C C   . LEU A 1 92 ? 2.845   2.245   9.288   1.00 17.90 ? 94  LEU L C   1 
ATOM   733 O O   . LEU A 1 92 ? 3.581   2.681   10.190  1.00 16.90 ? 94  LEU L O   1 
ATOM   734 C CB  . LEU A 1 92 ? 2.749   3.217   6.961   1.00 14.57 ? 94  LEU L CB  1 
ATOM   735 C CG  . LEU A 1 92 ? 1.846   2.976   5.735   1.00 19.44 ? 94  LEU L CG  1 
ATOM   736 C CD1 . LEU A 1 92 ? 0.667   3.927   5.740   1.00 15.29 ? 94  LEU L CD1 1 
ATOM   737 C CD2 . LEU A 1 92 ? 2.641   3.078   4.445   1.00 10.72 ? 94  LEU L CD2 1 
ATOM   738 N N   . CYS A 1 93 ? 2.785   0.954   9.004   1.00 19.24 ? 95  CYS L N   1 
ATOM   739 C CA  . CYS A 1 93 ? 3.480   -0.007  9.848   1.00 19.00 ? 95  CYS L CA  1 
ATOM   740 C C   . CYS A 1 93 ? 4.993   0.065   9.717   1.00 20.28 ? 95  CYS L C   1 
ATOM   741 O O   . CYS A 1 93 ? 5.685   -0.415  10.591  1.00 22.09 ? 95  CYS L O   1 
ATOM   742 C CB  . CYS A 1 93 ? 2.999   -1.423  9.553   1.00 20.46 ? 95  CYS L CB  1 
ATOM   743 S SG  . CYS A 1 93 ? 3.253   -1.925  7.836   1.00 19.26 ? 95  CYS L SG  1 
ATOM   744 N N   . THR A 1 94 ? 5.487   0.573   8.582   1.00 20.04 ? 96  THR L N   1 
ATOM   745 C CA  . THR A 1 94 ? 6.915   0.726   8.283   1.00 17.87 ? 96  THR L CA  1 
ATOM   746 C C   . THR A 1 94 ? 7.062   1.507   6.974   1.00 18.47 ? 96  THR L C   1 
ATOM   747 O O   . THR A 1 94 ? 6.107   1.586   6.202   1.00 17.75 ? 96  THR L O   1 
ATOM   748 C CB  . THR A 1 94 ? 7.611   -0.631  8.077   1.00 17.71 ? 96  THR L CB  1 
ATOM   749 O OG1 . THR A 1 94 ? 8.997   -0.416  7.825   1.00 21.68 ? 96  THR L OG1 1 
ATOM   750 C CG2 . THR A 1 94 ? 7.072   -1.348  6.889   1.00 19.10 ? 96  THR L CG2 1 
ATOM   751 N N   . ARG A 1 95 ? 8.194   2.190   6.801   1.00 15.82 ? 97  ARG L N   1 
ATOM   752 C CA  . ARG A 1 95 ? 8.475   2.944   5.575   1.00 18.78 ? 97  ARG L CA  1 
ATOM   753 C C   . ARG A 1 95 ? 8.538   1.942   4.431   1.00 19.33 ? 97  ARG L C   1 
ATOM   754 O O   . ARG A 1 95 ? 9.013   0.821   4.638   1.00 17.45 ? 97  ARG L O   1 
ATOM   755 C CB  . ARG A 1 95 ? 9.858   3.601   5.601   1.00 20.88 ? 97  ARG L CB  1 
ATOM   756 C CG  . ARG A 1 95 ? 10.125  4.614   6.640   1.00 24.22 ? 97  ARG L CG  1 
ATOM   757 C CD  . ARG A 1 95 ? 11.586  4.931   6.523   1.00 31.48 ? 97  ARG L CD  1 
ATOM   758 N NE  . ARG A 1 95 ? 12.135  5.458   7.770   1.00 41.67 ? 97  ARG L NE  1 
ATOM   759 C CZ  . ARG A 1 95 ? 13.354  5.987   7.879   1.00 43.76 ? 97  ARG L CZ  1 
ATOM   760 N NH1 . ARG A 1 95 ? 14.148  6.045   6.815   1.00 46.62 ? 97  ARG L NH1 1 
ATOM   761 N NH2 . ARG A 1 95 ? 13.750  6.518   9.030   1.00 42.90 ? 97  ARG L NH2 1 
ATOM   762 N N   . LEU A 1 96 ? 8.374   2.449   3.208   1.00 17.18 ? 98  LEU L N   1 
ATOM   763 C CA  . LEU A 1 96 ? 8.392   1.601   2.028   1.00 15.73 ? 98  LEU L CA  1 
ATOM   764 C C   . LEU A 1 96 ? 9.820   1.544   1.530   1.00 18.33 ? 98  LEU L C   1 
ATOM   765 O O   . LEU A 1 96 ? 10.564  2.506   1.690   1.00 16.16 ? 98  LEU L O   1 
ATOM   766 C CB  . LEU A 1 96 ? 7.524   2.238   0.938   1.00 14.41 ? 98  LEU L CB  1 
ATOM   767 C CG  . LEU A 1 96 ? 6.163   2.862   1.265   1.00 12.83 ? 98  LEU L CG  1 
ATOM   768 C CD1 . LEU A 1 96 ? 5.517   3.332   -0.003  1.00 14.64 ? 98  LEU L CD1 1 
ATOM   769 C CD2 . LEU A 1 96 ? 5.247   1.878   1.938   1.00 11.41 ? 98  LEU L CD2 1 
ATOM   770 N N   . SER A 1 97 ? 10.167  0.503   0.777   1.00 22.31 ? 99  SER L N   1 
ATOM   771 C CA  . SER A 1 97 ? 11.516  0.431   0.226   1.00 27.49 ? 99  SER L CA  1 
ATOM   772 C C   . SER A 1 97 ? 11.440  -0.071  -1.197  1.00 31.45 ? 99  SER L C   1 
ATOM   773 O O   . SER A 1 97 ? 10.685  -0.998  -1.460  1.00 36.31 ? 99  SER L O   1 
ATOM   774 C CB  . SER A 1 97 ? 12.412  -0.487  1.069   1.00 26.43 ? 99  SER L CB  1 
ATOM   775 O OG  . SER A 1 97 ? 11.825  -1.763  1.216   1.00 32.42 ? 99  SER L OG  1 
ATOM   776 N N   . ARG A 1 98 ? 12.015  0.688   -2.140  1.00 37.04 ? 100 ARG L N   1 
ATOM   777 C CA  . ARG A 1 98 ? 12.072  0.316   -3.584  1.00 38.06 ? 100 ARG L CA  1 
ATOM   778 C C   . ARG A 1 98 ? 10.748  0.257   -4.347  1.00 41.83 ? 100 ARG L C   1 
ATOM   779 O O   . ARG A 1 98 ? 10.680  -0.308  -5.450  1.00 44.09 ? 100 ARG L O   1 
ATOM   780 C CB  . ARG A 1 98 ? 12.811  -1.000  -3.761  1.00 36.77 ? 100 ARG L CB  1 
ATOM   781 N N   . GLU B 2 2  ? -15.965 -4.063  3.532   1.00 54.73 ? 2   GLU P N   1 
ATOM   782 C CA  . GLU B 2 2  ? -14.881 -3.784  4.483   1.00 55.93 ? 2   GLU P CA  1 
ATOM   783 C C   . GLU B 2 2  ? -13.496 -4.202  3.944   1.00 52.37 ? 2   GLU P C   1 
ATOM   784 O O   . GLU B 2 2  ? -12.500 -3.526  4.208   1.00 51.67 ? 2   GLU P O   1 
ATOM   785 C CB  . GLU B 2 2  ? -15.178 -4.447  5.859   1.00 58.97 ? 2   GLU P CB  1 
ATOM   786 C CG  . GLU B 2 2  ? -14.154 -5.517  6.361   1.00 62.74 ? 2   GLU P CG  1 
ATOM   787 C CD  . GLU B 2 2  ? -13.255 -5.031  7.524   1.00 66.78 ? 2   GLU P CD  1 
ATOM   788 O OE1 . GLU B 2 2  ? -12.333 -4.197  7.294   1.00 66.88 ? 2   GLU P OE1 1 
ATOM   789 O OE2 . GLU B 2 2  ? -13.468 -5.507  8.672   1.00 70.06 ? 2   GLU P OE2 1 
ATOM   790 N N   . GLY B 2 3  ? -13.459 -5.306  3.190   1.00 50.03 ? 3   GLY P N   1 
ATOM   791 C CA  . GLY B 2 3  ? -12.229 -5.837  2.618   1.00 46.34 ? 3   GLY P CA  1 
ATOM   792 C C   . GLY B 2 3  ? -11.325 -6.356  3.707   1.00 44.01 ? 3   GLY P C   1 
ATOM   793 O O   . GLY B 2 3  ? -10.935 -7.516  3.713   1.00 44.93 ? 3   GLY P O   1 
ATOM   794 N N   . ASP B 2 4  ? -11.059 -5.458  4.642   1.00 41.68 ? 4   ASP P N   1 
ATOM   795 C CA  . ASP B 2 4  ? -10.230 -5.611  5.815   1.00 39.26 ? 4   ASP P CA  1 
ATOM   796 C C   . ASP B 2 4  ? -8.862  -5.022  5.622   1.00 35.81 ? 4   ASP P C   1 
ATOM   797 O O   . ASP B 2 4  ? -7.857  -5.682  5.319   1.00 36.08 ? 4   ASP P O   1 
ATOM   798 C CB  . ASP B 2 4  ? -10.182 -7.005  6.418   1.00 43.23 ? 4   ASP P CB  1 
ATOM   799 C CG  . ASP B 2 4  ? -10.359 -6.969  7.944   1.00 48.29 ? 4   ASP P CG  1 
ATOM   800 O OD1 . ASP B 2 4  ? -9.542  -6.285  8.618   1.00 50.51 ? 4   ASP P OD1 1 
ATOM   801 O OD2 . ASP B 2 4  ? -11.338 -7.583  8.465   1.00 50.63 ? 4   ASP P OD2 1 
HETATM 802 N N   . PM3 B 2 5  ? -8.873  -3.712  5.731   1.00 29.38 ? 5   PM3 P N   1 
HETATM 803 C CA  . PM3 B 2 5  ? -7.678  -2.958  5.613   1.00 25.30 ? 5   PM3 P CA  1 
HETATM 804 C CB  . PM3 B 2 5  ? -7.949  -1.836  4.650   1.00 20.48 ? 5   PM3 P CB  1 
HETATM 805 C CG  . PM3 B 2 5  ? -8.274  -2.369  3.284   1.00 18.60 ? 5   PM3 P CG  1 
HETATM 806 C CD1 . PM3 B 2 5  ? -9.588  -2.674  2.919   1.00 18.94 ? 5   PM3 P CD1 1 
HETATM 807 C CE1 . PM3 B 2 5  ? -9.891  -3.140  1.626   1.00 15.26 ? 5   PM3 P CE1 1 
HETATM 808 C CD2 . PM3 B 2 5  ? -7.276  -2.537  2.338   1.00 18.55 ? 5   PM3 P CD2 1 
HETATM 809 C CE2 . PM3 B 2 5  ? -7.561  -2.985  1.058   1.00 18.26 ? 5   PM3 P CE2 1 
HETATM 810 C CZ  . PM3 B 2 5  ? -8.863  -3.287  0.704   1.00 17.95 ? 5   PM3 P CZ  1 
HETATM 811 C CH4 . PM3 B 2 5  ? -9.026  -3.748  -0.731  1.00 17.31 ? 5   PM3 P CH4 1 
HETATM 812 P P   . PM3 B 2 5  ? -8.807  -5.507  -1.035  1.00 22.35 ? 5   PM3 P P   1 
HETATM 813 O O1  . PM3 B 2 5  ? -9.944  -6.294  -0.507  1.00 15.96 ? 5   PM3 P O1  1 
HETATM 814 O O2  . PM3 B 2 5  ? -7.481  -6.008  -0.495  1.00 24.40 ? 5   PM3 P O2  1 
HETATM 815 O O3  . PM3 B 2 5  ? -8.652  -5.846  -2.467  1.00 21.41 ? 5   PM3 P O3  1 
HETATM 816 C C   . PM3 B 2 5  ? -7.212  -2.471  6.987   1.00 24.80 ? 5   PM3 P C   1 
HETATM 817 O O   . PM3 B 2 5  ? -7.959  -2.488  7.983   1.00 23.31 ? 5   PM3 P O   1 
ATOM   818 N N   . GLU B 2 6  ? -5.909  -2.339  7.087   1.00 24.15 ? 6   GLU P N   1 
ATOM   819 C CA  . GLU B 2 6  ? -5.246  -1.866  8.293   1.00 25.26 ? 6   GLU P CA  1 
ATOM   820 C C   . GLU B 2 6  ? -5.788  -0.467  8.782   1.00 23.57 ? 6   GLU P C   1 
ATOM   821 O O   . GLU B 2 6  ? -6.023  0.438   7.997   1.00 21.20 ? 6   GLU P O   1 
ATOM   822 C CB  . GLU B 2 6  ? -3.742  -1.793  7.947   1.00 26.25 ? 6   GLU P CB  1 
ATOM   823 C CG  . GLU B 2 6  ? -2.795  -1.905  9.096   1.00 33.28 ? 6   GLU P CG  1 
ATOM   824 C CD  . GLU B 2 6  ? -2.742  -3.303  9.680   1.00 37.28 ? 6   GLU P CD  1 
ATOM   825 O OE1 . GLU B 2 6  ? -3.377  -4.232  9.121   1.00 41.27 ? 6   GLU P OE1 1 
ATOM   826 O OE2 . GLU B 2 6  ? -2.044  -3.475  10.707  1.00 41.85 ? 6   GLU P OE2 1 
ATOM   827 N N   . GLU B 2 7  ? -6.008  -0.305  10.083  1.00 24.30 ? 7   GLU P N   1 
ATOM   828 C CA  . GLU B 2 7  ? -6.461  0.968   10.614  1.00 20.40 ? 7   GLU P CA  1 
ATOM   829 C C   . GLU B 2 7  ? -5.239  1.824   10.763  1.00 24.93 ? 7   GLU P C   1 
ATOM   830 O O   . GLU B 2 7  ? -4.153  1.316   11.140  1.00 24.74 ? 7   GLU P O   1 
ATOM   831 C CB  . GLU B 2 7  ? -7.107  0.779   11.966  1.00 17.82 ? 7   GLU P CB  1 
ATOM   832 C CG  . GLU B 2 7  ? -8.273  -0.173  11.900  1.00 22.75 ? 7   GLU P CG  1 
ATOM   833 C CD  . GLU B 2 7  ? -8.874  -0.480  13.248  1.00 24.17 ? 7   GLU P CD  1 
ATOM   834 O OE1 . GLU B 2 7  ? -8.105  -0.503  14.232  1.00 23.75 ? 7   GLU P OE1 1 
ATOM   835 O OE2 . GLU B 2 7  ? -10.113 -0.699  13.308  1.00 25.17 ? 7   GLU P OE2 1 
ATOM   836 N N   . VAL B 2 8  ? -5.398  3.105   10.410  1.00 27.08 ? 8   VAL P N   1 
ATOM   837 C CA  . VAL B 2 8  ? -4.319  4.091   10.480  1.00 29.11 ? 8   VAL P CA  1 
ATOM   838 C C   . VAL B 2 8  ? -4.758  5.267   11.388  1.00 34.75 ? 8   VAL P C   1 
ATOM   839 O O   . VAL B 2 8  ? -5.955  5.500   11.613  1.00 33.48 ? 8   VAL P O   1 
ATOM   840 C CB  . VAL B 2 8  ? -3.933  4.610   9.038   1.00 25.50 ? 8   VAL P CB  1 
ATOM   841 C CG1 . VAL B 2 8  ? -2.547  5.242   9.042   1.00 23.66 ? 8   VAL P CG1 1 
ATOM   842 C CG2 . VAL B 2 8  ? -3.981  3.485   8.028   1.00 23.94 ? 8   VAL P CG2 1 
ATOM   843 N N   . LEU B 2 9  ? -3.795  5.919   12.029  1.00 42.03 ? 9   LEU P N   1 
ATOM   844 C CA  . LEU B 2 9  ? -4.106  7.037   12.910  1.00 47.95 ? 9   LEU P CA  1 
ATOM   845 C C   . LEU B 2 9  ? -3.382  8.280   12.404  1.00 50.40 ? 9   LEU P C   1 
ATOM   846 O O   . LEU B 2 9  ? -2.186  8.403   12.749  1.00 56.34 ? 9   LEU P O   1 
ATOM   847 C CB  . LEU B 2 9  ? -3.661  6.738   14.355  1.00 50.64 ? 9   LEU P CB  1 
ATOM   848 C CG  . LEU B 2 9  ? -3.966  7.855   15.377  1.00 52.52 ? 9   LEU P CG  1 
ATOM   849 C CD1 . LEU B 2 9  ? -5.350  7.641   15.993  1.00 52.30 ? 9   LEU P CD1 1 
ATOM   850 C CD2 . LEU B 2 9  ? -2.924  7.893   16.475  1.00 53.51 ? 9   LEU P CD2 1 
ATOM   851 O OXT . LEU B 2 9  ? -3.989  9.107   11.678  1.00 45.49 ? 9   LEU P OXT 1 
HETATM 852 O O   . HOH C 3 .  ? 5.506   -15.801 6.155   1.00 53.35 ? 101 HOH L O   1 
HETATM 853 O O   . HOH C 3 .  ? -6.258  1.187   5.137   1.00 16.36 ? 102 HOH L O   1 
HETATM 854 O O   . HOH C 3 .  ? -7.190  -2.083  -4.840  1.00 14.14 ? 103 HOH L O   1 
HETATM 855 O O   . HOH C 3 .  ? -0.354  -0.025  -16.519 1.00 53.65 ? 104 HOH L O   1 
HETATM 856 O O   . HOH C 3 .  ? 7.887   -1.657  -5.833  1.00 33.87 ? 105 HOH L O   1 
HETATM 857 O O   . HOH C 3 .  ? 4.728   5.530   11.931  1.00 41.03 ? 106 HOH L O   1 
HETATM 858 O O   . HOH C 3 .  ? 0.694   -12.648 5.118   1.00 50.90 ? 107 HOH L O   1 
HETATM 859 O O   . HOH C 3 .  ? 6.348   -7.050  -6.627  1.00 38.53 ? 108 HOH L O   1 
HETATM 860 O O   . HOH C 3 .  ? 12.134  -3.870  -1.831  1.00 43.00 ? 109 HOH L O   1 
HETATM 861 O O   . HOH C 3 .  ? 4.008   -4.526  11.670  1.00 44.97 ? 110 HOH L O   1 
HETATM 862 O O   . HOH C 3 .  ? -3.630  -5.624  6.381   1.00 20.83 ? 111 HOH L O   1 
HETATM 863 O O   . HOH C 3 .  ? 0.053   -8.022  12.912  1.00 43.66 ? 112 HOH L O   1 
HETATM 864 O O   . HOH C 3 .  ? -0.560  0.946   10.421  1.00 31.60 ? 113 HOH L O   1 
HETATM 865 O O   . HOH C 3 .  ? -3.042  -8.677  6.893   1.00 40.54 ? 114 HOH L O   1 
HETATM 866 O O   . HOH C 3 .  ? 11.669  -5.248  -14.036 1.00 52.87 ? 115 HOH L O   1 
HETATM 867 O O   . HOH C 3 .  ? -14.875 0.089   -12.727 1.00 46.97 ? 116 HOH L O   1 
HETATM 868 O O   . HOH C 3 .  ? -13.800 12.493  0.073   1.00 46.89 ? 117 HOH L O   1 
HETATM 869 O O   . HOH C 3 .  ? -12.875 3.792   -4.733  1.00 37.78 ? 118 HOH L O   1 
HETATM 870 O O   . HOH C 3 .  ? 2.420   -18.535 16.678  1.00 58.14 ? 119 HOH L O   1 
HETATM 871 O O   . HOH C 3 .  ? 1.898   -7.217  18.450  1.00 51.32 ? 120 HOH L O   1 
HETATM 872 O O   . HOH C 3 .  ? 9.050   -2.407  -2.908  1.00 23.57 ? 121 HOH L O   1 
HETATM 873 O O   . HOH C 3 .  ? -8.449  4.487   -4.506  1.00 24.53 ? 122 HOH L O   1 
HETATM 874 O O   . HOH C 3 .  ? -13.576 -7.810  -15.697 1.00 41.93 ? 123 HOH L O   1 
HETATM 875 O O   . HOH C 3 .  ? -2.290  9.790   3.645   1.00 17.18 ? 124 HOH L O   1 
HETATM 876 O O   . HOH C 3 .  ? -0.314  9.420   7.013   1.00 45.47 ? 125 HOH L O   1 
HETATM 877 O O   . HOH C 3 .  ? -4.331  15.641  -9.498  1.00 40.71 ? 126 HOH L O   1 
HETATM 878 O O   . HOH C 3 .  ? 10.570  12.574  9.052   1.00 45.97 ? 127 HOH L O   1 
HETATM 879 O O   . HOH C 3 .  ? 9.947   7.124   9.681   1.00 23.03 ? 128 HOH L O   1 
HETATM 880 O O   . HOH C 3 .  ? 7.410   8.814   -6.700  1.00 46.31 ? 129 HOH L O   1 
HETATM 881 O O   . HOH C 3 .  ? -6.817  16.540  -10.188 1.00 48.48 ? 130 HOH L O   1 
HETATM 882 O O   . HOH C 3 .  ? 14.595  6.836   4.309   1.00 51.44 ? 131 HOH L O   1 
HETATM 883 O O   . HOH C 3 .  ? 4.674   13.833  -0.764  1.00 26.94 ? 132 HOH L O   1 
HETATM 884 O O   . HOH C 3 .  ? -1.179  -14.920 2.298   1.00 35.89 ? 133 HOH L O   1 
HETATM 885 O O   . HOH C 3 .  ? 13.010  3.297   -1.674  1.00 56.01 ? 134 HOH L O   1 
HETATM 886 O O   . HOH C 3 .  ? 1.271   16.823  -0.209  1.00 41.39 ? 135 HOH L O   1 
HETATM 887 O O   . HOH C 3 .  ? 6.833   8.985   10.736  1.00 27.13 ? 136 HOH L O   1 
HETATM 888 O O   . HOH C 3 .  ? -3.893  -8.890  -12.243 1.00 44.66 ? 137 HOH L O   1 
HETATM 889 O O   . HOH C 3 .  ? 15.904  0.964   -0.675  1.00 57.03 ? 138 HOH L O   1 
HETATM 890 O O   . HOH C 3 .  ? 4.908   9.905   12.322  1.00 54.15 ? 139 HOH L O   1 
HETATM 891 O O   . HOH C 3 .  ? -17.560 12.398  -6.116  1.00 48.99 ? 140 HOH L O   1 
HETATM 892 O O   . HOH C 3 .  ? -11.517 17.277  -1.923  1.00 48.05 ? 141 HOH L O   1 
HETATM 893 O O   . HOH C 3 .  ? 11.749  0.000   4.289   1.00 40.90 ? 142 HOH L O   1 
HETATM 894 O O   . HOH C 3 .  ? 11.127  -13.463 9.916   1.00 23.76 ? 143 HOH L O   1 
HETATM 895 O O   . HOH C 3 .  ? 7.935   -6.292  -4.573  1.00 51.71 ? 144 HOH L O   1 
HETATM 896 O O   . HOH C 3 .  ? -12.366 -5.779  -6.229  1.00 41.67 ? 145 HOH L O   1 
HETATM 897 O O   . HOH C 3 .  ? 11.627  9.199   8.849   1.00 55.68 ? 146 HOH L O   1 
HETATM 898 O O   . HOH C 3 .  ? -7.103  4.556   4.732   1.00 24.62 ? 147 HOH L O   1 
HETATM 899 O O   . HOH C 3 .  ? -7.991  -11.933 -9.559  1.00 55.87 ? 148 HOH L O   1 
HETATM 900 O O   . HOH C 3 .  ? -5.189  -7.092  -17.111 1.00 53.28 ? 149 HOH L O   1 
HETATM 901 O O   . HOH C 3 .  ? -4.219  19.235  -4.650  1.00 52.61 ? 150 HOH L O   1 
HETATM 902 O O   . HOH C 3 .  ? -1.704  -11.416 10.150  1.00 41.28 ? 151 HOH L O   1 
HETATM 903 O O   . HOH C 3 .  ? -11.400 4.178   -1.648  1.00 33.37 ? 152 HOH L O   1 
HETATM 904 O O   . HOH C 3 .  ? -8.206  -10.775 -15.492 1.00 61.18 ? 153 HOH L O   1 
HETATM 905 O O   . HOH C 3 .  ? -12.380 7.108   -1.099  1.00 39.73 ? 154 HOH L O   1 
HETATM 906 O O   . HOH C 3 .  ? -17.426 0.040   -7.785  1.00 56.15 ? 155 HOH L O   1 
HETATM 907 O O   . HOH C 3 .  ? 1.224   9.938   -10.000 1.00 17.23 ? 156 HOH L O   1 
HETATM 908 O O   . HOH C 3 .  ? 14.703  -6.152  -2.260  1.00 51.55 ? 157 HOH L O   1 
HETATM 909 O O   . HOH C 3 .  ? 0.458   17.292  -8.984  1.00 50.95 ? 158 HOH L O   1 
HETATM 910 O O   . HOH C 3 .  ? -3.838  17.487  -2.255  1.00 42.93 ? 159 HOH L O   1 
HETATM 911 O O   . HOH C 3 .  ? 14.400  2.793   4.448   1.00 50.97 ? 160 HOH L O   1 
HETATM 912 O O   . HOH C 3 .  ? -8.834  18.180  -0.048  1.00 41.57 ? 161 HOH L O   1 
HETATM 913 O O   . HOH C 3 .  ? -7.246  20.692  -1.918  1.00 52.47 ? 162 HOH L O   1 
HETATM 914 O O   . HOH C 3 .  ? 14.931  -12.831 0.474   1.00 42.46 ? 163 HOH L O   1 
HETATM 915 O O   . HOH C 3 .  ? -9.187  6.726   6.922   1.00 48.99 ? 164 HOH L O   1 
HETATM 916 O O   . HOH C 3 .  ? -0.594  -9.970  -17.071 1.00 53.28 ? 165 HOH L O   1 
HETATM 917 O O   . HOH C 3 .  ? -1.289  -7.489  -12.736 1.00 42.65 ? 166 HOH L O   1 
HETATM 918 O O   . HOH C 3 .  ? 10.697  -15.435 1.010   1.00 35.10 ? 167 HOH L O   1 
HETATM 919 O O   . HOH C 3 .  ? -5.517  -13.611 0.616   1.00 46.11 ? 168 HOH L O   1 
HETATM 920 O O   . HOH C 3 .  ? 12.295  0.792   8.243   1.00 54.09 ? 169 HOH L O   1 
HETATM 921 O O   . HOH C 3 .  ? 1.452   -7.331  -13.266 1.00 30.65 ? 170 HOH L O   1 
HETATM 922 O O   . HOH C 3 .  ? -1.331  -15.138 -10.346 1.00 54.75 ? 171 HOH L O   1 
HETATM 923 O O   . HOH C 3 .  ? -7.260  -14.150 -5.990  1.00 43.25 ? 172 HOH L O   1 
HETATM 924 O O   . HOH C 3 .  ? -14.066 11.460  -3.999  1.00 51.60 ? 173 HOH L O   1 
HETATM 925 O O   . HOH C 3 .  ? -7.527  7.647   -11.207 1.00 34.63 ? 174 HOH L O   1 
HETATM 926 O O   . HOH C 3 .  ? 1.664   12.815  -9.652  1.00 46.64 ? 175 HOH L O   1 
HETATM 927 O O   . HOH C 3 .  ? -10.231 20.930  -4.824  1.00 47.96 ? 176 HOH L O   1 
HETATM 928 O O   . HOH C 3 .  ? -1.711  -13.267 19.207  1.00 37.50 ? 177 HOH L O   1 
HETATM 929 O O   . HOH C 3 .  ? -15.491 14.645  -8.640  1.00 34.88 ? 178 HOH L O   1 
HETATM 930 O O   . HOH C 3 .  ? -1.632  -9.000  9.290   1.00 41.11 ? 179 HOH L O   1 
HETATM 931 O O   . HOH C 3 .  ? 9.827   -4.565  -4.645  1.00 32.68 ? 180 HOH L O   1 
HETATM 932 O O   . HOH C 3 .  ? -1.859  -15.827 -0.503  1.00 47.08 ? 181 HOH L O   1 
HETATM 933 O O   . HOH C 3 .  ? -9.004  -7.131  -8.654  1.00 39.10 ? 182 HOH L O   1 
HETATM 934 O O   . HOH C 3 .  ? 10.152  1.985   9.948   1.00 31.40 ? 183 HOH L O   1 
HETATM 935 O O   . HOH C 3 .  ? 10.885  4.032   -4.964  1.00 50.90 ? 184 HOH L O   1 
HETATM 936 O O   . HOH C 3 .  ? 2.372   -20.837 -0.674  1.00 41.74 ? 185 HOH L O   1 
HETATM 937 O O   . HOH C 3 .  ? 0.093   -10.208 21.659  1.00 54.23 ? 186 HOH L O   1 
HETATM 938 O O   . HOH C 3 .  ? -6.599  -4.633  -5.840  1.00 25.88 ? 187 HOH L O   1 
HETATM 939 O O   . HOH C 3 .  ? 8.808   -8.090  -6.571  1.00 46.71 ? 188 HOH L O   1 
HETATM 940 O O   . HOH C 3 .  ? 5.753   -12.860 20.719  1.00 52.64 ? 189 HOH L O   1 
HETATM 941 O O   . HOH C 3 .  ? 13.777  -3.330  -5.934  1.00 48.24 ? 190 HOH L O   1 
HETATM 942 O O   . HOH C 3 .  ? -0.722  -5.272  -14.242 1.00 44.43 ? 191 HOH L O   1 
HETATM 943 O O   . HOH C 3 .  ? -7.050  21.567  -6.805  1.00 57.53 ? 192 HOH L O   1 
HETATM 944 O O   . HOH C 3 .  ? 3.398   -14.220 9.421   1.00 44.71 ? 193 HOH L O   1 
HETATM 945 O O   . HOH C 3 .  ? -3.683  21.646  -2.557  1.00 59.85 ? 194 HOH L O   1 
HETATM 946 O O   . HOH C 3 .  ? 8.314   11.360  -7.799  1.00 31.02 ? 195 HOH L O   1 
HETATM 947 O O   . HOH C 3 .  ? 0.233   15.584  8.531   1.00 47.42 ? 196 HOH L O   1 
HETATM 948 O O   . HOH C 3 .  ? 6.181   11.996  -9.838  1.00 49.44 ? 197 HOH L O   1 
HETATM 949 O O   . HOH C 3 .  ? -13.780 7.217   -5.414  1.00 47.91 ? 198 HOH L O   1 
HETATM 950 O O   . HOH C 3 .  ? 1.168   -13.459 23.839  1.00 43.99 ? 199 HOH L O   1 
HETATM 951 O O   . HOH C 3 .  ? -3.270  18.100  -8.441  1.00 55.85 ? 200 HOH L O   1 
HETATM 952 O O   . HOH C 3 .  ? 8.082   2.070   11.462  1.00 46.56 ? 201 HOH L O   1 
HETATM 953 O O   . HOH C 3 .  ? -1.921  -15.620 20.601  1.00 49.31 ? 202 HOH L O   1 
HETATM 954 O O   . HOH C 3 .  ? 4.345   -6.919  19.826  1.00 46.34 ? 203 HOH L O   1 
HETATM 955 O O   . HOH C 3 .  ? 3.589   -15.857 20.263  1.00 46.23 ? 204 HOH L O   1 
HETATM 956 O O   . HOH C 3 .  ? -15.358 3.190   -11.262 1.00 36.39 ? 205 HOH L O   1 
HETATM 957 O O   . HOH C 3 .  ? -0.943  -14.241 9.583   1.00 48.89 ? 206 HOH L O   1 
HETATM 958 O O   . HOH C 3 .  ? -13.712 11.806  -7.759  1.00 39.36 ? 207 HOH L O   1 
HETATM 959 O O   . HOH C 3 .  ? -0.438  -5.886  -18.550 1.00 42.18 ? 208 HOH L O   1 
HETATM 960 O O   . HOH C 3 .  ? 5.059   -16.183 -1.577  1.00 41.79 ? 209 HOH L O   1 
HETATM 961 O O   . HOH C 3 .  ? -3.334  17.889  3.749   1.00 37.71 ? 210 HOH L O   1 
HETATM 962 O O   . HOH C 3 .  ? -4.816  16.658  -4.550  1.00 36.55 ? 211 HOH L O   1 
HETATM 963 O O   . HOH C 3 .  ? 11.220  -10.155 -5.935  1.00 47.37 ? 212 HOH L O   1 
HETATM 964 O O   . HOH C 3 .  ? 2.587   14.007  8.314   1.00 38.15 ? 213 HOH L O   1 
HETATM 965 O O   . HOH C 3 .  ? -1.791  12.289  -10.820 1.00 42.29 ? 214 HOH L O   1 
HETATM 966 O O   . HOH C 3 .  ? -8.751  7.763   -9.028  1.00 36.28 ? 215 HOH L O   1 
HETATM 967 O O   . HOH D 3 .  ? -0.105  -1.732  11.073  1.00 51.38 ? 10  HOH P O   1 
HETATM 968 O O   . HOH D 3 .  ? -8.912  -5.780  -5.706  1.00 38.76 ? 11  HOH P O   1 
HETATM 969 O O   . HOH D 3 .  ? -7.488  -3.542  10.823  1.00 42.54 ? 12  HOH P O   1 
HETATM 970 O O   . HOH D 3 .  ? -12.830 -4.692  12.548  1.00 49.07 ? 13  HOH P O   1 
HETATM 971 O O   . HOH D 3 .  ? -11.257 0.267   9.625   1.00 41.87 ? 14  HOH P O   1 
HETATM 972 O O   . HOH D 3 .  ? -12.479 -6.411  -0.790  1.00 41.33 ? 15  HOH P O   1 
HETATM 973 O O   . HOH D 3 .  ? -6.823  -8.543  7.210   1.00 53.42 ? 16  HOH P O   1 
HETATM 974 O O   . HOH D 3 .  ? -0.466  5.710   16.020  1.00 53.16 ? 17  HOH P O   1 
HETATM 975 O O   . HOH D 3 .  ? 0.559   8.430   14.398  1.00 48.59 ? 18  HOH P O   1 
HETATM 976 O O   . HOH D 3 .  ? -10.609 -10.054 1.338   1.00 39.85 ? 19  HOH P O   1 
HETATM 977 O O   . HOH D 3 .  ? -0.598  -3.704  16.376  1.00 53.64 ? 20  HOH P O   1 
HETATM 978 O O   . HOH D 3 .  ? -11.473 -2.478  11.592  1.00 47.85 ? 21  HOH P O   1 
HETATM 979 O O   . HOH D 3 .  ? 0.435   -0.894  13.633  1.00 58.08 ? 22  HOH P O   1 
HETATM 980 O O   . HOH D 3 .  ? -8.149  -10.908 10.248  1.00 43.72 ? 23  HOH P O   1 
# 
